data_7LFT
#
_entry.id   7LFT
#
loop_
_entity.id
_entity.type
_entity.pdbx_description
1 polymer 'cGMP-gated cation channel alpha-1'
2 non-polymer CHOLESTEROL
3 non-polymer 1-PALMITOYL-2-LINOLEOYL-SN-GLYCERO-3-PHOSPHOCHOLINE
4 non-polymer 'POTASSIUM ION'
5 water water
#
_entity_poly.entity_id   1
_entity_poly.type   'polypeptide(L)'
_entity_poly.pdbx_seq_one_letter_code
;MDYKDDDDKGGSASKDKKEEEKKEVVVIDPSGNTYYNWLFCITLPVMYNWTMVIARACFDELQSDYLEYWLILDYVSDIV
YLIDMFVRTRTGYLEQGLLVKEELKLINKYKSNLQFKLDVLSLIPTDLLYFKLGWNYPEIRLNRLLRFSRMFEFFQRTET
RTNYPNIFRISNLVMYIVIIIHWNACVFYSISKAIGFGNDTWVYPDINDPEFGRLARKYVYSLYWSTLTLTTIGETPPPV
RDSEYVFVVVDFLIGVLIFATIVGNIGSMISNMNAARAEFQARIDAIKQYMHFRNVSKDMEKRVIKWFDYLWTNKKTVDE
KEVLKYLPDKLRAEIAINVHLDTLKKVRIFADCEAGLLVELVLKLQPQVYSPGDYICKKGDIGREMYIIKEGKLAVVADD
GVTQFVVLSDGSYFGEISILNIKGSKAGNRRTANIKSIGYSDLFCLSKDDLMEALTEYPDAKTMLEEKGKQILMKDGLLD
LNIANAGSDPKDLEEKVTRMEGSVDLLQTRFARILAEYESMQQKLKQRLTKVEKFLKPLIDTEFSSIEGPGAESGPIDST
;
_entity_poly.pdbx_strand_id   A,B,C,D
#
loop_
_chem_comp.id
_chem_comp.type
_chem_comp.name
_chem_comp.formula
CLR non-polymer CHOLESTEROL 'C27 H46 O'
CPL non-polymer 1-PALMITOYL-2-LINOLEOYL-SN-GLYCERO-3-PHOSPHOCHOLINE 'C42 H80 N O8 P'
K non-polymer 'POTASSIUM ION' 'K 1'
#
# COMPACT_ATOMS: atom_id res chain seq x y z
N VAL A 26 -3.12 -36.38 28.15
CA VAL A 26 -2.11 -35.37 27.84
C VAL A 26 -2.30 -34.88 26.41
N VAL A 27 -2.29 -33.56 26.24
CA VAL A 27 -2.64 -32.94 24.97
C VAL A 27 -1.69 -31.79 24.71
N ILE A 28 -1.29 -31.65 23.46
CA ILE A 28 -0.34 -30.61 23.05
C ILE A 28 -1.11 -29.35 22.69
N ASP A 29 -0.70 -28.23 23.27
CA ASP A 29 -1.24 -26.93 22.91
C ASP A 29 -0.67 -26.52 21.55
N PRO A 30 -1.47 -26.38 20.51
CA PRO A 30 -0.92 -26.07 19.18
C PRO A 30 -0.36 -24.67 19.06
N SER A 31 -0.34 -23.90 20.13
CA SER A 31 0.28 -22.57 20.14
C SER A 31 1.48 -22.51 21.06
N GLY A 32 1.89 -23.65 21.64
CA GLY A 32 2.98 -23.68 22.58
C GLY A 32 4.31 -24.02 21.91
N ASN A 33 5.33 -24.18 22.76
CA ASN A 33 6.66 -24.47 22.27
C ASN A 33 6.83 -25.93 21.87
N THR A 34 6.16 -26.84 22.57
CA THR A 34 6.26 -28.25 22.23
C THR A 34 5.74 -28.52 20.83
N TYR A 35 4.63 -27.89 20.47
CA TYR A 35 4.07 -28.07 19.14
C TYR A 35 5.00 -27.53 18.06
N TYR A 36 5.62 -26.38 18.32
CA TYR A 36 6.57 -25.83 17.35
C TYR A 36 7.80 -26.71 17.21
N ASN A 37 8.32 -27.23 18.32
CA ASN A 37 9.45 -28.15 18.26
C ASN A 37 9.09 -29.40 17.47
N TRP A 38 7.88 -29.92 17.66
CA TRP A 38 7.48 -31.06 16.86
C TRP A 38 7.31 -30.70 15.39
N LEU A 39 6.86 -29.47 15.11
CA LEU A 39 6.77 -29.04 13.72
C LEU A 39 8.14 -29.08 13.05
N PHE A 40 9.17 -28.64 13.77
CA PHE A 40 10.53 -28.77 13.26
C PHE A 40 10.91 -30.25 13.06
N CYS A 41 10.61 -31.08 14.06
CA CYS A 41 11.00 -32.48 14.01
C CYS A 41 10.36 -33.20 12.82
N ILE A 42 9.10 -32.89 12.52
CA ILE A 42 8.43 -33.52 11.38
C ILE A 42 8.79 -32.83 10.07
N THR A 43 9.19 -31.57 10.11
CA THR A 43 9.65 -30.91 8.88
C THR A 43 10.96 -31.50 8.41
N LEU A 44 11.79 -31.98 9.32
CA LEU A 44 13.03 -32.63 8.90
C LEU A 44 12.80 -33.78 7.93
N PRO A 45 11.97 -34.80 8.22
CA PRO A 45 11.77 -35.86 7.23
C PRO A 45 10.97 -35.43 6.02
N VAL A 46 10.07 -34.45 6.16
CA VAL A 46 9.36 -33.97 4.99
C VAL A 46 10.31 -33.30 4.02
N MET A 47 11.23 -32.48 4.53
CA MET A 47 12.24 -31.88 3.67
C MET A 47 13.16 -32.95 3.09
N TYR A 48 13.55 -33.91 3.91
CA TYR A 48 14.40 -35.01 3.41
C TYR A 48 13.73 -35.71 2.25
N ASN A 49 12.44 -36.03 2.38
CA ASN A 49 11.74 -36.72 1.30
C ASN A 49 11.64 -35.82 0.07
N TRP A 50 11.19 -34.58 0.26
CA TRP A 50 10.99 -33.65 -0.85
C TRP A 50 12.28 -33.39 -1.60
N THR A 51 13.43 -33.49 -0.95
CA THR A 51 14.70 -33.27 -1.64
C THR A 51 15.35 -34.53 -2.16
N MET A 52 15.18 -35.67 -1.49
CA MET A 52 15.98 -36.84 -1.78
C MET A 52 15.25 -37.92 -2.54
N VAL A 53 13.93 -38.01 -2.46
CA VAL A 53 13.22 -39.06 -3.19
C VAL A 53 13.40 -38.84 -4.69
N ILE A 54 13.22 -37.60 -5.14
CA ILE A 54 13.40 -37.30 -6.56
C ILE A 54 14.86 -37.43 -6.96
N ALA A 55 15.78 -37.07 -6.07
CA ALA A 55 17.20 -37.14 -6.39
C ALA A 55 17.65 -38.59 -6.57
N ARG A 56 17.15 -39.49 -5.74
CA ARG A 56 17.47 -40.90 -5.87
C ARG A 56 16.71 -41.55 -7.02
N ALA A 57 15.50 -41.05 -7.32
CA ALA A 57 14.76 -41.58 -8.44
C ALA A 57 15.44 -41.25 -9.76
N CYS A 58 16.01 -40.04 -9.87
CA CYS A 58 16.57 -39.59 -11.12
C CYS A 58 18.05 -39.95 -11.27
N PHE A 59 18.84 -39.75 -10.22
CA PHE A 59 20.25 -40.14 -10.24
C PHE A 59 20.36 -41.54 -9.66
N ASP A 60 20.42 -42.53 -10.54
CA ASP A 60 20.33 -43.93 -10.12
C ASP A 60 21.51 -44.34 -9.25
N GLU A 61 22.69 -43.81 -9.54
CA GLU A 61 23.86 -44.14 -8.72
C GLU A 61 23.72 -43.59 -7.30
N LEU A 62 23.04 -42.47 -7.14
CA LEU A 62 22.80 -41.94 -5.79
C LEU A 62 21.92 -42.88 -4.98
N GLN A 63 20.92 -43.48 -5.62
CA GLN A 63 20.06 -44.43 -4.92
C GLN A 63 20.77 -45.73 -4.65
N SER A 64 21.50 -46.26 -5.63
CA SER A 64 22.07 -47.60 -5.51
C SER A 64 23.43 -47.63 -4.81
N ASP A 65 24.08 -46.50 -4.61
CA ASP A 65 25.39 -46.49 -3.97
C ASP A 65 25.34 -46.21 -2.48
N TYR A 66 24.24 -45.62 -1.99
CA TYR A 66 24.06 -45.34 -0.58
C TYR A 66 22.78 -45.96 -0.07
N LEU A 67 22.39 -47.09 -0.66
CA LEU A 67 21.09 -47.68 -0.39
C LEU A 67 20.91 -48.02 1.09
N GLU A 68 21.99 -48.30 1.81
CA GLU A 68 21.87 -48.59 3.23
C GLU A 68 21.48 -47.35 4.01
N TYR A 69 22.16 -46.24 3.76
CA TYR A 69 21.79 -44.97 4.37
C TYR A 69 20.38 -44.56 3.94
N TRP A 70 20.02 -44.82 2.70
CA TRP A 70 18.68 -44.46 2.24
C TRP A 70 17.62 -45.27 2.95
N LEU A 71 17.87 -46.56 3.16
CA LEU A 71 16.91 -47.38 3.90
C LEU A 71 16.75 -46.86 5.34
N ILE A 72 17.88 -46.63 6.01
CA ILE A 72 17.82 -46.13 7.38
C ILE A 72 17.03 -44.81 7.44
N LEU A 73 17.37 -43.88 6.55
CA LEU A 73 16.75 -42.55 6.60
C LEU A 73 15.28 -42.61 6.20
N ASP A 74 14.95 -43.43 5.20
CA ASP A 74 13.56 -43.54 4.79
C ASP A 74 12.69 -44.11 5.90
N TYR A 75 13.22 -45.08 6.64
CA TYR A 75 12.37 -45.68 7.66
C TYR A 75 12.36 -44.87 8.95
N VAL A 76 13.43 -44.11 9.23
CA VAL A 76 13.34 -43.11 10.29
C VAL A 76 12.30 -42.06 9.93
N SER A 77 12.26 -41.66 8.65
CA SER A 77 11.26 -40.69 8.21
C SER A 77 9.85 -41.26 8.34
N ASP A 78 9.67 -42.53 8.03
CA ASP A 78 8.35 -43.14 8.16
C ASP A 78 7.93 -43.25 9.62
N ILE A 79 8.89 -43.55 10.50
CA ILE A 79 8.58 -43.56 11.93
C ILE A 79 8.18 -42.16 12.40
N VAL A 80 8.89 -41.13 11.95
CA VAL A 80 8.53 -39.78 12.33
C VAL A 80 7.18 -39.39 11.76
N TYR A 81 6.83 -39.90 10.57
CA TYR A 81 5.49 -39.65 10.04
C TYR A 81 4.42 -40.30 10.90
N LEU A 82 4.68 -41.53 11.36
CA LEU A 82 3.76 -42.18 12.28
C LEU A 82 3.60 -41.38 13.57
N ILE A 83 4.71 -40.91 14.12
CA ILE A 83 4.65 -40.10 15.34
C ILE A 83 3.93 -38.80 15.07
N ASP A 84 4.03 -38.27 13.86
CA ASP A 84 3.29 -37.06 13.50
C ASP A 84 1.80 -37.33 13.48
N MET A 85 1.39 -38.48 12.97
CA MET A 85 -0.03 -38.80 12.99
C MET A 85 -0.52 -38.96 14.43
N PHE A 86 0.27 -39.61 15.29
CA PHE A 86 -0.10 -39.73 16.68
C PHE A 86 -0.20 -38.37 17.35
N VAL A 87 0.78 -37.50 17.12
CA VAL A 87 0.77 -36.14 17.65
C VAL A 87 -0.48 -35.41 17.17
N ARG A 88 -0.87 -35.62 15.91
CA ARG A 88 -2.03 -34.93 15.39
C ARG A 88 -3.32 -35.49 15.98
N THR A 89 -3.29 -36.72 16.52
CA THR A 89 -4.38 -37.17 17.38
C THR A 89 -4.33 -36.57 18.77
N ARG A 90 -3.18 -36.06 19.20
CA ARG A 90 -3.01 -35.49 20.53
C ARG A 90 -2.99 -33.98 20.53
N THR A 91 -3.23 -33.34 19.40
CA THR A 91 -3.19 -31.89 19.32
C THR A 91 -4.58 -31.34 19.59
N GLY A 92 -4.71 -30.57 20.68
CA GLY A 92 -6.00 -30.07 21.07
C GLY A 92 -6.41 -28.88 20.25
N TYR A 93 -7.60 -28.92 19.70
CA TYR A 93 -8.18 -27.74 19.08
C TYR A 93 -8.95 -26.95 20.13
N LEU A 94 -9.27 -25.71 19.79
CA LEU A 94 -9.90 -24.79 20.71
C LEU A 94 -11.40 -24.75 20.43
N GLU A 95 -12.19 -25.13 21.43
CA GLU A 95 -13.64 -25.09 21.32
C GLU A 95 -14.20 -24.40 22.56
N GLN A 96 -15.14 -23.48 22.34
CA GLN A 96 -15.69 -22.65 23.42
C GLN A 96 -14.57 -21.97 24.19
N GLY A 97 -13.57 -21.49 23.46
CA GLY A 97 -12.44 -20.82 24.04
C GLY A 97 -11.53 -21.69 24.87
N LEU A 98 -11.86 -22.96 25.06
CA LEU A 98 -11.06 -23.89 25.84
C LEU A 98 -10.40 -24.91 24.93
N LEU A 99 -9.29 -25.47 25.39
CA LEU A 99 -8.58 -26.47 24.62
C LEU A 99 -9.25 -27.82 24.78
N VAL A 100 -9.77 -28.37 23.69
CA VAL A 100 -10.35 -29.70 23.73
C VAL A 100 -9.26 -30.71 24.05
N LYS A 101 -9.50 -31.52 25.07
CA LYS A 101 -8.54 -32.54 25.47
C LYS A 101 -9.26 -33.85 25.79
N GLU A 102 -10.19 -34.24 24.94
CA GLU A 102 -10.84 -35.53 25.00
C GLU A 102 -10.38 -36.33 23.79
N GLU A 103 -9.80 -37.51 24.04
CA GLU A 103 -9.18 -38.27 22.97
C GLU A 103 -10.18 -38.61 21.87
N LEU A 104 -11.43 -38.87 22.25
CA LEU A 104 -12.46 -39.15 21.24
C LEU A 104 -12.64 -37.97 20.31
N LYS A 105 -12.77 -36.76 20.87
CA LYS A 105 -13.02 -35.58 20.05
C LYS A 105 -11.80 -35.23 19.20
N LEU A 106 -10.61 -35.35 19.78
CA LEU A 106 -9.39 -35.06 19.01
C LEU A 106 -9.23 -36.02 17.85
N ILE A 107 -9.41 -37.32 18.09
CA ILE A 107 -9.30 -38.30 17.02
C ILE A 107 -10.39 -38.08 15.98
N ASN A 108 -11.59 -37.69 16.41
CA ASN A 108 -12.66 -37.44 15.45
C ASN A 108 -12.33 -36.24 14.57
N LYS A 109 -11.82 -35.16 15.15
CA LYS A 109 -11.48 -34.00 14.34
C LYS A 109 -10.29 -34.28 13.43
N TYR A 110 -9.40 -35.18 13.84
CA TYR A 110 -8.29 -35.56 12.98
C TYR A 110 -8.80 -36.39 11.80
N LYS A 111 -9.44 -37.52 12.07
CA LYS A 111 -9.87 -38.43 11.01
C LYS A 111 -10.86 -37.77 10.06
N SER A 112 -11.67 -36.83 10.56
CA SER A 112 -12.60 -36.13 9.67
C SER A 112 -11.88 -35.13 8.77
N ASN A 113 -10.64 -34.78 9.10
CA ASN A 113 -9.90 -33.80 8.35
C ASN A 113 -9.28 -34.40 7.10
N LEU A 114 -9.03 -33.55 6.10
CA LEU A 114 -8.34 -34.01 4.91
C LEU A 114 -6.88 -34.33 5.22
N GLN A 115 -6.31 -33.70 6.24
CA GLN A 115 -4.94 -33.99 6.62
C GLN A 115 -4.76 -35.45 7.02
N PHE A 116 -5.79 -36.05 7.62
CA PHE A 116 -5.69 -37.46 7.97
C PHE A 116 -5.59 -38.34 6.72
N LYS A 117 -6.39 -38.03 5.70
CA LYS A 117 -6.30 -38.74 4.44
C LYS A 117 -4.92 -38.56 3.82
N LEU A 118 -4.40 -37.34 3.85
CA LEU A 118 -3.06 -37.09 3.30
C LEU A 118 -2.00 -37.86 4.06
N ASP A 119 -2.11 -37.94 5.39
CA ASP A 119 -1.13 -38.65 6.19
C ASP A 119 -1.19 -40.15 5.91
N VAL A 120 -2.41 -40.70 5.78
CA VAL A 120 -2.54 -42.12 5.46
C VAL A 120 -1.96 -42.42 4.09
N LEU A 121 -2.24 -41.58 3.10
CA LEU A 121 -1.66 -41.77 1.78
C LEU A 121 -0.13 -41.67 1.83
N SER A 122 0.39 -40.74 2.63
CA SER A 122 1.83 -40.57 2.72
C SER A 122 2.49 -41.73 3.45
N LEU A 123 1.72 -42.47 4.23
CA LEU A 123 2.22 -43.61 4.99
C LEU A 123 1.91 -44.96 4.34
N ILE A 124 1.17 -44.94 3.22
CA ILE A 124 0.84 -46.17 2.50
C ILE A 124 2.16 -46.85 2.15
N PRO A 125 2.34 -48.13 2.53
CA PRO A 125 3.61 -48.77 2.25
C PRO A 125 3.78 -49.05 0.77
N THR A 126 4.56 -48.20 0.10
CA THR A 126 4.92 -48.42 -1.28
C THR A 126 6.32 -48.98 -1.41
N ASP A 127 7.06 -49.04 -0.31
CA ASP A 127 8.35 -49.71 -0.29
C ASP A 127 8.21 -51.20 -0.61
N LEU A 128 7.01 -51.76 -0.47
CA LEU A 128 6.81 -53.14 -0.87
C LEU A 128 7.03 -53.35 -2.36
N LEU A 129 6.92 -52.30 -3.16
CA LEU A 129 7.24 -52.40 -4.57
C LEU A 129 8.74 -52.57 -4.81
N TYR A 130 9.58 -52.30 -3.82
CA TYR A 130 11.00 -52.58 -3.93
C TYR A 130 11.26 -54.05 -4.25
N PHE A 131 10.32 -54.93 -3.87
CA PHE A 131 10.47 -56.35 -4.18
C PHE A 131 10.09 -56.64 -5.63
N LYS A 132 9.06 -55.96 -6.15
CA LYS A 132 8.66 -56.16 -7.53
C LYS A 132 9.48 -55.29 -8.49
N LEU A 133 9.55 -53.98 -8.21
CA LEU A 133 10.20 -53.06 -9.15
C LEU A 133 11.71 -53.14 -9.05
N GLY A 134 12.25 -53.31 -7.86
CA GLY A 134 13.68 -53.33 -7.65
C GLY A 134 14.15 -52.15 -6.81
N TRP A 135 15.42 -52.22 -6.44
CA TRP A 135 16.00 -51.20 -5.59
C TRP A 135 16.26 -49.89 -6.32
N ASN A 136 16.08 -49.85 -7.64
CA ASN A 136 16.32 -48.64 -8.41
C ASN A 136 15.05 -47.83 -8.64
N TYR A 137 14.02 -48.04 -7.82
CA TYR A 137 12.78 -47.29 -7.93
C TYR A 137 12.36 -46.70 -6.59
N PRO A 138 13.09 -45.69 -6.10
CA PRO A 138 12.59 -44.95 -4.94
C PRO A 138 11.44 -44.00 -5.26
N GLU A 139 11.03 -43.89 -6.54
CA GLU A 139 9.84 -43.11 -6.87
C GLU A 139 8.64 -43.56 -6.05
N ILE A 140 8.64 -44.82 -5.60
CA ILE A 140 7.51 -45.36 -4.85
C ILE A 140 7.27 -44.57 -3.58
N ARG A 141 8.32 -43.96 -3.02
CA ARG A 141 8.19 -43.14 -1.83
C ARG A 141 7.78 -41.71 -2.13
N LEU A 142 7.32 -41.42 -3.35
CA LEU A 142 6.85 -40.08 -3.63
C LEU A 142 5.60 -39.72 -2.85
N ASN A 143 4.85 -40.72 -2.37
CA ASN A 143 3.69 -40.43 -1.53
C ASN A 143 4.09 -39.77 -0.22
N ARG A 144 5.32 -39.99 0.24
CA ARG A 144 5.81 -39.30 1.43
C ARG A 144 5.80 -37.80 1.28
N LEU A 145 5.76 -37.29 0.04
CA LEU A 145 5.70 -35.87 -0.20
C LEU A 145 4.37 -35.26 0.21
N LEU A 146 3.36 -36.08 0.48
CA LEU A 146 2.05 -35.60 0.89
C LEU A 146 2.02 -35.08 2.31
N ARG A 147 3.13 -35.14 3.03
CA ARG A 147 3.24 -34.51 4.34
C ARG A 147 3.69 -33.06 4.26
N PHE A 148 3.65 -32.47 3.07
CA PHE A 148 4.09 -31.09 2.86
C PHE A 148 3.40 -30.11 3.81
N SER A 149 2.21 -30.48 4.30
CA SER A 149 1.46 -29.57 5.17
C SER A 149 2.22 -29.28 6.45
N ARG A 150 2.88 -30.29 7.02
CA ARG A 150 3.65 -30.07 8.23
C ARG A 150 4.81 -29.11 7.99
N MET A 151 5.50 -29.26 6.86
CA MET A 151 6.60 -28.37 6.53
C MET A 151 6.13 -26.93 6.32
N PHE A 152 5.06 -26.76 5.54
CA PHE A 152 4.51 -25.43 5.32
C PHE A 152 4.00 -24.82 6.63
N GLU A 153 3.43 -25.65 7.51
CA GLU A 153 2.96 -25.16 8.79
C GLU A 153 4.11 -24.74 9.68
N PHE A 154 5.19 -25.51 9.68
CA PHE A 154 6.38 -25.11 10.44
C PHE A 154 6.92 -23.78 9.95
N PHE A 155 6.94 -23.58 8.63
CA PHE A 155 7.40 -22.30 8.09
C PHE A 155 6.46 -21.16 8.49
N GLN A 156 5.15 -21.38 8.36
CA GLN A 156 4.18 -20.36 8.74
C GLN A 156 4.29 -20.00 10.22
N ARG A 157 4.53 -21.01 11.06
CA ARG A 157 4.67 -20.77 12.49
C ARG A 157 5.97 -20.07 12.81
N THR A 158 7.06 -20.44 12.13
CA THR A 158 8.33 -19.76 12.33
C THR A 158 8.23 -18.29 11.96
N GLU A 159 7.53 -17.99 10.86
CA GLU A 159 7.44 -16.61 10.40
C GLU A 159 6.73 -15.73 11.43
N THR A 160 5.73 -16.27 12.10
CA THR A 160 4.99 -15.54 13.12
C THR A 160 5.59 -15.66 14.50
N ARG A 161 6.81 -16.19 14.61
CA ARG A 161 7.37 -16.54 15.91
C ARG A 161 8.77 -15.96 16.10
N THR A 162 9.50 -15.81 15.01
CA THR A 162 10.90 -15.44 15.08
C THR A 162 11.05 -13.94 15.30
N ASN A 163 12.18 -13.56 15.89
CA ASN A 163 12.54 -12.15 16.00
C ASN A 163 13.02 -11.58 14.68
N TYR A 164 13.30 -12.44 13.70
CA TYR A 164 13.81 -12.02 12.39
C TYR A 164 12.87 -12.55 11.32
N PRO A 165 11.68 -11.96 11.18
CA PRO A 165 10.73 -12.46 10.19
C PRO A 165 11.23 -12.33 8.77
N ASN A 166 12.00 -11.29 8.48
CA ASN A 166 12.46 -11.06 7.11
C ASN A 166 13.68 -11.91 6.79
N ILE A 167 14.56 -12.12 7.75
CA ILE A 167 15.68 -13.04 7.54
C ILE A 167 15.17 -14.44 7.27
N PHE A 168 14.23 -14.90 8.10
CA PHE A 168 13.64 -16.21 7.87
C PHE A 168 12.85 -16.23 6.57
N ARG A 169 12.19 -15.13 6.22
CA ARG A 169 11.46 -15.06 4.96
C ARG A 169 12.40 -15.26 3.78
N ILE A 170 13.57 -14.62 3.81
CA ILE A 170 14.54 -14.78 2.75
C ILE A 170 15.11 -16.19 2.75
N SER A 171 15.35 -16.75 3.94
CA SER A 171 15.86 -18.12 4.03
C SER A 171 14.86 -19.11 3.46
N ASN A 172 13.58 -18.90 3.73
CA ASN A 172 12.52 -19.77 3.25
C ASN A 172 12.36 -19.64 1.74
N LEU A 173 12.46 -18.42 1.23
CA LEU A 173 12.45 -18.21 -0.22
C LEU A 173 13.61 -18.93 -0.88
N VAL A 174 14.82 -18.79 -0.31
CA VAL A 174 15.99 -19.46 -0.86
C VAL A 174 15.82 -20.97 -0.80
N MET A 175 15.23 -21.47 0.27
CA MET A 175 14.98 -22.91 0.39
C MET A 175 14.05 -23.39 -0.71
N TYR A 176 12.94 -22.68 -0.91
CA TYR A 176 12.01 -23.03 -1.99
C TYR A 176 12.71 -23.00 -3.34
N ILE A 177 13.54 -21.97 -3.57
CA ILE A 177 14.18 -21.84 -4.88
C ILE A 177 15.20 -22.94 -5.09
N VAL A 178 15.96 -23.28 -4.07
CA VAL A 178 16.94 -24.35 -4.19
C VAL A 178 16.24 -25.68 -4.41
N ILE A 179 15.10 -25.89 -3.76
CA ILE A 179 14.38 -27.15 -3.96
C ILE A 179 13.80 -27.22 -5.36
N ILE A 180 13.29 -26.10 -5.88
CA ILE A 180 12.77 -26.10 -7.24
C ILE A 180 13.90 -26.33 -8.24
N ILE A 181 15.05 -25.70 -8.03
CA ILE A 181 16.18 -25.88 -8.92
C ILE A 181 16.69 -27.31 -8.86
N HIS A 182 16.70 -27.89 -7.66
CA HIS A 182 17.11 -29.28 -7.50
C HIS A 182 16.16 -30.23 -8.21
N TRP A 183 14.85 -29.99 -8.07
CA TRP A 183 13.86 -30.80 -8.76
C TRP A 183 14.00 -30.68 -10.27
N ASN A 184 14.25 -29.47 -10.75
CA ASN A 184 14.43 -29.27 -12.19
C ASN A 184 15.72 -29.90 -12.68
N ALA A 185 16.76 -29.91 -11.86
CA ALA A 185 17.99 -30.62 -12.22
C ALA A 185 17.75 -32.11 -12.33
N CYS A 186 16.99 -32.67 -11.39
CA CYS A 186 16.61 -34.07 -11.45
C CYS A 186 15.79 -34.36 -12.70
N VAL A 187 14.88 -33.45 -13.05
CA VAL A 187 14.07 -33.63 -14.25
C VAL A 187 14.94 -33.58 -15.50
N PHE A 188 15.92 -32.66 -15.54
CA PHE A 188 16.82 -32.59 -16.68
C PHE A 188 17.62 -33.87 -16.81
N TYR A 189 18.12 -34.40 -15.70
CA TYR A 189 18.88 -35.64 -15.77
C TYR A 189 18.00 -36.81 -16.20
N SER A 190 16.75 -36.85 -15.74
CA SER A 190 15.85 -37.93 -16.16
C SER A 190 15.49 -37.82 -17.63
N ILE A 191 15.32 -36.60 -18.14
CA ILE A 191 15.05 -36.42 -19.56
C ILE A 191 16.27 -36.83 -20.38
N SER A 192 17.46 -36.49 -19.89
CA SER A 192 18.68 -36.92 -20.57
C SER A 192 18.80 -38.43 -20.57
N LYS A 193 18.42 -39.07 -19.47
CA LYS A 193 18.45 -40.53 -19.39
C LYS A 193 17.46 -41.15 -20.36
N ALA A 194 16.25 -40.61 -20.42
CA ALA A 194 15.23 -41.15 -21.31
C ALA A 194 15.60 -40.97 -22.78
N ILE A 195 16.15 -39.80 -23.12
CA ILE A 195 16.61 -39.59 -24.49
C ILE A 195 17.89 -40.37 -24.76
N GLY A 196 18.75 -40.48 -23.75
CA GLY A 196 20.01 -41.18 -23.90
C GLY A 196 21.17 -40.26 -23.63
N PHE A 197 21.98 -40.60 -22.65
CA PHE A 197 23.12 -39.76 -22.28
C PHE A 197 24.08 -39.61 -23.45
N GLY A 198 24.28 -38.38 -23.90
CA GLY A 198 25.19 -38.10 -24.97
C GLY A 198 24.65 -38.35 -26.36
N ASN A 199 23.38 -38.74 -26.51
CA ASN A 199 22.84 -38.99 -27.84
C ASN A 199 22.79 -37.73 -28.68
N ASP A 200 22.64 -36.56 -28.05
CA ASP A 200 22.80 -35.30 -28.73
C ASP A 200 23.51 -34.34 -27.79
N THR A 201 23.77 -33.14 -28.27
CA THR A 201 24.58 -32.20 -27.52
C THR A 201 23.81 -31.49 -26.42
N TRP A 202 22.49 -31.66 -26.35
CA TRP A 202 21.71 -30.99 -25.33
C TRP A 202 21.63 -31.80 -24.04
N VAL A 203 21.38 -33.10 -24.16
CA VAL A 203 21.21 -33.93 -22.98
C VAL A 203 22.52 -33.97 -22.19
N TYR A 204 22.42 -34.41 -20.95
CA TYR A 204 23.60 -34.69 -20.16
C TYR A 204 24.51 -35.64 -20.94
N PRO A 205 25.82 -35.41 -20.94
CA PRO A 205 26.72 -36.22 -21.79
C PRO A 205 26.79 -37.67 -21.38
N ASP A 206 27.62 -38.44 -22.07
CA ASP A 206 27.74 -39.87 -21.79
C ASP A 206 28.21 -40.09 -20.36
N ILE A 207 27.56 -41.00 -19.66
CA ILE A 207 27.88 -41.29 -18.27
C ILE A 207 28.91 -42.42 -18.20
N ASN A 208 29.40 -42.85 -19.36
CA ASN A 208 30.54 -43.74 -19.42
C ASN A 208 31.85 -42.98 -19.48
N ASP A 209 31.80 -41.66 -19.52
CA ASP A 209 33.01 -40.86 -19.44
C ASP A 209 33.53 -40.87 -18.01
N PRO A 210 34.85 -40.89 -17.81
CA PRO A 210 35.38 -40.82 -16.44
C PRO A 210 34.96 -39.57 -15.70
N GLU A 211 34.78 -38.45 -16.39
CA GLU A 211 34.47 -37.19 -15.71
C GLU A 211 32.97 -36.99 -15.53
N PHE A 212 32.20 -37.16 -16.59
CA PHE A 212 30.76 -36.94 -16.52
C PHE A 212 29.98 -38.18 -16.11
N GLY A 213 30.64 -39.30 -15.90
CA GLY A 213 30.00 -40.47 -15.34
C GLY A 213 30.06 -40.52 -13.84
N ARG A 214 30.63 -39.50 -13.21
CA ARG A 214 30.78 -39.44 -11.76
C ARG A 214 29.55 -38.81 -11.16
N LEU A 215 29.06 -39.40 -10.05
CA LEU A 215 27.79 -38.97 -9.47
C LEU A 215 27.83 -37.51 -9.04
N ALA A 216 28.92 -37.09 -8.42
CA ALA A 216 29.07 -35.68 -8.07
C ALA A 216 28.96 -34.80 -9.30
N ARG A 217 29.61 -35.20 -10.39
CA ARG A 217 29.51 -34.44 -11.64
C ARG A 217 28.09 -34.47 -12.19
N LYS A 218 27.46 -35.64 -12.19
CA LYS A 218 26.09 -35.72 -12.70
C LYS A 218 25.20 -34.74 -11.98
N TYR A 219 25.18 -34.80 -10.65
CA TYR A 219 24.30 -33.91 -9.92
C TYR A 219 24.71 -32.45 -10.07
N VAL A 220 26.01 -32.16 -10.04
CA VAL A 220 26.38 -30.76 -10.00
C VAL A 220 26.20 -30.11 -11.36
N TYR A 221 26.41 -30.85 -12.45
CA TYR A 221 26.13 -30.29 -13.76
C TYR A 221 24.63 -30.18 -13.99
N SER A 222 23.85 -31.15 -13.49
CA SER A 222 22.40 -31.03 -13.61
C SER A 222 21.90 -29.81 -12.86
N LEU A 223 22.45 -29.57 -11.66
CA LEU A 223 22.07 -28.41 -10.88
C LEU A 223 22.52 -27.13 -11.55
N TYR A 224 23.68 -27.15 -12.20
CA TYR A 224 24.16 -25.98 -12.94
C TYR A 224 23.25 -25.68 -14.12
N TRP A 225 22.88 -26.72 -14.87
CA TRP A 225 21.94 -26.58 -15.97
C TRP A 225 20.61 -26.01 -15.48
N SER A 226 20.10 -26.55 -14.38
CA SER A 226 18.81 -26.12 -13.86
C SER A 226 18.88 -24.68 -13.35
N THR A 227 20.00 -24.28 -12.77
CA THR A 227 20.15 -22.89 -12.35
C THR A 227 20.25 -21.95 -13.53
N LEU A 228 20.98 -22.37 -14.56
CA LEU A 228 21.08 -21.56 -15.79
C LEU A 228 19.71 -21.38 -16.41
N THR A 229 18.88 -22.42 -16.37
CA THR A 229 17.59 -22.38 -17.05
C THR A 229 16.53 -21.67 -16.23
N LEU A 230 16.43 -21.98 -14.94
CA LEU A 230 15.41 -21.40 -14.08
C LEU A 230 15.72 -19.98 -13.66
N THR A 231 16.95 -19.51 -13.82
CA THR A 231 17.27 -18.12 -13.59
C THR A 231 17.41 -17.34 -14.88
N THR A 232 16.98 -17.92 -16.01
CA THR A 232 16.91 -17.26 -17.31
C THR A 232 18.26 -16.71 -17.74
N ILE A 233 19.35 -17.38 -17.35
CA ILE A 233 20.65 -17.08 -17.90
C ILE A 233 20.81 -17.73 -19.27
N GLY A 234 20.60 -19.05 -19.33
CA GLY A 234 20.49 -19.73 -20.60
C GLY A 234 21.79 -20.16 -21.24
N GLU A 235 22.90 -20.18 -20.51
CA GLU A 235 24.16 -20.54 -21.13
C GLU A 235 24.34 -22.05 -21.20
N THR A 236 23.34 -22.75 -21.69
CA THR A 236 23.37 -24.19 -21.85
C THR A 236 23.42 -24.55 -23.33
N PRO A 237 23.89 -25.75 -23.66
CA PRO A 237 23.80 -26.21 -25.04
C PRO A 237 22.35 -26.20 -25.51
N PRO A 238 22.08 -25.62 -26.68
CA PRO A 238 20.69 -25.48 -27.12
C PRO A 238 20.07 -26.82 -27.45
N PRO A 239 18.74 -26.91 -27.45
CA PRO A 239 18.08 -28.18 -27.75
C PRO A 239 18.38 -28.66 -29.15
N VAL A 240 18.26 -29.94 -29.33
CA VAL A 240 18.54 -30.52 -30.59
C VAL A 240 17.24 -31.05 -31.09
N ARG A 241 16.56 -31.83 -30.30
CA ARG A 241 15.29 -32.44 -30.64
C ARG A 241 14.14 -31.63 -30.19
N ASP A 242 12.99 -31.94 -30.71
CA ASP A 242 11.75 -31.25 -30.46
C ASP A 242 11.28 -31.23 -29.03
N SER A 243 11.39 -32.36 -28.37
CA SER A 243 10.98 -32.51 -27.01
C SER A 243 11.90 -31.67 -26.22
N GLU A 244 13.14 -31.61 -26.63
CA GLU A 244 14.08 -30.76 -25.90
C GLU A 244 13.73 -29.30 -26.07
N TYR A 245 13.33 -28.89 -27.27
CA TYR A 245 12.85 -27.52 -27.47
C TYR A 245 11.63 -27.24 -26.59
N VAL A 246 10.68 -28.17 -26.56
CA VAL A 246 9.48 -28.00 -25.76
C VAL A 246 9.83 -27.86 -24.29
N PHE A 247 10.67 -28.79 -23.79
CA PHE A 247 11.03 -28.76 -22.38
C PHE A 247 11.80 -27.51 -22.03
N VAL A 248 12.67 -27.06 -22.92
CA VAL A 248 13.47 -25.87 -22.63
C VAL A 248 12.60 -24.63 -22.64
N VAL A 249 11.59 -24.58 -23.53
CA VAL A 249 10.63 -23.49 -23.51
C VAL A 249 9.85 -23.48 -22.21
N VAL A 250 9.31 -24.64 -21.83
CA VAL A 250 8.52 -24.73 -20.61
C VAL A 250 9.37 -24.38 -19.40
N ASP A 251 10.63 -24.78 -19.41
CA ASP A 251 11.51 -24.58 -18.27
C ASP A 251 11.99 -23.14 -18.18
N PHE A 252 12.20 -22.48 -19.33
CA PHE A 252 12.44 -21.05 -19.34
C PHE A 252 11.23 -20.27 -18.84
N LEU A 253 10.02 -20.71 -19.18
CA LEU A 253 8.84 -20.02 -18.69
C LEU A 253 8.67 -20.23 -17.19
N ILE A 254 8.88 -21.45 -16.72
CA ILE A 254 8.87 -21.72 -15.30
C ILE A 254 9.92 -20.86 -14.60
N GLY A 255 11.09 -20.71 -15.21
CA GLY A 255 12.14 -19.91 -14.59
C GLY A 255 11.81 -18.43 -14.56
N VAL A 256 11.12 -17.94 -15.60
CA VAL A 256 10.66 -16.56 -15.58
C VAL A 256 9.65 -16.36 -14.46
N LEU A 257 8.73 -17.31 -14.30
CA LEU A 257 7.77 -17.21 -13.20
C LEU A 257 8.46 -17.29 -11.85
N ILE A 258 9.48 -18.12 -11.74
CA ILE A 258 10.22 -18.24 -10.48
C ILE A 258 10.95 -16.95 -10.17
N PHE A 259 11.61 -16.37 -11.15
CA PHE A 259 12.30 -15.10 -10.94
C PHE A 259 11.31 -14.01 -10.56
N ALA A 260 10.16 -13.96 -11.24
CA ALA A 260 9.15 -12.97 -10.91
C ALA A 260 8.63 -13.19 -9.51
N THR A 261 8.50 -14.44 -9.07
CA THR A 261 8.06 -14.71 -7.71
C THR A 261 9.11 -14.31 -6.69
N ILE A 262 10.38 -14.56 -6.99
CA ILE A 262 11.45 -14.13 -6.08
C ILE A 262 11.43 -12.62 -5.94
N VAL A 263 11.33 -11.91 -7.06
CA VAL A 263 11.31 -10.46 -7.02
C VAL A 263 10.07 -9.96 -6.31
N GLY A 264 8.92 -10.59 -6.55
CA GLY A 264 7.70 -10.17 -5.89
C GLY A 264 7.77 -10.36 -4.38
N ASN A 265 8.30 -11.50 -3.94
CA ASN A 265 8.43 -11.76 -2.52
C ASN A 265 9.40 -10.78 -1.87
N ILE A 266 10.56 -10.58 -2.50
CA ILE A 266 11.56 -9.69 -1.91
C ILE A 266 11.08 -8.25 -1.94
N GLY A 267 10.35 -7.86 -2.98
CA GLY A 267 9.85 -6.50 -3.05
C GLY A 267 8.70 -6.25 -2.08
N SER A 268 7.83 -7.26 -1.89
CA SER A 268 6.81 -7.15 -0.87
C SER A 268 7.44 -7.06 0.51
N MET A 269 8.50 -7.82 0.75
CA MET A 269 9.20 -7.75 2.02
C MET A 269 9.86 -6.40 2.22
N ILE A 270 10.45 -5.84 1.16
CA ILE A 270 11.09 -4.53 1.26
C ILE A 270 10.05 -3.44 1.46
N SER A 271 8.90 -3.57 0.82
CA SER A 271 7.81 -2.62 1.04
C SER A 271 7.34 -2.66 2.49
N ASN A 272 7.13 -3.86 3.03
CA ASN A 272 6.69 -3.96 4.42
C ASN A 272 7.77 -3.51 5.39
N MET A 273 9.04 -3.65 5.00
CA MET A 273 10.12 -3.28 5.89
C MET A 273 10.20 -1.77 6.09
N ASN A 274 9.96 -1.00 5.03
CA ASN A 274 10.03 0.44 5.12
C ASN A 274 8.68 1.09 4.86
N ALA A 275 7.59 0.37 5.15
CA ALA A 275 6.27 0.97 5.09
C ALA A 275 6.04 1.93 6.25
N ALA A 276 6.61 1.64 7.42
CA ALA A 276 6.50 2.56 8.55
C ALA A 276 7.22 3.86 8.26
N ARG A 277 8.46 3.77 7.76
CA ARG A 277 9.19 4.97 7.36
C ARG A 277 8.50 5.69 6.21
N ALA A 278 7.87 4.95 5.30
CA ALA A 278 7.16 5.60 4.19
C ALA A 278 5.96 6.38 4.71
N GLU A 279 5.20 5.79 5.63
CA GLU A 279 4.06 6.48 6.22
C GLU A 279 4.50 7.70 7.01
N PHE A 280 5.57 7.55 7.79
CA PHE A 280 6.09 8.67 8.57
C PHE A 280 6.56 9.80 7.68
N GLN A 281 7.32 9.47 6.63
CA GLN A 281 7.78 10.48 5.70
C GLN A 281 6.62 11.10 4.93
N ALA A 282 5.55 10.34 4.69
CA ALA A 282 4.38 10.91 4.04
C ALA A 282 3.72 11.94 4.94
N ARG A 283 3.60 11.64 6.24
CA ARG A 283 3.10 12.63 7.18
C ARG A 283 4.00 13.85 7.22
N ILE A 284 5.31 13.64 7.26
CA ILE A 284 6.27 14.74 7.29
C ILE A 284 6.13 15.61 6.06
N ASP A 285 5.99 14.98 4.88
CA ASP A 285 5.88 15.75 3.64
C ASP A 285 4.56 16.48 3.56
N ALA A 286 3.48 15.87 4.04
CA ALA A 286 2.20 16.55 4.06
C ALA A 286 2.25 17.78 4.96
N ILE A 287 2.90 17.66 6.10
CA ILE A 287 3.00 18.80 7.02
C ILE A 287 3.95 19.85 6.47
N LYS A 288 5.01 19.43 5.77
CA LYS A 288 5.88 20.38 5.10
C LYS A 288 5.12 21.14 4.03
N GLN A 289 4.27 20.44 3.28
CA GLN A 289 3.46 21.07 2.24
C GLN A 289 2.50 22.07 2.86
N TYR A 290 1.81 21.68 3.93
CA TYR A 290 0.93 22.61 4.63
C TYR A 290 1.69 23.83 5.11
N MET A 291 2.85 23.63 5.74
CA MET A 291 3.57 24.74 6.33
C MET A 291 4.08 25.70 5.27
N HIS A 292 4.67 25.17 4.20
CA HIS A 292 5.15 26.02 3.13
C HIS A 292 4.01 26.74 2.43
N PHE A 293 2.86 26.07 2.30
CA PHE A 293 1.71 26.71 1.68
C PHE A 293 1.10 27.76 2.60
N ARG A 294 0.94 27.44 3.88
CA ARG A 294 0.38 28.37 4.86
C ARG A 294 1.39 29.39 5.32
N ASN A 295 2.53 29.45 4.66
CA ASN A 295 3.57 30.39 5.02
C ASN A 295 3.93 30.38 6.51
N VAL A 296 3.98 29.19 7.11
CA VAL A 296 4.46 29.05 8.48
C VAL A 296 5.88 29.57 8.55
N SER A 297 6.18 30.32 9.60
CA SER A 297 7.49 30.93 9.74
C SER A 297 8.56 29.85 9.77
N LYS A 298 9.74 30.20 9.25
CA LYS A 298 10.83 29.23 9.16
C LYS A 298 11.26 28.73 10.53
N ASP A 299 11.08 29.54 11.57
CA ASP A 299 11.36 29.09 12.93
C ASP A 299 10.46 27.92 13.31
N MET A 300 9.15 28.08 13.16
CA MET A 300 8.24 27.01 13.49
C MET A 300 8.36 25.84 12.52
N GLU A 301 8.73 26.13 11.26
CA GLU A 301 8.96 25.06 10.30
C GLU A 301 10.12 24.18 10.74
N LYS A 302 11.20 24.80 11.22
CA LYS A 302 12.32 24.04 11.76
C LYS A 302 11.95 23.36 13.07
N ARG A 303 11.09 23.96 13.88
CA ARG A 303 10.64 23.31 15.10
C ARG A 303 9.87 22.03 14.79
N VAL A 304 9.02 22.07 13.77
CA VAL A 304 8.26 20.89 13.38
C VAL A 304 9.18 19.82 12.80
N ILE A 305 10.13 20.23 11.97
CA ILE A 305 11.08 19.26 11.41
C ILE A 305 11.88 18.60 12.52
N LYS A 306 12.34 19.39 13.50
CA LYS A 306 13.07 18.83 14.62
C LYS A 306 12.20 17.91 15.46
N TRP A 307 10.93 18.26 15.62
CA TRP A 307 10.03 17.39 16.37
C TRP A 307 9.87 16.04 15.69
N PHE A 308 9.74 16.03 14.36
CA PHE A 308 9.58 14.76 13.67
C PHE A 308 10.88 13.97 13.65
N ASP A 309 12.02 14.66 13.55
CA ASP A 309 13.29 13.96 13.70
C ASP A 309 13.39 13.31 15.07
N TYR A 310 12.93 14.01 16.11
CA TYR A 310 12.93 13.44 17.46
C TYR A 310 12.02 12.22 17.53
N LEU A 311 10.82 12.32 16.96
CA LEU A 311 9.89 11.19 16.96
C LEU A 311 10.51 9.97 16.31
N TRP A 312 11.09 10.15 15.13
CA TRP A 312 11.66 8.99 14.43
C TRP A 312 12.89 8.44 15.15
N THR A 313 13.77 9.33 15.60
CA THR A 313 15.00 8.88 16.24
C THR A 313 14.73 8.09 17.52
N ASN A 314 13.63 8.39 18.21
CA ASN A 314 13.36 7.81 19.52
C ASN A 314 12.22 6.80 19.49
N LYS A 315 11.80 6.38 18.30
CA LYS A 315 10.81 5.32 18.13
C LYS A 315 9.50 5.65 18.85
N LYS A 316 8.98 6.85 18.59
CA LYS A 316 7.70 7.29 19.12
C LYS A 316 6.80 7.80 18.00
N THR A 317 6.98 7.26 16.80
CA THR A 317 6.23 7.73 15.64
C THR A 317 4.77 7.33 15.68
N VAL A 318 4.43 6.32 16.44
CA VAL A 318 3.07 5.79 16.49
C VAL A 318 2.27 6.52 17.55
N ASP A 319 1.02 6.86 17.22
CA ASP A 319 0.13 7.57 18.13
C ASP A 319 -0.41 6.60 19.17
N GLU A 320 -0.19 6.93 20.45
CA GLU A 320 -0.57 6.02 21.54
C GLU A 320 -2.04 5.62 21.46
N LYS A 321 -2.92 6.58 21.18
CA LYS A 321 -4.35 6.28 21.11
C LYS A 321 -4.65 5.33 19.97
N GLU A 322 -4.15 5.66 18.77
CA GLU A 322 -4.40 4.85 17.59
C GLU A 322 -3.63 3.53 17.62
N VAL A 323 -2.68 3.38 18.53
CA VAL A 323 -2.00 2.10 18.73
C VAL A 323 -2.75 1.23 19.71
N LEU A 324 -3.23 1.80 20.81
CA LEU A 324 -3.97 1.03 21.77
C LEU A 324 -5.38 0.70 21.31
N LYS A 325 -5.89 1.39 20.28
CA LYS A 325 -7.21 1.04 19.76
C LYS A 325 -7.25 -0.39 19.21
N TYR A 326 -6.11 -0.95 18.83
CA TYR A 326 -6.08 -2.32 18.33
C TYR A 326 -6.26 -3.34 19.44
N LEU A 327 -5.94 -2.98 20.68
CA LEU A 327 -6.12 -3.89 21.80
C LEU A 327 -7.61 -4.02 22.12
N PRO A 328 -7.99 -5.11 22.77
CA PRO A 328 -9.35 -5.19 23.34
C PRO A 328 -9.46 -4.25 24.54
N ASP A 329 -10.71 -4.00 24.94
CA ASP A 329 -10.93 -3.11 26.08
C ASP A 329 -10.28 -3.65 27.34
N LYS A 330 -10.37 -4.96 27.58
CA LYS A 330 -9.78 -5.53 28.79
C LYS A 330 -8.27 -5.43 28.77
N LEU A 331 -7.66 -5.77 27.63
CA LEU A 331 -6.20 -5.74 27.55
C LEU A 331 -5.69 -4.30 27.49
N ARG A 332 -6.44 -3.41 26.83
CA ARG A 332 -6.06 -2.00 26.85
C ARG A 332 -6.14 -1.42 28.25
N ALA A 333 -7.17 -1.82 29.01
CA ALA A 333 -7.28 -1.38 30.39
C ALA A 333 -6.15 -1.95 31.23
N GLU A 334 -5.77 -3.21 31.00
CA GLU A 334 -4.64 -3.77 31.74
C GLU A 334 -3.34 -3.05 31.43
N ILE A 335 -3.11 -2.71 30.15
CA ILE A 335 -1.95 -1.93 29.76
C ILE A 335 -1.96 -0.57 30.47
N ALA A 336 -3.10 0.13 30.39
CA ALA A 336 -3.21 1.44 30.98
C ALA A 336 -2.97 1.39 32.47
N ILE A 337 -3.52 0.38 33.15
CA ILE A 337 -3.28 0.23 34.59
C ILE A 337 -1.80 0.03 34.84
N ASN A 338 -1.20 -0.96 34.20
CA ASN A 338 0.21 -1.27 34.41
C ASN A 338 1.11 -0.07 34.13
N VAL A 339 0.66 0.85 33.28
CA VAL A 339 1.48 2.02 32.96
C VAL A 339 1.23 3.17 33.92
N HIS A 340 -0.04 3.43 34.30
CA HIS A 340 -0.41 4.70 34.92
C HIS A 340 -0.86 4.59 36.37
N LEU A 341 -1.26 3.41 36.85
CA LEU A 341 -2.00 3.33 38.10
C LEU A 341 -1.16 3.77 39.29
N ASP A 342 0.14 3.48 39.30
CA ASP A 342 0.95 3.86 40.44
C ASP A 342 1.08 5.38 40.54
N THR A 343 1.44 6.03 39.44
CA THR A 343 1.54 7.49 39.46
C THR A 343 0.20 8.14 39.73
N LEU A 344 -0.90 7.51 39.31
CA LEU A 344 -2.21 8.11 39.59
C LEU A 344 -2.60 7.95 41.05
N LYS A 345 -2.22 6.83 41.68
CA LYS A 345 -2.44 6.69 43.12
C LYS A 345 -1.59 7.69 43.90
N LYS A 346 -0.36 7.96 43.43
CA LYS A 346 0.49 8.90 44.15
C LYS A 346 -0.12 10.28 44.27
N VAL A 347 -1.06 10.64 43.38
CA VAL A 347 -1.72 11.93 43.48
C VAL A 347 -2.46 12.04 44.80
N ARG A 348 -2.42 13.22 45.41
CA ARG A 348 -2.94 13.36 46.78
C ARG A 348 -4.46 13.29 46.82
N ILE A 349 -5.14 13.85 45.82
CA ILE A 349 -6.60 13.81 45.85
C ILE A 349 -7.11 12.40 45.59
N PHE A 350 -6.45 11.67 44.68
CA PHE A 350 -6.82 10.30 44.37
C PHE A 350 -6.16 9.27 45.29
N ALA A 351 -5.65 9.71 46.45
CA ALA A 351 -4.88 8.81 47.29
C ALA A 351 -5.75 7.74 47.94
N ASP A 352 -6.98 8.09 48.31
CA ASP A 352 -7.86 7.19 49.04
C ASP A 352 -9.20 7.05 48.35
N CYS A 353 -9.20 6.88 47.04
CA CYS A 353 -10.42 6.61 46.28
C CYS A 353 -10.38 5.17 45.77
N GLU A 354 -11.57 4.62 45.55
CA GLU A 354 -11.67 3.19 45.28
C GLU A 354 -11.08 2.85 43.91
N ALA A 355 -10.84 1.54 43.72
CA ALA A 355 -10.00 1.09 42.62
C ALA A 355 -10.69 1.23 41.27
N GLY A 356 -11.99 0.95 41.22
CA GLY A 356 -12.71 1.09 39.97
C GLY A 356 -12.64 2.50 39.42
N LEU A 357 -12.73 3.50 40.31
CA LEU A 357 -12.60 4.88 39.87
C LEU A 357 -11.20 5.17 39.36
N LEU A 358 -10.18 4.64 40.03
CA LEU A 358 -8.81 4.86 39.58
C LEU A 358 -8.57 4.22 38.21
N VAL A 359 -9.19 3.07 37.94
CA VAL A 359 -9.06 2.46 36.63
C VAL A 359 -9.79 3.28 35.58
N GLU A 360 -10.99 3.73 35.91
CA GLU A 360 -11.75 4.59 35.00
C GLU A 360 -10.98 5.87 34.67
N LEU A 361 -10.20 6.38 35.63
CA LEU A 361 -9.40 7.57 35.40
C LEU A 361 -8.15 7.27 34.60
N VAL A 362 -7.45 6.18 34.93
CA VAL A 362 -6.30 5.75 34.16
C VAL A 362 -6.65 5.61 32.69
N LEU A 363 -7.82 5.04 32.40
CA LEU A 363 -8.23 4.89 31.02
C LEU A 363 -8.51 6.23 30.32
N LYS A 364 -8.52 7.33 31.06
CA LYS A 364 -8.83 8.64 30.51
C LYS A 364 -7.64 9.58 30.47
N LEU A 365 -6.45 9.11 30.81
CA LEU A 365 -5.26 9.95 30.69
C LEU A 365 -4.91 10.12 29.22
N GLN A 366 -4.60 11.35 28.82
CA GLN A 366 -4.25 11.64 27.44
C GLN A 366 -2.80 12.04 27.36
N PRO A 367 -1.97 11.35 26.56
CA PRO A 367 -0.55 11.70 26.50
C PRO A 367 -0.35 13.06 25.82
N GLN A 368 0.49 13.88 26.45
CA GLN A 368 0.88 15.18 25.91
C GLN A 368 2.39 15.26 25.97
N VAL A 369 3.04 15.28 24.82
CA VAL A 369 4.49 15.36 24.76
C VAL A 369 4.87 16.79 24.41
N TYR A 370 5.95 17.28 25.01
CA TYR A 370 6.37 18.65 24.85
C TYR A 370 7.85 18.68 24.46
N SER A 371 8.25 19.77 23.89
CA SER A 371 9.62 19.97 23.48
C SER A 371 10.37 20.80 24.50
N PRO A 372 11.70 20.78 24.48
CA PRO A 372 12.47 21.66 25.37
C PRO A 372 12.06 23.12 25.20
N GLY A 373 11.77 23.76 26.33
CA GLY A 373 11.34 25.15 26.33
C GLY A 373 9.86 25.35 26.13
N ASP A 374 9.11 24.31 25.79
CA ASP A 374 7.67 24.44 25.65
C ASP A 374 7.04 24.75 26.99
N TYR A 375 6.11 25.71 27.00
CA TYR A 375 5.35 26.03 28.18
C TYR A 375 4.12 25.13 28.24
N ILE A 376 4.03 24.33 29.30
CA ILE A 376 2.81 23.56 29.54
C ILE A 376 1.70 24.48 30.00
N CYS A 377 2.03 25.40 30.91
CA CYS A 377 1.07 26.35 31.45
C CYS A 377 1.76 27.70 31.61
N LYS A 378 0.98 28.76 31.46
CA LYS A 378 1.41 30.11 31.81
C LYS A 378 0.50 30.64 32.89
N LYS A 379 1.02 31.54 33.71
CA LYS A 379 0.20 32.21 34.70
C LYS A 379 -0.92 32.97 34.00
N GLY A 380 -2.14 32.56 34.26
CA GLY A 380 -3.30 33.13 33.61
C GLY A 380 -3.94 32.25 32.57
N ASP A 381 -3.29 31.16 32.16
CA ASP A 381 -3.94 30.20 31.28
C ASP A 381 -5.10 29.54 32.00
N ILE A 382 -6.06 29.05 31.21
CA ILE A 382 -7.20 28.35 31.79
C ILE A 382 -6.74 27.00 32.31
N GLY A 383 -6.91 26.78 33.60
CA GLY A 383 -6.58 25.48 34.16
C GLY A 383 -7.79 24.58 34.18
N ARG A 384 -7.93 23.76 33.13
CA ARG A 384 -9.00 22.79 33.05
C ARG A 384 -8.47 21.35 33.08
N GLU A 385 -7.16 21.18 33.16
CA GLU A 385 -6.52 19.88 32.99
C GLU A 385 -5.51 19.68 34.10
N MET A 386 -5.33 18.43 34.51
CA MET A 386 -4.31 18.03 35.45
C MET A 386 -3.23 17.23 34.73
N TYR A 387 -1.98 17.47 35.07
CA TYR A 387 -0.86 16.86 34.37
C TYR A 387 -0.06 15.98 35.30
N ILE A 388 0.32 14.80 34.81
CA ILE A 388 1.25 13.91 35.50
C ILE A 388 2.47 13.76 34.61
N ILE A 389 3.65 13.86 35.22
CA ILE A 389 4.90 13.77 34.48
C ILE A 389 5.35 12.33 34.41
N LYS A 390 5.51 11.82 33.20
CA LYS A 390 6.12 10.53 32.94
C LYS A 390 7.31 10.78 32.02
N GLU A 391 8.51 10.41 32.47
CA GLU A 391 9.72 10.59 31.68
C GLU A 391 9.85 12.04 31.21
N GLY A 392 10.06 12.92 32.18
CA GLY A 392 10.27 14.30 31.82
C GLY A 392 10.78 15.10 33.00
N LYS A 393 11.00 16.38 32.73
CA LYS A 393 11.44 17.32 33.76
C LYS A 393 10.81 18.65 33.46
N LEU A 394 9.92 19.10 34.34
CA LEU A 394 9.29 20.40 34.22
C LEU A 394 9.89 21.38 35.21
N ALA A 395 9.88 22.66 34.83
CA ALA A 395 10.43 23.71 35.67
C ALA A 395 9.34 24.74 35.93
N VAL A 396 8.98 24.91 37.19
CA VAL A 396 8.15 26.03 37.61
C VAL A 396 9.00 27.30 37.53
N VAL A 397 8.68 28.18 36.60
CA VAL A 397 9.52 29.34 36.32
C VAL A 397 8.73 30.61 36.61
N ALA A 398 9.45 31.73 36.62
CA ALA A 398 8.86 33.03 36.88
C ALA A 398 8.36 33.65 35.57
N ASP A 399 7.83 34.87 35.68
CA ASP A 399 7.30 35.55 34.49
C ASP A 399 8.39 35.86 33.49
N ASP A 400 9.63 36.05 33.95
CA ASP A 400 10.74 36.24 33.02
C ASP A 400 11.01 34.97 32.23
N GLY A 401 10.76 33.80 32.82
CA GLY A 401 10.89 32.54 32.13
C GLY A 401 12.26 31.91 32.19
N VAL A 402 13.15 32.38 33.06
CA VAL A 402 14.49 31.81 33.16
C VAL A 402 14.76 31.32 34.57
N THR A 403 14.10 31.92 35.55
CA THR A 403 14.33 31.58 36.95
C THR A 403 13.44 30.41 37.34
N GLN A 404 14.06 29.28 37.71
CA GLN A 404 13.34 28.06 38.04
C GLN A 404 13.09 28.02 39.54
N PHE A 405 11.83 28.13 39.95
CA PHE A 405 11.47 27.91 41.34
C PHE A 405 11.66 26.43 41.70
N VAL A 406 10.92 25.56 41.03
CA VAL A 406 10.92 24.13 41.32
C VAL A 406 11.22 23.40 40.03
N VAL A 407 11.79 22.21 40.15
CA VAL A 407 12.03 21.31 39.03
C VAL A 407 11.19 20.07 39.27
N LEU A 408 10.11 19.92 38.51
CA LEU A 408 9.20 18.80 38.66
C LEU A 408 9.67 17.65 37.77
N SER A 409 9.91 16.50 38.37
CA SER A 409 10.45 15.35 37.68
C SER A 409 9.33 14.35 37.39
N ASP A 410 9.70 13.18 36.89
CA ASP A 410 8.70 12.16 36.59
C ASP A 410 8.01 11.71 37.86
N GLY A 411 6.76 11.27 37.71
CA GLY A 411 5.95 10.88 38.85
C GLY A 411 5.26 12.05 39.50
N SER A 412 5.86 13.23 39.39
CA SER A 412 5.25 14.44 39.92
C SER A 412 4.03 14.83 39.10
N TYR A 413 3.29 15.81 39.61
CA TYR A 413 2.05 16.23 38.98
C TYR A 413 1.73 17.66 39.39
N PHE A 414 0.78 18.25 38.69
CA PHE A 414 0.28 19.57 39.06
C PHE A 414 -1.09 19.76 38.43
N GLY A 415 -1.81 20.76 38.91
CA GLY A 415 -3.13 21.06 38.39
C GLY A 415 -4.23 20.18 38.90
N GLU A 416 -4.00 19.42 39.97
CA GLU A 416 -5.03 18.51 40.45
C GLU A 416 -6.21 19.24 41.09
N ILE A 417 -6.02 20.48 41.53
CA ILE A 417 -7.15 21.25 42.04
C ILE A 417 -7.94 21.86 40.90
N SER A 418 -7.29 22.24 39.81
CA SER A 418 -7.96 22.87 38.69
C SER A 418 -9.00 21.98 38.04
N ILE A 419 -8.99 20.67 38.32
CA ILE A 419 -9.97 19.75 37.75
C ILE A 419 -11.10 19.43 38.71
N LEU A 420 -11.13 20.05 39.88
CA LEU A 420 -12.19 19.83 40.85
C LEU A 420 -13.15 21.02 40.85
N ASN A 421 -14.45 20.71 40.89
CA ASN A 421 -15.49 21.72 41.12
C ASN A 421 -15.61 21.91 42.61
N ILE A 422 -14.86 22.86 43.15
CA ILE A 422 -14.82 23.11 44.59
C ILE A 422 -15.64 24.36 44.86
N LYS A 423 -16.73 24.19 45.61
CA LYS A 423 -17.57 25.33 45.99
C LYS A 423 -16.76 26.37 46.74
N GLY A 424 -16.88 27.62 46.31
CA GLY A 424 -16.18 28.72 46.94
C GLY A 424 -14.68 28.64 46.83
N SER A 425 -14.16 28.70 45.61
CA SER A 425 -12.73 28.69 45.37
C SER A 425 -12.26 30.11 45.10
N LYS A 426 -11.28 30.56 45.86
CA LYS A 426 -10.75 31.91 45.69
C LYS A 426 -10.12 32.08 44.30
N ALA A 427 -9.09 31.29 44.00
CA ALA A 427 -8.41 31.36 42.71
C ALA A 427 -8.66 30.05 41.98
N GLY A 428 -9.44 30.12 40.90
CA GLY A 428 -9.75 28.94 40.12
C GLY A 428 -9.76 29.26 38.64
N ASN A 429 -9.85 28.21 37.84
CA ASN A 429 -9.96 28.28 36.39
C ASN A 429 -8.73 28.93 35.74
N ARG A 430 -7.68 29.21 36.52
CA ARG A 430 -6.51 29.89 36.02
C ARG A 430 -5.26 29.25 36.60
N ARG A 431 -4.21 29.15 35.79
CA ARG A 431 -2.94 28.64 36.25
C ARG A 431 -2.19 29.74 37.00
N THR A 432 -1.65 29.40 38.17
CA THR A 432 -0.89 30.35 38.97
C THR A 432 0.61 30.15 38.84
N ALA A 433 1.04 29.23 37.97
CA ALA A 433 2.45 28.98 37.77
C ALA A 433 2.76 28.93 36.28
N ASN A 434 4.01 29.21 35.95
CA ASN A 434 4.53 29.02 34.59
C ASN A 434 5.28 27.69 34.59
N ILE A 435 4.66 26.67 34.02
CA ILE A 435 5.26 25.33 33.95
C ILE A 435 5.91 25.19 32.59
N LYS A 436 7.22 25.01 32.57
CA LYS A 436 7.99 24.90 31.35
C LYS A 436 8.60 23.51 31.24
N SER A 437 8.79 23.06 30.00
CA SER A 437 9.43 21.78 29.73
C SER A 437 10.93 22.00 29.57
N ILE A 438 11.72 21.34 30.41
CA ILE A 438 13.18 21.40 30.29
C ILE A 438 13.60 20.49 29.14
N GLY A 439 12.63 19.76 28.58
CA GLY A 439 12.85 18.97 27.40
C GLY A 439 12.15 17.64 27.39
N TYR A 440 11.35 17.41 26.36
CA TYR A 440 10.73 16.12 26.05
C TYR A 440 10.12 15.49 27.30
N SER A 441 9.06 16.16 27.75
CA SER A 441 8.50 15.90 29.08
C SER A 441 7.57 14.69 29.10
N ASP A 442 6.79 14.48 28.03
CA ASP A 442 5.90 13.33 27.94
C ASP A 442 4.90 13.30 29.11
N LEU A 443 4.04 14.30 29.16
CA LEU A 443 3.06 14.39 30.23
C LEU A 443 1.83 13.57 29.90
N PHE A 444 1.07 13.23 30.95
CA PHE A 444 -0.22 12.58 30.79
C PHE A 444 -1.27 13.44 31.48
N CYS A 445 -2.32 13.75 30.73
CA CYS A 445 -3.28 14.78 31.12
C CYS A 445 -4.60 14.16 31.53
N LEU A 446 -5.18 14.71 32.60
CA LEU A 446 -6.52 14.36 33.05
C LEU A 446 -7.34 15.63 33.06
N SER A 447 -8.22 15.79 32.08
CA SER A 447 -9.02 17.00 31.98
C SER A 447 -10.13 16.99 33.04
N LYS A 448 -10.80 18.12 33.16
CA LYS A 448 -11.90 18.23 34.11
C LYS A 448 -13.13 17.47 33.62
N ASP A 449 -13.44 17.60 32.33
CA ASP A 449 -14.57 16.87 31.77
C ASP A 449 -14.35 15.37 31.89
N ASP A 450 -13.12 14.91 31.72
CA ASP A 450 -12.81 13.49 31.86
C ASP A 450 -13.06 13.02 33.29
N LEU A 451 -12.62 13.82 34.26
CA LEU A 451 -12.84 13.46 35.67
C LEU A 451 -14.33 13.44 35.99
N MET A 452 -15.10 14.37 35.44
CA MET A 452 -16.54 14.39 35.70
C MET A 452 -17.22 13.17 35.08
N GLU A 453 -16.86 12.85 33.83
CA GLU A 453 -17.44 11.66 33.19
C GLU A 453 -17.07 10.41 33.96
N ALA A 454 -15.86 10.37 34.54
CA ALA A 454 -15.46 9.21 35.32
C ALA A 454 -16.21 9.15 36.65
N LEU A 455 -16.47 10.29 37.26
CA LEU A 455 -17.15 10.35 38.54
C LEU A 455 -18.66 10.19 38.44
N THR A 456 -19.22 10.27 37.22
CA THR A 456 -20.67 10.16 37.08
C THR A 456 -21.23 8.88 37.67
N GLU A 457 -20.42 7.83 37.80
CA GLU A 457 -20.85 6.58 38.41
C GLU A 457 -20.29 6.38 39.81
N TYR A 458 -19.53 7.34 40.33
CA TYR A 458 -18.94 7.24 41.66
C TYR A 458 -19.28 8.52 42.43
N PRO A 459 -20.53 8.68 42.87
CA PRO A 459 -20.91 9.97 43.48
C PRO A 459 -20.25 10.23 44.82
N ASP A 460 -20.11 9.21 45.67
CA ASP A 460 -19.41 9.41 46.94
C ASP A 460 -17.95 9.75 46.70
N ALA A 461 -17.36 9.13 45.68
CA ALA A 461 -16.01 9.52 45.28
C ALA A 461 -15.95 10.98 44.87
N LYS A 462 -16.98 11.45 44.15
CA LYS A 462 -17.01 12.84 43.71
C LYS A 462 -17.07 13.79 44.91
N THR A 463 -17.99 13.52 45.84
CA THR A 463 -18.13 14.42 46.99
C THR A 463 -16.89 14.37 47.87
N MET A 464 -16.28 13.19 48.03
CA MET A 464 -15.06 13.10 48.83
C MET A 464 -13.90 13.82 48.15
N LEU A 465 -13.78 13.69 46.83
CA LEU A 465 -12.74 14.40 46.10
C LEU A 465 -12.91 15.90 46.23
N GLU A 466 -14.14 16.39 46.08
CA GLU A 466 -14.36 17.83 46.15
C GLU A 466 -14.17 18.36 47.56
N GLU A 467 -14.54 17.59 48.59
CA GLU A 467 -14.27 18.02 49.94
C GLU A 467 -12.77 18.00 50.26
N LYS A 468 -12.04 17.03 49.71
CA LYS A 468 -10.59 17.02 49.88
C LYS A 468 -9.94 18.22 49.20
N GLY A 469 -10.40 18.56 48.00
CA GLY A 469 -9.90 19.75 47.35
C GLY A 469 -10.24 21.02 48.11
N LYS A 470 -11.42 21.04 48.75
CA LYS A 470 -11.78 22.18 49.59
C LYS A 470 -10.84 22.30 50.77
N GLN A 471 -10.54 21.17 51.43
CA GLN A 471 -9.56 21.20 52.52
C GLN A 471 -8.20 21.67 52.05
N ILE A 472 -7.82 21.27 50.83
CA ILE A 472 -6.55 21.72 50.26
C ILE A 472 -6.55 23.23 50.07
N LEU A 473 -7.65 23.76 49.53
CA LEU A 473 -7.71 25.20 49.24
C LEU A 473 -7.73 26.02 50.53
N MET A 474 -8.63 25.68 51.46
CA MET A 474 -8.74 26.45 52.69
C MET A 474 -7.50 26.35 53.56
N LYS A 475 -6.59 25.44 53.27
CA LYS A 475 -5.32 25.34 53.98
C LYS A 475 -4.48 26.60 53.74
N VAL B 26 31.99 18.23 27.75
CA VAL B 26 31.49 18.49 26.40
C VAL B 26 30.95 17.19 25.80
N VAL B 27 29.75 17.27 25.22
CA VAL B 27 29.02 16.10 24.77
C VAL B 27 28.40 16.40 23.42
N ILE B 28 28.42 15.41 22.54
CA ILE B 28 27.87 15.56 21.20
C ILE B 28 26.40 15.19 21.21
N ASP B 29 25.57 16.06 20.66
CA ASP B 29 24.16 15.77 20.46
C ASP B 29 24.01 14.80 19.29
N PRO B 30 23.53 13.59 19.51
CA PRO B 30 23.47 12.61 18.41
C PRO B 30 22.44 12.94 17.34
N SER B 31 21.76 14.08 17.45
CA SER B 31 20.83 14.55 16.43
C SER B 31 21.31 15.83 15.76
N GLY B 32 22.51 16.29 16.09
CA GLY B 32 23.02 17.53 15.56
C GLY B 32 23.89 17.33 14.32
N ASN B 33 24.48 18.43 13.86
CA ASN B 33 25.31 18.39 12.66
C ASN B 33 26.68 17.82 12.94
N THR B 34 27.24 18.07 14.13
CA THR B 34 28.55 17.53 14.46
C THR B 34 28.55 16.01 14.45
N TYR B 35 27.49 15.41 14.98
CA TYR B 35 27.40 13.95 15.00
C TYR B 35 27.29 13.39 13.59
N TYR B 36 26.53 14.06 12.73
CA TYR B 36 26.42 13.59 11.35
C TYR B 36 27.74 13.73 10.60
N ASN B 37 28.45 14.84 10.81
CA ASN B 37 29.76 15.01 10.20
C ASN B 37 30.72 13.94 10.67
N TRP B 38 30.68 13.60 11.95
CA TRP B 38 31.54 12.52 12.41
C TRP B 38 31.10 11.17 11.84
N LEU B 39 29.80 10.98 11.64
CA LEU B 39 29.35 9.74 11.00
C LEU B 39 29.96 9.60 9.61
N PHE B 40 30.03 10.71 8.86
CA PHE B 40 30.71 10.68 7.57
C PHE B 40 32.20 10.37 7.75
N CYS B 41 32.84 11.03 8.72
CA CYS B 41 34.27 10.87 8.92
C CYS B 41 34.64 9.42 9.26
N ILE B 42 33.82 8.75 10.07
CA ILE B 42 34.08 7.36 10.42
C ILE B 42 33.59 6.41 9.34
N THR B 43 32.62 6.81 8.53
CA THR B 43 32.20 5.96 7.42
C THR B 43 33.28 5.88 6.36
N LEU B 44 34.09 6.93 6.21
CA LEU B 44 35.20 6.85 5.26
C LEU B 44 36.13 5.67 5.53
N PRO B 45 36.70 5.47 6.73
CA PRO B 45 37.56 4.30 6.92
C PRO B 45 36.81 2.98 6.94
N VAL B 46 35.55 2.98 7.36
CA VAL B 46 34.78 1.73 7.32
C VAL B 46 34.57 1.30 5.88
N MET B 47 34.23 2.22 4.99
CA MET B 47 34.10 1.90 3.58
C MET B 47 35.46 1.50 3.00
N TYR B 48 36.52 2.22 3.37
CA TYR B 48 37.85 1.85 2.89
C TYR B 48 38.18 0.42 3.27
N ASN B 49 37.92 0.03 4.52
CA ASN B 49 38.22 -1.32 4.94
C ASN B 49 37.36 -2.33 4.20
N TRP B 50 36.05 -2.09 4.16
CA TRP B 50 35.12 -3.01 3.53
C TRP B 50 35.41 -3.21 2.06
N THR B 51 36.01 -2.22 1.40
CA THR B 51 36.33 -2.37 -0.01
C THR B 51 37.75 -2.84 -0.27
N MET B 52 38.71 -2.49 0.58
CA MET B 52 40.11 -2.70 0.24
C MET B 52 40.76 -3.85 0.97
N VAL B 53 40.27 -4.25 2.15
CA VAL B 53 40.91 -5.36 2.85
C VAL B 53 40.77 -6.64 2.03
N ILE B 54 39.56 -6.89 1.52
CA ILE B 54 39.35 -8.08 0.70
C ILE B 54 40.09 -7.96 -0.63
N ALA B 55 40.16 -6.75 -1.19
CA ALA B 55 40.83 -6.57 -2.46
C ALA B 55 42.32 -6.83 -2.36
N ARG B 56 42.94 -6.40 -1.25
CA ARG B 56 44.35 -6.67 -1.03
C ARG B 56 44.59 -8.10 -0.60
N ALA B 57 43.63 -8.71 0.10
CA ALA B 57 43.77 -10.10 0.48
C ALA B 57 43.74 -11.01 -0.73
N CYS B 58 42.89 -10.70 -1.71
CA CYS B 58 42.70 -11.57 -2.86
C CYS B 58 43.66 -11.26 -4.00
N PHE B 59 43.84 -9.98 -4.32
CA PHE B 59 44.78 -9.58 -5.37
C PHE B 59 46.10 -9.26 -4.69
N ASP B 60 47.02 -10.23 -4.70
CA ASP B 60 48.25 -10.12 -3.91
C ASP B 60 49.13 -8.98 -4.39
N GLU B 61 49.16 -8.73 -5.70
CA GLU B 61 49.96 -7.64 -6.23
C GLU B 61 49.44 -6.29 -5.77
N LEU B 62 48.12 -6.17 -5.56
CA LEU B 62 47.57 -4.93 -5.04
C LEU B 62 48.06 -4.66 -3.63
N GLN B 63 48.16 -5.70 -2.81
CA GLN B 63 48.65 -5.53 -1.46
C GLN B 63 50.15 -5.26 -1.43
N SER B 64 50.93 -6.01 -2.23
CA SER B 64 52.37 -5.94 -2.13
C SER B 64 53.00 -4.83 -2.97
N ASP B 65 52.25 -4.21 -3.88
CA ASP B 65 52.82 -3.15 -4.72
C ASP B 65 52.56 -1.76 -4.20
N TYR B 66 51.56 -1.58 -3.33
CA TYR B 66 51.26 -0.29 -2.74
C TYR B 66 51.27 -0.39 -1.22
N LEU B 67 52.12 -1.27 -0.69
CA LEU B 67 52.11 -1.59 0.74
C LEU B 67 52.36 -0.35 1.59
N GLU B 68 53.09 0.63 1.08
CA GLU B 68 53.33 1.85 1.85
C GLU B 68 52.04 2.66 2.01
N TYR B 69 51.32 2.86 0.89
CA TYR B 69 50.03 3.52 0.96
C TYR B 69 49.05 2.72 1.81
N TRP B 70 49.11 1.39 1.72
CA TRP B 70 48.20 0.58 2.52
C TRP B 70 48.50 0.70 4.01
N LEU B 71 49.78 0.75 4.38
CA LEU B 71 50.11 0.95 5.79
C LEU B 71 49.61 2.31 6.28
N ILE B 72 49.88 3.37 5.51
CA ILE B 72 49.42 4.70 5.90
C ILE B 72 47.91 4.71 6.07
N LEU B 73 47.19 4.18 5.08
CA LEU B 73 45.73 4.24 5.10
C LEU B 73 45.15 3.36 6.20
N ASP B 74 45.72 2.17 6.40
CA ASP B 74 45.22 1.29 7.44
C ASP B 74 45.39 1.91 8.82
N TYR B 75 46.50 2.60 9.05
CA TYR B 75 46.70 3.13 10.39
C TYR B 75 45.98 4.46 10.59
N VAL B 76 45.76 5.23 9.52
CA VAL B 76 44.83 6.34 9.62
C VAL B 76 43.43 5.84 9.94
N SER B 77 43.03 4.73 9.32
CA SER B 77 41.72 4.15 9.60
C SER B 77 41.63 3.67 11.05
N ASP B 78 42.71 3.08 11.56
CA ASP B 78 42.69 2.64 12.96
C ASP B 78 42.63 3.82 13.92
N ILE B 79 43.33 4.91 13.59
CA ILE B 79 43.24 6.12 14.40
C ILE B 79 41.80 6.66 14.38
N VAL B 80 41.16 6.67 13.21
CA VAL B 80 39.80 7.15 13.14
C VAL B 80 38.85 6.22 13.89
N TYR B 81 39.15 4.91 13.92
CA TYR B 81 38.35 4.00 14.72
C TYR B 81 38.49 4.29 16.20
N LEU B 82 39.71 4.60 16.65
CA LEU B 82 39.92 5.00 18.04
C LEU B 82 39.15 6.28 18.36
N ILE B 83 39.22 7.26 17.46
CA ILE B 83 38.47 8.49 17.68
C ILE B 83 36.98 8.24 17.67
N ASP B 84 36.53 7.25 16.90
CA ASP B 84 35.12 6.88 16.92
C ASP B 84 34.72 6.29 18.25
N MET B 85 35.58 5.47 18.84
CA MET B 85 35.26 4.95 20.17
C MET B 85 35.22 6.07 21.20
N PHE B 86 36.16 7.01 21.11
CA PHE B 86 36.13 8.15 22.03
C PHE B 86 34.87 8.97 21.85
N VAL B 87 34.50 9.25 20.59
CA VAL B 87 33.27 9.98 20.29
C VAL B 87 32.06 9.24 20.87
N ARG B 88 32.07 7.91 20.77
CA ARG B 88 30.95 7.15 21.28
C ARG B 88 30.92 7.14 22.80
N THR B 89 32.04 7.42 23.46
CA THR B 89 32.00 7.74 24.88
C THR B 89 31.50 9.16 25.15
N ARG B 90 31.53 10.04 24.17
CA ARG B 90 31.12 11.43 24.33
C ARG B 90 29.76 11.72 23.72
N THR B 91 29.06 10.70 23.24
CA THR B 91 27.76 10.90 22.61
C THR B 91 26.68 10.77 23.66
N GLY B 92 25.95 11.86 23.89
CA GLY B 92 24.94 11.87 24.94
C GLY B 92 23.68 11.17 24.49
N TYR B 93 23.20 10.24 25.29
CA TYR B 93 21.88 9.70 25.06
C TYR B 93 20.84 10.52 25.82
N LEU B 94 19.58 10.32 25.47
CA LEU B 94 18.50 11.12 26.00
C LEU B 94 17.82 10.35 27.12
N GLU B 95 17.84 10.91 28.32
CA GLU B 95 17.18 10.32 29.47
C GLU B 95 16.34 11.38 30.16
N GLN B 96 15.10 11.03 30.50
CA GLN B 96 14.13 11.98 31.07
C GLN B 96 14.00 13.19 30.17
N GLY B 97 13.99 12.95 28.86
CA GLY B 97 13.87 14.01 27.89
C GLY B 97 15.06 14.94 27.79
N LEU B 98 16.07 14.76 28.63
CA LEU B 98 17.27 15.59 28.63
C LEU B 98 18.45 14.80 28.12
N LEU B 99 19.44 15.50 27.59
CA LEU B 99 20.65 14.87 27.08
C LEU B 99 21.57 14.54 28.23
N VAL B 100 21.83 13.26 28.44
CA VAL B 100 22.79 12.85 29.46
C VAL B 100 24.17 13.34 29.07
N LYS B 101 24.83 14.05 29.98
CA LYS B 101 26.16 14.57 29.73
C LYS B 101 27.03 14.38 30.97
N GLU B 102 26.97 13.20 31.56
CA GLU B 102 27.87 12.79 32.63
C GLU B 102 28.77 11.70 32.08
N GLU B 103 30.09 11.92 32.15
CA GLU B 103 31.02 11.02 31.50
C GLU B 103 30.89 9.59 32.04
N LEU B 104 30.61 9.45 33.32
CA LEU B 104 30.40 8.13 33.91
C LEU B 104 29.24 7.41 33.23
N LYS B 105 28.10 8.10 33.09
CA LYS B 105 26.92 7.47 32.51
C LYS B 105 27.10 7.18 31.04
N LEU B 106 27.73 8.10 30.31
CA LEU B 106 27.98 7.88 28.88
C LEU B 106 28.89 6.69 28.67
N ILE B 107 29.99 6.62 29.41
CA ILE B 107 30.91 5.49 29.29
C ILE B 107 30.23 4.20 29.69
N ASN B 108 29.37 4.24 30.72
CA ASN B 108 28.67 3.04 31.13
C ASN B 108 27.71 2.55 30.05
N LYS B 109 26.97 3.46 29.43
CA LYS B 109 26.06 3.04 28.38
C LYS B 109 26.80 2.58 27.14
N TYR B 110 28.00 3.11 26.91
CA TYR B 110 28.81 2.62 25.79
C TYR B 110 29.33 1.21 26.07
N LYS B 111 30.07 1.04 27.16
CA LYS B 111 30.69 -0.26 27.44
C LYS B 111 29.66 -1.35 27.64
N SER B 112 28.48 -1.01 28.15
CA SER B 112 27.44 -2.01 28.31
C SER B 112 26.84 -2.41 26.96
N ASN B 113 27.05 -1.62 25.92
CA ASN B 113 26.45 -1.87 24.63
C ASN B 113 27.25 -2.92 23.86
N LEU B 114 26.57 -3.58 22.93
CA LEU B 114 27.27 -4.52 22.06
C LEU B 114 28.19 -3.79 21.09
N GLN B 115 27.87 -2.53 20.77
CA GLN B 115 28.73 -1.76 19.89
C GLN B 115 30.12 -1.60 20.47
N PHE B 116 30.25 -1.51 21.79
CA PHE B 116 31.57 -1.41 22.39
C PHE B 116 32.38 -2.68 22.15
N LYS B 117 31.74 -3.84 22.30
CA LYS B 117 32.41 -5.10 22.01
C LYS B 117 32.83 -5.16 20.54
N LEU B 118 31.94 -4.73 19.64
CA LEU B 118 32.27 -4.72 18.22
C LEU B 118 33.44 -3.79 17.93
N ASP B 119 33.47 -2.62 18.58
CA ASP B 119 34.56 -1.67 18.35
C ASP B 119 35.88 -2.22 18.87
N VAL B 120 35.86 -2.86 20.05
CA VAL B 120 37.07 -3.46 20.58
C VAL B 120 37.58 -4.56 19.68
N LEU B 121 36.68 -5.43 19.19
CA LEU B 121 37.08 -6.47 18.27
C LEU B 121 37.65 -5.87 16.98
N SER B 122 37.04 -4.80 16.49
CA SER B 122 37.50 -4.17 15.26
C SER B 122 38.84 -3.48 15.44
N LEU B 123 39.19 -3.17 16.68
CA LEU B 123 40.45 -2.50 17.01
C LEU B 123 41.52 -3.45 17.53
N ILE B 124 41.18 -4.74 17.69
CA ILE B 124 42.14 -5.73 18.17
C ILE B 124 43.31 -5.70 17.18
N PRO B 125 44.55 -5.54 17.69
CA PRO B 125 45.68 -5.46 16.76
C PRO B 125 45.97 -6.81 16.15
N THR B 126 45.52 -7.00 14.91
CA THR B 126 45.85 -8.19 14.15
C THR B 126 46.96 -7.92 13.16
N ASP B 127 47.34 -6.65 12.98
CA ASP B 127 48.51 -6.31 12.18
C ASP B 127 49.79 -6.92 12.75
N LEU B 128 49.79 -7.32 14.02
CA LEU B 128 50.94 -8.00 14.57
C LEU B 128 51.21 -9.33 13.88
N LEU B 129 50.19 -9.91 13.25
CA LEU B 129 50.40 -11.13 12.46
C LEU B 129 51.19 -10.86 11.18
N TYR B 130 51.31 -9.59 10.77
CA TYR B 130 52.18 -9.26 9.65
C TYR B 130 53.61 -9.72 9.88
N PHE B 131 54.02 -9.86 11.15
CA PHE B 131 55.35 -10.35 11.46
C PHE B 131 55.43 -11.86 11.32
N LYS B 132 54.37 -12.57 11.70
CA LYS B 132 54.36 -14.02 11.57
C LYS B 132 53.91 -14.46 10.18
N LEU B 133 52.76 -13.95 9.72
CA LEU B 133 52.19 -14.42 8.46
C LEU B 133 52.91 -13.81 7.26
N GLY B 134 53.32 -12.55 7.35
CA GLY B 134 53.95 -11.87 6.25
C GLY B 134 53.10 -10.72 5.73
N TRP B 135 53.71 -9.94 4.84
CA TRP B 135 53.04 -8.78 4.29
C TRP B 135 51.96 -9.12 3.29
N ASN B 136 51.82 -10.39 2.90
CA ASN B 136 50.82 -10.80 1.93
C ASN B 136 49.54 -11.31 2.58
N TYR B 137 49.30 -10.95 3.85
CA TYR B 137 48.09 -11.35 4.55
C TYR B 137 47.41 -10.16 5.19
N PRO B 138 46.80 -9.28 4.39
CA PRO B 138 45.94 -8.25 4.97
C PRO B 138 44.59 -8.78 5.44
N GLU B 139 44.29 -10.07 5.24
CA GLU B 139 43.08 -10.65 5.80
C GLU B 139 42.99 -10.40 7.29
N ILE B 140 44.13 -10.21 7.96
CA ILE B 140 44.15 -10.02 9.40
C ILE B 140 43.34 -8.78 9.80
N ARG B 141 43.25 -7.80 8.90
CA ARG B 141 42.47 -6.60 9.16
C ARG B 141 41.00 -6.76 8.84
N LEU B 142 40.53 -7.98 8.64
CA LEU B 142 39.10 -8.17 8.39
C LEU B 142 38.26 -7.83 9.60
N ASN B 143 38.86 -7.82 10.80
CA ASN B 143 38.11 -7.40 11.98
C ASN B 143 37.70 -5.95 11.91
N ARG B 144 38.43 -5.13 11.15
CA ARG B 144 38.04 -3.74 10.95
C ARG B 144 36.67 -3.61 10.31
N LEU B 145 36.19 -4.67 9.66
CA LEU B 145 34.86 -4.66 9.07
C LEU B 145 33.75 -4.63 10.09
N LEU B 146 34.07 -4.88 11.36
CA LEU B 146 33.07 -4.89 12.43
C LEU B 146 32.62 -3.49 12.82
N ARG B 147 33.15 -2.45 12.19
CA ARG B 147 32.65 -1.09 12.38
C ARG B 147 31.53 -0.75 11.40
N PHE B 148 30.96 -1.76 10.74
CA PHE B 148 29.89 -1.54 9.76
C PHE B 148 28.74 -0.73 10.33
N SER B 149 28.56 -0.77 11.66
CA SER B 149 27.44 -0.07 12.27
C SER B 149 27.52 1.43 12.03
N ARG B 150 28.72 2.00 12.09
CA ARG B 150 28.88 3.43 11.84
C ARG B 150 28.50 3.78 10.41
N MET B 151 28.90 2.95 9.45
CA MET B 151 28.57 3.20 8.05
C MET B 151 27.06 3.10 7.81
N PHE B 152 26.44 2.04 8.33
CA PHE B 152 25.00 1.88 8.19
C PHE B 152 24.26 3.02 8.89
N GLU B 153 24.77 3.48 10.03
CA GLU B 153 24.14 4.58 10.73
C GLU B 153 24.27 5.88 9.96
N PHE B 154 25.43 6.13 9.36
CA PHE B 154 25.58 7.30 8.51
C PHE B 154 24.60 7.27 7.35
N PHE B 155 24.41 6.10 6.73
CA PHE B 155 23.45 6.01 5.64
C PHE B 155 22.02 6.25 6.14
N GLN B 156 21.66 5.64 7.27
CA GLN B 156 20.33 5.82 7.83
C GLN B 156 20.08 7.29 8.18
N ARG B 157 21.10 7.96 8.70
CA ARG B 157 20.96 9.37 9.06
C ARG B 157 20.89 10.26 7.82
N THR B 158 21.68 9.94 6.79
CA THR B 158 21.61 10.69 5.55
C THR B 158 20.23 10.57 4.92
N GLU B 159 19.65 9.38 4.95
CA GLU B 159 18.35 9.17 4.32
C GLU B 159 17.27 10.03 4.97
N THR B 160 17.34 10.19 6.28
CA THR B 160 16.37 11.00 7.01
C THR B 160 16.77 12.47 7.10
N ARG B 161 17.77 12.89 6.33
CA ARG B 161 18.34 14.22 6.51
C ARG B 161 18.41 14.99 5.20
N THR B 162 18.58 14.27 4.10
CA THR B 162 18.84 14.89 2.82
C THR B 162 17.55 15.41 2.19
N ASN B 163 17.70 16.42 1.34
CA ASN B 163 16.58 16.90 0.54
C ASN B 163 16.24 15.96 -0.61
N TYR B 164 17.13 14.99 -0.89
CA TYR B 164 16.96 14.05 -1.99
C TYR B 164 17.01 12.64 -1.42
N PRO B 165 15.97 12.21 -0.72
CA PRO B 165 16.00 10.87 -0.12
C PRO B 165 16.07 9.76 -1.14
N ASN B 166 15.46 9.95 -2.31
CA ASN B 166 15.43 8.90 -3.31
C ASN B 166 16.71 8.87 -4.13
N ILE B 167 17.29 10.03 -4.40
CA ILE B 167 18.60 10.05 -5.07
C ILE B 167 19.65 9.39 -4.20
N PHE B 168 19.66 9.73 -2.91
CA PHE B 168 20.60 9.07 -2.00
C PHE B 168 20.25 7.60 -1.84
N ARG B 169 18.98 7.25 -1.86
CA ARG B 169 18.59 5.85 -1.77
C ARG B 169 19.15 5.05 -2.94
N ILE B 170 19.07 5.61 -4.15
CA ILE B 170 19.62 4.94 -5.32
C ILE B 170 21.13 4.89 -5.25
N SER B 171 21.76 5.97 -4.77
CA SER B 171 23.21 5.97 -4.63
C SER B 171 23.68 4.93 -3.63
N ASN B 172 22.93 4.77 -2.54
CA ASN B 172 23.27 3.79 -1.51
C ASN B 172 23.06 2.37 -2.02
N LEU B 173 21.99 2.16 -2.78
CA LEU B 173 21.78 0.86 -3.41
C LEU B 173 22.92 0.54 -4.37
N VAL B 174 23.31 1.50 -5.20
CA VAL B 174 24.41 1.28 -6.14
C VAL B 174 25.70 1.01 -5.39
N MET B 175 25.92 1.71 -4.27
CA MET B 175 27.12 1.47 -3.47
C MET B 175 27.13 0.04 -2.93
N TYR B 176 26.02 -0.41 -2.36
CA TYR B 176 25.93 -1.78 -1.87
C TYR B 176 26.17 -2.78 -3.00
N ILE B 177 25.59 -2.52 -4.18
CA ILE B 177 25.72 -3.47 -5.29
C ILE B 177 27.15 -3.51 -5.79
N VAL B 178 27.80 -2.36 -5.89
CA VAL B 178 29.19 -2.32 -6.34
C VAL B 178 30.09 -3.01 -5.32
N ILE B 179 29.80 -2.85 -4.04
CA ILE B 179 30.63 -3.51 -3.03
C ILE B 179 30.42 -5.01 -3.07
N ILE B 180 29.18 -5.47 -3.29
CA ILE B 180 28.95 -6.91 -3.39
C ILE B 180 29.61 -7.47 -4.63
N ILE B 181 29.53 -6.76 -5.76
CA ILE B 181 30.17 -7.22 -6.97
C ILE B 181 31.69 -7.24 -6.82
N HIS B 182 32.23 -6.24 -6.13
CA HIS B 182 33.67 -6.19 -5.88
C HIS B 182 34.10 -7.36 -4.99
N TRP B 183 33.34 -7.63 -3.93
CA TRP B 183 33.64 -8.77 -3.07
C TRP B 183 33.57 -10.08 -3.82
N ASN B 184 32.57 -10.23 -4.69
CA ASN B 184 32.44 -11.44 -5.48
C ASN B 184 33.55 -11.56 -6.51
N ALA B 185 34.02 -10.44 -7.05
CA ALA B 185 35.19 -10.47 -7.94
C ALA B 185 36.43 -10.92 -7.20
N CYS B 186 36.62 -10.43 -5.98
CA CYS B 186 37.74 -10.87 -5.15
C CYS B 186 37.62 -12.36 -4.84
N VAL B 187 36.40 -12.83 -4.58
CA VAL B 187 36.20 -14.25 -4.31
C VAL B 187 36.51 -15.09 -5.54
N PHE B 188 36.09 -14.62 -6.73
CA PHE B 188 36.39 -15.34 -7.95
C PHE B 188 37.90 -15.41 -8.18
N TYR B 189 38.61 -14.31 -7.95
CA TYR B 189 40.05 -14.34 -8.13
C TYR B 189 40.73 -15.24 -7.11
N SER B 190 40.23 -15.27 -5.88
CA SER B 190 40.82 -16.16 -4.87
C SER B 190 40.54 -17.62 -5.19
N ILE B 191 39.36 -17.92 -5.72
CA ILE B 191 39.06 -19.29 -6.13
C ILE B 191 39.93 -19.69 -7.31
N SER B 192 40.15 -18.78 -8.24
CA SER B 192 41.04 -19.04 -9.36
C SER B 192 42.46 -19.28 -8.87
N LYS B 193 42.89 -18.51 -7.87
CA LYS B 193 44.23 -18.69 -7.30
C LYS B 193 44.36 -20.04 -6.62
N ALA B 194 43.35 -20.42 -5.83
CA ALA B 194 43.39 -21.69 -5.13
C ALA B 194 43.36 -22.87 -6.09
N ILE B 195 42.54 -22.79 -7.13
CA ILE B 195 42.52 -23.85 -8.13
C ILE B 195 43.77 -23.79 -9.00
N GLY B 196 44.25 -22.59 -9.28
CA GLY B 196 45.41 -22.41 -10.12
C GLY B 196 45.08 -21.59 -11.34
N PHE B 197 45.75 -20.46 -11.50
CA PHE B 197 45.48 -19.58 -12.62
C PHE B 197 45.74 -20.29 -13.94
N GLY B 198 44.70 -20.42 -14.77
CA GLY B 198 44.83 -21.04 -16.05
C GLY B 198 44.81 -22.54 -16.06
N ASN B 199 44.61 -23.19 -14.90
CA ASN B 199 44.59 -24.65 -14.88
C ASN B 199 43.42 -25.21 -15.65
N ASP B 200 42.31 -24.47 -15.73
CA ASP B 200 41.22 -24.82 -16.63
C ASP B 200 40.67 -23.53 -17.21
N THR B 201 39.68 -23.67 -18.08
CA THR B 201 39.20 -22.53 -18.84
C THR B 201 38.24 -21.65 -18.03
N TRP B 202 37.83 -22.07 -16.85
CA TRP B 202 36.90 -21.30 -16.05
C TRP B 202 37.63 -20.29 -15.17
N VAL B 203 38.70 -20.72 -14.49
CA VAL B 203 39.39 -19.83 -13.57
C VAL B 203 39.99 -18.67 -14.34
N TYR B 204 40.37 -17.64 -13.59
CA TYR B 204 41.14 -16.55 -14.16
C TYR B 204 42.38 -17.12 -14.86
N PRO B 205 42.73 -16.62 -16.04
CA PRO B 205 43.83 -17.24 -16.81
C PRO B 205 45.18 -17.09 -16.14
N ASP B 206 46.22 -17.58 -16.81
CA ASP B 206 47.57 -17.53 -16.26
C ASP B 206 47.99 -16.09 -15.99
N ILE B 207 48.54 -15.84 -14.82
CA ILE B 207 48.96 -14.50 -14.43
C ILE B 207 50.42 -14.29 -14.82
N ASN B 208 51.00 -15.26 -15.52
CA ASN B 208 52.30 -15.07 -16.15
C ASN B 208 52.18 -14.54 -17.57
N ASP B 209 50.95 -14.35 -18.05
CA ASP B 209 50.75 -13.72 -19.34
C ASP B 209 51.00 -12.21 -19.20
N PRO B 210 51.58 -11.58 -20.22
CA PRO B 210 51.76 -10.12 -20.15
C PRO B 210 50.47 -9.36 -20.00
N GLU B 211 49.36 -9.85 -20.56
CA GLU B 211 48.11 -9.11 -20.52
C GLU B 211 47.29 -9.43 -19.27
N PHE B 212 47.10 -10.71 -18.97
CA PHE B 212 46.29 -11.11 -17.83
C PHE B 212 47.08 -11.22 -16.54
N GLY B 213 48.38 -11.01 -16.57
CA GLY B 213 49.16 -10.92 -15.37
C GLY B 213 49.26 -9.53 -14.80
N ARG B 214 48.60 -8.57 -15.43
CA ARG B 214 48.63 -7.18 -15.01
C ARG B 214 47.54 -6.93 -13.99
N LEU B 215 47.87 -6.19 -12.93
CA LEU B 215 46.96 -6.03 -11.80
C LEU B 215 45.66 -5.36 -12.22
N ALA B 216 45.76 -4.33 -13.07
CA ALA B 216 44.55 -3.70 -13.59
C ALA B 216 43.69 -4.71 -14.32
N ARG B 217 44.31 -5.56 -15.13
CA ARG B 217 43.56 -6.60 -15.84
C ARG B 217 42.97 -7.61 -14.87
N LYS B 218 43.76 -8.05 -13.88
CA LYS B 218 43.25 -9.00 -12.91
C LYS B 218 41.99 -8.48 -12.26
N TYR B 219 42.05 -7.28 -11.70
CA TYR B 219 40.89 -6.74 -11.03
C TYR B 219 39.75 -6.47 -11.99
N VAL B 220 40.03 -5.95 -13.18
CA VAL B 220 38.92 -5.52 -14.02
C VAL B 220 38.23 -6.72 -14.66
N TYR B 221 38.98 -7.78 -14.96
CA TYR B 221 38.33 -8.99 -15.46
C TYR B 221 37.59 -9.70 -14.34
N SER B 222 38.14 -9.70 -13.12
CA SER B 222 37.42 -10.29 -12.01
C SER B 222 36.11 -9.54 -11.76
N LEU B 223 36.15 -8.21 -11.85
CA LEU B 223 34.95 -7.41 -11.67
C LEU B 223 33.97 -7.65 -12.81
N TYR B 224 34.47 -7.84 -14.03
CA TYR B 224 33.61 -8.14 -15.16
C TYR B 224 32.94 -9.49 -14.98
N TRP B 225 33.70 -10.50 -14.57
CA TRP B 225 33.16 -11.82 -14.27
C TRP B 225 32.08 -11.73 -13.20
N SER B 226 32.37 -10.99 -12.12
CA SER B 226 31.43 -10.88 -11.02
C SER B 226 30.17 -10.13 -11.42
N THR B 227 30.30 -9.14 -12.29
CA THR B 227 29.12 -8.44 -12.79
C THR B 227 28.29 -9.32 -13.70
N LEU B 228 28.96 -10.09 -14.56
CA LEU B 228 28.26 -11.04 -15.43
C LEU B 228 27.50 -12.07 -14.60
N THR B 229 28.09 -12.50 -13.49
CA THR B 229 27.49 -13.57 -12.70
C THR B 229 26.41 -13.06 -11.76
N LEU B 230 26.67 -11.96 -11.05
CA LEU B 230 25.72 -11.43 -10.09
C LEU B 230 24.57 -10.68 -10.73
N THR B 231 24.67 -10.31 -12.01
CA THR B 231 23.55 -9.73 -12.72
C THR B 231 22.89 -10.73 -13.65
N THR B 232 23.22 -12.01 -13.50
CA THR B 232 22.56 -13.12 -14.22
C THR B 232 22.64 -12.95 -15.73
N ILE B 233 23.72 -12.33 -16.22
CA ILE B 233 23.99 -12.33 -17.63
C ILE B 233 24.63 -13.65 -18.05
N GLY B 234 25.73 -14.02 -17.40
CA GLY B 234 26.28 -15.34 -17.54
C GLY B 234 27.22 -15.56 -18.71
N GLU B 235 27.72 -14.50 -19.33
CA GLU B 235 28.57 -14.70 -20.50
C GLU B 235 30.01 -14.97 -20.08
N THR B 236 30.21 -15.90 -19.17
CA THR B 236 31.52 -16.29 -18.70
C THR B 236 31.84 -17.70 -19.18
N PRO B 237 33.13 -18.06 -19.25
CA PRO B 237 33.48 -19.44 -19.53
C PRO B 237 32.85 -20.37 -18.51
N PRO B 238 32.19 -21.44 -18.96
CA PRO B 238 31.46 -22.31 -18.04
C PRO B 238 32.41 -23.07 -17.13
N PRO B 239 31.92 -23.55 -15.99
CA PRO B 239 32.78 -24.28 -15.06
C PRO B 239 33.33 -25.56 -15.68
N VAL B 240 34.42 -25.99 -15.15
CA VAL B 240 35.05 -27.15 -15.65
C VAL B 240 34.97 -28.17 -14.56
N ARG B 241 35.40 -27.82 -13.38
CA ARG B 241 35.40 -28.67 -12.22
C ARG B 241 34.18 -28.52 -11.39
N ASP B 242 33.96 -29.47 -10.52
CA ASP B 242 32.81 -29.54 -9.67
C ASP B 242 32.61 -28.39 -8.71
N SER B 243 33.70 -27.94 -8.11
CA SER B 243 33.67 -26.87 -7.17
C SER B 243 33.32 -25.66 -7.96
N GLU B 244 33.79 -25.60 -9.17
CA GLU B 244 33.43 -24.45 -10.00
C GLU B 244 31.96 -24.46 -10.34
N TYR B 245 31.40 -25.63 -10.63
CA TYR B 245 29.96 -25.73 -10.84
C TYR B 245 29.20 -25.30 -9.59
N VAL B 246 29.63 -25.78 -8.42
CA VAL B 246 28.97 -25.43 -7.17
C VAL B 246 29.02 -23.92 -6.94
N PHE B 247 30.22 -23.34 -7.09
CA PHE B 247 30.38 -21.91 -6.84
C PHE B 247 29.58 -21.10 -7.83
N VAL B 248 29.53 -21.53 -9.09
CA VAL B 248 28.80 -20.77 -10.10
C VAL B 248 27.30 -20.86 -9.86
N VAL B 249 26.83 -22.01 -9.38
CA VAL B 249 25.42 -22.14 -9.01
C VAL B 249 25.10 -21.21 -7.84
N VAL B 250 25.92 -21.27 -6.79
CA VAL B 250 25.68 -20.44 -5.62
C VAL B 250 25.76 -18.96 -5.98
N ASP B 251 26.65 -18.61 -6.89
CA ASP B 251 26.86 -17.21 -7.25
C ASP B 251 25.77 -16.71 -8.17
N PHE B 252 25.25 -17.57 -9.06
CA PHE B 252 24.05 -17.24 -9.82
C PHE B 252 22.84 -17.05 -8.91
N LEU B 253 22.72 -17.87 -7.87
CA LEU B 253 21.59 -17.71 -6.95
C LEU B 253 21.73 -16.43 -6.14
N ILE B 254 22.93 -16.14 -5.66
CA ILE B 254 23.19 -14.88 -4.99
C ILE B 254 22.88 -13.72 -5.92
N GLY B 255 23.23 -13.85 -7.20
CA GLY B 255 22.97 -12.77 -8.14
C GLY B 255 21.49 -12.59 -8.42
N VAL B 256 20.75 -13.69 -8.45
CA VAL B 256 19.29 -13.59 -8.59
C VAL B 256 18.69 -12.88 -7.39
N LEU B 257 19.16 -13.22 -6.19
CA LEU B 257 18.68 -12.53 -4.99
C LEU B 257 19.07 -11.06 -5.01
N ILE B 258 20.26 -10.74 -5.50
CA ILE B 258 20.70 -9.36 -5.57
C ILE B 258 19.85 -8.58 -6.56
N PHE B 259 19.59 -9.15 -7.72
CA PHE B 259 18.74 -8.49 -8.70
C PHE B 259 17.33 -8.29 -8.15
N ALA B 260 16.79 -9.31 -7.48
CA ALA B 260 15.47 -9.18 -6.89
C ALA B 260 15.46 -8.11 -5.82
N THR B 261 16.55 -7.97 -5.05
CA THR B 261 16.63 -6.93 -4.05
C THR B 261 16.72 -5.55 -4.68
N ILE B 262 17.49 -5.43 -5.76
CA ILE B 262 17.57 -4.15 -6.46
C ILE B 262 16.20 -3.75 -6.98
N VAL B 263 15.50 -4.69 -7.60
CA VAL B 263 14.18 -4.40 -8.14
C VAL B 263 13.21 -4.08 -7.02
N GLY B 264 13.28 -4.82 -5.91
CA GLY B 264 12.40 -4.56 -4.80
C GLY B 264 12.62 -3.19 -4.19
N ASN B 265 13.88 -2.80 -4.01
CA ASN B 265 14.19 -1.49 -3.46
C ASN B 265 13.74 -0.38 -4.40
N ILE B 266 14.03 -0.52 -5.69
CA ILE B 266 13.67 0.53 -6.63
C ILE B 266 12.16 0.60 -6.80
N GLY B 267 11.48 -0.54 -6.76
CA GLY B 267 10.04 -0.54 -6.89
C GLY B 267 9.34 -0.01 -5.65
N SER B 268 9.87 -0.31 -4.46
CA SER B 268 9.37 0.30 -3.25
C SER B 268 9.56 1.80 -3.27
N MET B 269 10.71 2.25 -3.76
CA MET B 269 10.97 3.67 -3.87
C MET B 269 10.02 4.33 -4.87
N ILE B 270 9.76 3.66 -6.00
CA ILE B 270 8.85 4.21 -7.00
C ILE B 270 7.43 4.24 -6.47
N SER B 271 7.04 3.22 -5.71
CA SER B 271 5.73 3.21 -5.08
C SER B 271 5.58 4.38 -4.11
N ASN B 272 6.58 4.58 -3.26
CA ASN B 272 6.51 5.68 -2.30
C ASN B 272 6.57 7.03 -3.00
N MET B 273 7.24 7.09 -4.16
CA MET B 273 7.37 8.36 -4.86
C MET B 273 6.05 8.84 -5.43
N ASN B 274 5.24 7.92 -5.94
CA ASN B 274 3.96 8.28 -6.53
C ASN B 274 2.79 7.70 -5.74
N ALA B 275 2.98 7.46 -4.45
CA ALA B 275 1.87 7.05 -3.61
C ALA B 275 0.93 8.20 -3.33
N ALA B 276 1.45 9.43 -3.23
CA ALA B 276 0.59 10.59 -3.05
C ALA B 276 -0.29 10.81 -4.28
N ARG B 277 0.32 10.77 -5.47
CA ARG B 277 -0.45 10.87 -6.69
C ARG B 277 -1.42 9.71 -6.85
N ALA B 278 -1.03 8.51 -6.40
CA ALA B 278 -1.93 7.37 -6.49
C ALA B 278 -3.15 7.56 -5.59
N GLU B 279 -2.93 8.03 -4.37
CA GLU B 279 -4.03 8.30 -3.45
C GLU B 279 -4.93 9.41 -3.97
N PHE B 280 -4.33 10.46 -4.51
CA PHE B 280 -5.11 11.57 -5.07
C PHE B 280 -5.95 11.11 -6.25
N GLN B 281 -5.33 10.37 -7.16
CA GLN B 281 -6.07 9.84 -8.31
C GLN B 281 -7.13 8.84 -7.88
N ALA B 282 -6.90 8.11 -6.79
CA ALA B 282 -7.94 7.21 -6.29
C ALA B 282 -9.13 8.00 -5.79
N ARG B 283 -8.89 9.09 -5.06
CA ARG B 283 -9.98 9.97 -4.65
C ARG B 283 -10.71 10.53 -5.87
N ILE B 284 -9.95 10.99 -6.86
CA ILE B 284 -10.53 11.55 -8.08
C ILE B 284 -11.40 10.52 -8.78
N ASP B 285 -10.92 9.28 -8.88
CA ASP B 285 -11.67 8.24 -9.57
C ASP B 285 -12.91 7.84 -8.78
N ALA B 286 -12.80 7.79 -7.46
CA ALA B 286 -13.96 7.48 -6.65
C ALA B 286 -15.04 8.55 -6.81
N ILE B 287 -14.63 9.81 -6.86
CA ILE B 287 -15.61 10.88 -7.03
C ILE B 287 -16.16 10.90 -8.44
N LYS B 288 -15.34 10.56 -9.43
CA LYS B 288 -15.84 10.41 -10.80
C LYS B 288 -16.87 9.30 -10.88
N GLN B 289 -16.60 8.18 -10.19
CA GLN B 289 -17.54 7.08 -10.16
C GLN B 289 -18.85 7.48 -9.51
N TYR B 290 -18.77 8.15 -8.36
CA TYR B 290 -19.97 8.65 -7.72
C TYR B 290 -20.75 9.58 -8.63
N MET B 291 -20.06 10.53 -9.27
CA MET B 291 -20.75 11.53 -10.07
C MET B 291 -21.42 10.90 -11.29
N HIS B 292 -20.70 10.03 -11.99
CA HIS B 292 -21.28 9.36 -13.15
C HIS B 292 -22.43 8.45 -12.74
N PHE B 293 -22.31 7.81 -11.58
CA PHE B 293 -23.39 6.96 -11.11
C PHE B 293 -24.59 7.79 -10.65
N ARG B 294 -24.34 8.84 -9.88
CA ARG B 294 -25.41 9.72 -9.40
C ARG B 294 -25.90 10.67 -10.45
N ASN B 295 -25.47 10.48 -11.69
CA ASN B 295 -25.88 11.34 -12.78
C ASN B 295 -25.69 12.83 -12.49
N VAL B 296 -24.58 13.19 -11.84
CA VAL B 296 -24.24 14.59 -11.64
C VAL B 296 -24.09 15.25 -13.00
N SER B 297 -24.64 16.45 -13.13
CA SER B 297 -24.61 17.15 -14.40
C SER B 297 -23.18 17.35 -14.87
N LYS B 298 -23.00 17.36 -16.19
CA LYS B 298 -21.67 17.47 -16.76
C LYS B 298 -21.01 18.79 -16.39
N ASP B 299 -21.81 19.83 -16.14
CA ASP B 299 -21.25 21.10 -15.67
C ASP B 299 -20.57 20.93 -14.31
N MET B 300 -21.28 20.35 -13.34
CA MET B 300 -20.70 20.14 -12.03
C MET B 300 -19.61 19.08 -12.06
N GLU B 301 -19.72 18.12 -12.97
CA GLU B 301 -18.68 17.11 -13.14
C GLU B 301 -17.38 17.77 -13.58
N LYS B 302 -17.47 18.69 -14.54
CA LYS B 302 -16.30 19.45 -14.97
C LYS B 302 -15.81 20.40 -13.88
N ARG B 303 -16.72 20.95 -13.08
CA ARG B 303 -16.30 21.81 -11.97
C ARG B 303 -15.49 21.02 -10.96
N VAL B 304 -15.89 19.79 -10.66
CA VAL B 304 -15.16 18.95 -9.73
C VAL B 304 -13.81 18.54 -10.31
N ILE B 305 -13.79 18.19 -11.59
CA ILE B 305 -12.52 17.83 -12.22
C ILE B 305 -11.55 19.01 -12.20
N LYS B 306 -12.07 20.21 -12.49
CA LYS B 306 -11.23 21.40 -12.46
C LYS B 306 -10.75 21.70 -11.05
N TRP B 307 -11.60 21.47 -10.05
CA TRP B 307 -11.20 21.68 -8.68
C TRP B 307 -10.05 20.76 -8.29
N PHE B 308 -10.12 19.50 -8.69
CA PHE B 308 -9.05 18.57 -8.33
C PHE B 308 -7.78 18.87 -9.12
N ASP B 309 -7.91 19.30 -10.38
CA ASP B 309 -6.74 19.76 -11.11
C ASP B 309 -6.08 20.94 -10.40
N TYR B 310 -6.90 21.86 -9.88
CA TYR B 310 -6.36 22.99 -9.13
C TYR B 310 -5.64 22.52 -7.87
N LEU B 311 -6.26 21.60 -7.14
CA LEU B 311 -5.64 21.06 -5.92
C LEU B 311 -4.28 20.46 -6.22
N TRP B 312 -4.20 19.62 -7.24
CA TRP B 312 -2.93 18.96 -7.54
C TRP B 312 -1.90 19.95 -8.07
N THR B 313 -2.31 20.84 -8.97
CA THR B 313 -1.37 21.78 -9.57
C THR B 313 -0.76 22.70 -8.54
N ASN B 314 -1.49 23.02 -7.47
CA ASN B 314 -1.06 24.01 -6.50
C ASN B 314 -0.64 23.41 -5.17
N LYS B 315 -0.46 22.09 -5.12
CA LYS B 315 0.08 21.40 -3.95
C LYS B 315 -0.78 21.66 -2.71
N LYS B 316 -2.08 21.46 -2.85
CA LYS B 316 -3.02 21.58 -1.74
C LYS B 316 -3.88 20.33 -1.62
N THR B 317 -3.33 19.19 -2.03
CA THR B 317 -4.09 17.94 -2.05
C THR B 317 -4.36 17.40 -0.66
N VAL B 318 -3.58 17.80 0.32
CA VAL B 318 -3.68 17.28 1.67
C VAL B 318 -4.66 18.11 2.48
N ASP B 319 -5.50 17.42 3.26
CA ASP B 319 -6.51 18.08 4.08
C ASP B 319 -5.85 18.68 5.32
N GLU B 320 -6.04 19.99 5.51
CA GLU B 320 -5.37 20.69 6.60
C GLU B 320 -5.63 20.03 7.95
N LYS B 321 -6.88 19.64 8.20
CA LYS B 321 -7.21 19.03 9.49
C LYS B 321 -6.51 17.69 9.66
N GLU B 322 -6.60 16.83 8.64
CA GLU B 322 -5.99 15.51 8.70
C GLU B 322 -4.48 15.56 8.58
N VAL B 323 -3.92 16.71 8.20
CA VAL B 323 -2.48 16.90 8.21
C VAL B 323 -1.99 17.38 9.56
N LEU B 324 -2.70 18.33 10.17
CA LEU B 324 -2.29 18.82 11.47
C LEU B 324 -2.60 17.83 12.58
N LYS B 325 -3.46 16.84 12.34
CA LYS B 325 -3.72 15.84 13.37
C LYS B 325 -2.46 15.06 13.75
N TYR B 326 -1.46 15.01 12.86
CA TYR B 326 -0.22 14.31 13.17
C TYR B 326 0.65 15.09 14.16
N LEU B 327 0.47 16.40 14.24
CA LEU B 327 1.23 17.20 15.17
C LEU B 327 0.72 16.96 16.59
N PRO B 328 1.55 17.23 17.60
CA PRO B 328 1.05 17.27 18.98
C PRO B 328 0.17 18.49 19.18
N ASP B 329 -0.57 18.48 20.28
CA ASP B 329 -1.46 19.61 20.57
C ASP B 329 -0.68 20.90 20.73
N LYS B 330 0.47 20.84 21.40
CA LYS B 330 1.25 22.05 21.61
C LYS B 330 1.81 22.58 20.30
N LEU B 331 2.37 21.69 19.48
CA LEU B 331 2.95 22.13 18.22
C LEU B 331 1.87 22.52 17.21
N ARG B 332 0.74 21.82 17.23
CA ARG B 332 -0.37 22.21 16.38
C ARG B 332 -0.91 23.58 16.77
N ALA B 333 -0.99 23.84 18.08
CA ALA B 333 -1.40 25.16 18.55
C ALA B 333 -0.39 26.23 18.15
N GLU B 334 0.91 25.92 18.23
CA GLU B 334 1.91 26.89 17.80
C GLU B 334 1.80 27.18 16.31
N ILE B 335 1.58 26.15 15.49
CA ILE B 335 1.36 26.34 14.06
C ILE B 335 0.14 27.22 13.84
N ALA B 336 -0.99 26.88 14.48
CA ALA B 336 -2.21 27.62 14.29
C ALA B 336 -2.04 29.08 14.70
N ILE B 337 -1.35 29.32 15.81
CA ILE B 337 -1.09 30.69 16.24
C ILE B 337 -0.28 31.41 15.17
N ASN B 338 0.87 30.86 14.81
CA ASN B 338 1.76 31.49 13.83
C ASN B 338 1.05 31.75 12.52
N VAL B 339 0.01 30.98 12.19
CA VAL B 339 -0.70 31.18 10.93
C VAL B 339 -1.84 32.19 11.07
N HIS B 340 -2.60 32.14 12.18
CA HIS B 340 -3.89 32.82 12.24
C HIS B 340 -3.97 33.97 13.23
N LEU B 341 -3.07 34.05 14.20
CA LEU B 341 -3.29 34.94 15.34
C LEU B 341 -3.32 36.40 14.94
N ASP B 342 -2.49 36.81 13.98
CA ASP B 342 -2.48 38.21 13.60
C ASP B 342 -3.79 38.63 12.94
N THR B 343 -4.24 37.85 11.96
CA THR B 343 -5.51 38.17 11.31
C THR B 343 -6.68 38.07 12.28
N LEU B 344 -6.58 37.19 13.29
CA LEU B 344 -7.67 37.10 14.25
C LEU B 344 -7.67 38.27 15.22
N LYS B 345 -6.50 38.78 15.58
CA LYS B 345 -6.45 40.00 16.37
C LYS B 345 -6.98 41.20 15.59
N LYS B 346 -6.70 41.25 14.28
CA LYS B 346 -7.17 42.37 13.48
C LYS B 346 -8.68 42.52 13.51
N VAL B 347 -9.42 41.44 13.80
CA VAL B 347 -10.87 41.52 13.89
C VAL B 347 -11.26 42.50 15.00
N ARG B 348 -12.31 43.29 14.74
CA ARG B 348 -12.63 44.39 15.65
C ARG B 348 -13.21 43.89 16.96
N ILE B 349 -14.03 42.84 16.92
CA ILE B 349 -14.61 42.34 18.16
C ILE B 349 -13.56 41.67 19.03
N PHE B 350 -12.62 40.94 18.41
CA PHE B 350 -11.56 40.27 19.13
C PHE B 350 -10.34 41.16 19.33
N ALA B 351 -10.50 42.48 19.20
CA ALA B 351 -9.34 43.37 19.23
C ALA B 351 -8.73 43.47 20.62
N ASP B 352 -9.56 43.44 21.67
CA ASP B 352 -9.11 43.64 23.02
C ASP B 352 -9.57 42.52 23.94
N CYS B 353 -9.44 41.27 23.48
CA CYS B 353 -9.72 40.11 24.31
C CYS B 353 -8.43 39.39 24.63
N GLU B 354 -8.43 38.68 25.75
CA GLU B 354 -7.19 38.13 26.28
C GLU B 354 -6.65 37.02 25.38
N ALA B 355 -5.37 36.69 25.61
CA ALA B 355 -4.61 35.90 24.66
C ALA B 355 -5.05 34.44 24.66
N GLY B 356 -5.35 33.88 25.83
CA GLY B 356 -5.82 32.50 25.88
C GLY B 356 -7.07 32.28 25.06
N LEU B 357 -7.99 33.25 25.10
CA LEU B 357 -9.19 33.14 24.28
C LEU B 357 -8.86 33.21 22.80
N LEU B 358 -7.93 34.09 22.42
CA LEU B 358 -7.57 34.19 21.01
C LEU B 358 -6.90 32.91 20.52
N VAL B 359 -6.13 32.23 21.38
CA VAL B 359 -5.54 30.96 20.99
C VAL B 359 -6.61 29.88 20.87
N GLU B 360 -7.53 29.85 21.83
CA GLU B 360 -8.64 28.91 21.78
C GLU B 360 -9.47 29.11 20.51
N LEU B 361 -9.59 30.35 20.04
CA LEU B 361 -10.33 30.63 18.82
C LEU B 361 -9.54 30.27 17.57
N VAL B 362 -8.25 30.63 17.54
CA VAL B 362 -7.37 30.25 16.45
C VAL B 362 -7.42 28.75 16.22
N LEU B 363 -7.41 27.96 17.30
CA LEU B 363 -7.48 26.52 17.16
C LEU B 363 -8.80 26.04 16.60
N LYS B 364 -9.80 26.90 16.47
CA LYS B 364 -11.12 26.53 16.00
C LYS B 364 -11.47 27.07 14.63
N LEU B 365 -10.52 27.72 13.95
CA LEU B 365 -10.78 28.17 12.59
C LEU B 365 -10.80 26.98 11.65
N GLN B 366 -11.79 26.94 10.76
CA GLN B 366 -11.92 25.84 9.82
C GLN B 366 -11.66 26.36 8.42
N PRO B 367 -10.71 25.78 7.68
CA PRO B 367 -10.42 26.28 6.34
C PRO B 367 -11.56 25.98 5.38
N GLN B 368 -11.94 27.00 4.60
CA GLN B 368 -12.95 26.87 3.57
C GLN B 368 -12.38 27.47 2.30
N VAL B 369 -12.14 26.64 1.30
CA VAL B 369 -11.60 27.11 0.03
C VAL B 369 -12.74 27.17 -0.98
N TYR B 370 -12.70 28.20 -1.83
CA TYR B 370 -13.77 28.45 -2.77
C TYR B 370 -13.17 28.60 -4.16
N SER B 371 -13.99 28.41 -5.15
CA SER B 371 -13.60 28.55 -6.54
C SER B 371 -14.00 29.90 -7.08
N PRO B 372 -13.42 30.34 -8.20
CA PRO B 372 -13.88 31.58 -8.83
C PRO B 372 -15.37 31.56 -9.12
N GLY B 373 -16.06 32.59 -8.68
CA GLY B 373 -17.49 32.70 -8.85
C GLY B 373 -18.32 32.04 -7.78
N ASP B 374 -17.70 31.27 -6.89
CA ASP B 374 -18.44 30.67 -5.79
C ASP B 374 -18.97 31.74 -4.86
N TYR B 375 -20.23 31.59 -4.45
CA TYR B 375 -20.82 32.47 -3.47
C TYR B 375 -20.53 31.94 -2.08
N ILE B 376 -19.83 32.73 -1.28
CA ILE B 376 -19.66 32.39 0.13
C ILE B 376 -20.95 32.60 0.89
N CYS B 377 -21.64 33.70 0.61
CA CYS B 377 -22.89 34.05 1.25
C CYS B 377 -23.82 34.67 0.22
N LYS B 378 -25.11 34.45 0.40
CA LYS B 378 -26.14 35.17 -0.34
C LYS B 378 -27.00 35.94 0.64
N LYS B 379 -27.58 37.03 0.17
CA LYS B 379 -28.51 37.78 0.98
C LYS B 379 -29.68 36.89 1.35
N GLY B 380 -29.84 36.62 2.63
CA GLY B 380 -30.86 35.72 3.12
C GLY B 380 -30.35 34.38 3.59
N ASP B 381 -29.09 34.05 3.30
CA ASP B 381 -28.52 32.83 3.87
C ASP B 381 -28.40 32.97 5.38
N ILE B 382 -28.38 31.82 6.06
CA ILE B 382 -28.23 31.82 7.51
C ILE B 382 -26.81 32.21 7.85
N GLY B 383 -26.66 33.31 8.59
CA GLY B 383 -25.34 33.70 9.04
C GLY B 383 -25.03 33.14 10.41
N ARG B 384 -24.38 31.99 10.43
CA ARG B 384 -23.94 31.35 11.66
C ARG B 384 -22.43 31.31 11.79
N GLU B 385 -21.71 31.80 10.79
CA GLU B 385 -20.26 31.64 10.70
C GLU B 385 -19.63 32.98 10.37
N MET B 386 -18.42 33.18 10.87
CA MET B 386 -17.61 34.34 10.53
C MET B 386 -16.44 33.90 9.67
N TYR B 387 -16.11 34.70 8.66
CA TYR B 387 -15.10 34.34 7.68
C TYR B 387 -13.94 35.32 7.72
N ILE B 388 -12.72 34.78 7.67
CA ILE B 388 -11.51 35.58 7.51
C ILE B 388 -10.86 35.18 6.20
N ILE B 389 -10.44 36.16 5.42
CA ILE B 389 -9.84 35.91 4.12
C ILE B 389 -8.34 35.74 4.28
N LYS B 390 -7.83 34.57 3.88
CA LYS B 390 -6.41 34.32 3.76
C LYS B 390 -6.14 33.94 2.31
N GLU B 391 -5.29 34.70 1.63
CA GLU B 391 -4.95 34.43 0.23
C GLU B 391 -6.21 34.31 -0.62
N GLY B 392 -6.90 35.43 -0.76
CA GLY B 392 -8.06 35.42 -1.61
C GLY B 392 -8.56 36.82 -1.88
N LYS B 393 -9.62 36.89 -2.67
CA LYS B 393 -10.26 38.16 -2.99
C LYS B 393 -11.75 37.90 -3.10
N LEU B 394 -12.52 38.48 -2.19
CA LEU B 394 -13.97 38.37 -2.20
C LEU B 394 -14.58 39.68 -2.71
N ALA B 395 -15.74 39.56 -3.33
CA ALA B 395 -16.45 40.71 -3.87
C ALA B 395 -17.84 40.76 -3.26
N VAL B 396 -18.13 41.83 -2.53
CA VAL B 396 -19.49 42.11 -2.11
C VAL B 396 -20.27 42.57 -3.34
N VAL B 397 -21.23 41.76 -3.79
CA VAL B 397 -21.93 42.01 -5.04
C VAL B 397 -23.40 42.24 -4.76
N ALA B 398 -24.11 42.69 -5.79
CA ALA B 398 -25.52 42.96 -5.70
C ALA B 398 -26.32 41.70 -6.04
N ASP B 399 -27.65 41.82 -6.02
CA ASP B 399 -28.50 40.67 -6.31
C ASP B 399 -28.35 40.19 -7.74
N ASP B 400 -27.97 41.08 -8.66
CA ASP B 400 -27.69 40.64 -10.01
C ASP B 400 -26.43 39.78 -10.07
N GLY B 401 -25.48 40.02 -9.18
CA GLY B 401 -24.29 39.22 -9.07
C GLY B 401 -23.13 39.62 -9.94
N VAL B 402 -23.17 40.83 -10.53
CA VAL B 402 -22.08 41.28 -11.39
C VAL B 402 -21.49 42.59 -10.87
N THR B 403 -22.30 43.37 -10.16
CA THR B 403 -21.89 44.67 -9.67
C THR B 403 -21.19 44.51 -8.32
N GLN B 404 -19.91 44.86 -8.26
CA GLN B 404 -19.11 44.69 -7.05
C GLN B 404 -19.14 45.98 -6.24
N PHE B 405 -19.78 45.93 -5.07
CA PHE B 405 -19.71 47.05 -4.14
C PHE B 405 -18.29 47.18 -3.59
N VAL B 406 -17.83 46.15 -2.89
CA VAL B 406 -16.54 46.16 -2.23
C VAL B 406 -15.77 44.94 -2.70
N VAL B 407 -14.44 45.05 -2.67
CA VAL B 407 -13.54 43.93 -2.96
C VAL B 407 -12.77 43.64 -1.68
N LEU B 408 -13.11 42.54 -1.03
CA LEU B 408 -12.49 42.14 0.23
C LEU B 408 -11.26 41.29 -0.06
N SER B 409 -10.11 41.73 0.41
CA SER B 409 -8.85 41.06 0.14
C SER B 409 -8.42 40.23 1.35
N ASP B 410 -7.22 39.68 1.30
CA ASP B 410 -6.72 38.88 2.41
C ASP B 410 -6.60 39.71 3.67
N GLY B 411 -6.74 39.07 4.81
CA GLY B 411 -6.71 39.76 6.08
C GLY B 411 -8.06 40.33 6.46
N SER B 412 -8.87 40.65 5.46
CA SER B 412 -10.21 41.15 5.71
C SER B 412 -11.10 40.03 6.25
N TYR B 413 -12.29 40.42 6.69
CA TYR B 413 -13.21 39.48 7.31
C TYR B 413 -14.63 40.01 7.18
N PHE B 414 -15.59 39.14 7.47
CA PHE B 414 -16.99 39.54 7.53
C PHE B 414 -17.75 38.52 8.35
N GLY B 415 -18.95 38.89 8.75
CA GLY B 415 -19.80 38.00 9.53
C GLY B 415 -19.47 37.92 10.99
N GLU B 416 -18.67 38.85 11.52
CA GLU B 416 -18.27 38.78 12.92
C GLU B 416 -19.43 39.08 13.87
N ILE B 417 -20.46 39.78 13.40
CA ILE B 417 -21.63 39.99 14.25
C ILE B 417 -22.54 38.77 14.22
N SER B 418 -22.62 38.08 13.10
CA SER B 418 -23.49 36.92 12.98
C SER B 418 -23.13 35.79 13.94
N ILE B 419 -21.95 35.82 14.54
CA ILE B 419 -21.54 34.79 15.49
C ILE B 419 -21.73 35.22 16.94
N LEU B 420 -22.28 36.40 17.18
CA LEU B 420 -22.52 36.87 18.53
C LEU B 420 -24.00 36.76 18.88
N ASN B 421 -24.28 36.28 20.08
CA ASN B 421 -25.63 36.31 20.65
C ASN B 421 -25.83 37.68 21.27
N ILE B 422 -26.36 38.61 20.49
CA ILE B 422 -26.55 39.98 20.92
C ILE B 422 -28.03 40.18 21.23
N LYS B 423 -28.33 40.45 22.50
CA LYS B 423 -29.71 40.72 22.91
C LYS B 423 -30.29 41.88 22.12
N GLY B 424 -31.49 41.66 21.57
CA GLY B 424 -32.18 42.68 20.81
C GLY B 424 -31.45 43.10 19.54
N SER B 425 -31.30 42.16 18.61
CA SER B 425 -30.69 42.45 17.33
C SER B 425 -31.78 42.61 16.28
N LYS B 426 -31.76 43.75 15.58
CA LYS B 426 -32.76 44.00 14.55
C LYS B 426 -32.66 42.99 13.41
N ALA B 427 -31.52 42.92 12.74
CA ALA B 427 -31.30 41.99 11.64
C ALA B 427 -30.23 40.99 12.07
N GLY B 428 -30.64 39.75 12.27
CA GLY B 428 -29.73 38.71 12.68
C GLY B 428 -30.05 37.40 11.98
N ASN B 429 -29.14 36.44 12.15
CA ASN B 429 -29.27 35.08 11.64
C ASN B 429 -29.34 35.03 10.12
N ARG B 430 -29.14 36.16 9.44
CA ARG B 430 -29.27 36.23 8.00
C ARG B 430 -28.14 37.10 7.43
N ARG B 431 -27.61 36.69 6.28
CA ARG B 431 -26.60 37.47 5.60
C ARG B 431 -27.26 38.62 4.84
N THR B 432 -26.72 39.82 4.99
CA THR B 432 -27.23 40.99 4.29
C THR B 432 -26.40 41.36 3.07
N ALA B 433 -25.41 40.55 2.72
CA ALA B 433 -24.58 40.81 1.56
C ALA B 433 -24.43 39.54 0.75
N ASN B 434 -24.15 39.71 -0.53
CA ASN B 434 -23.78 38.61 -1.43
C ASN B 434 -22.27 38.63 -1.54
N ILE B 435 -21.61 37.72 -0.86
CA ILE B 435 -20.15 37.61 -0.86
C ILE B 435 -19.77 36.57 -1.89
N LYS B 436 -19.03 36.98 -2.92
CA LYS B 436 -18.63 36.09 -3.99
C LYS B 436 -17.11 35.96 -4.00
N SER B 437 -16.64 34.81 -4.48
CA SER B 437 -15.22 34.55 -4.62
C SER B 437 -14.78 34.96 -6.02
N ILE B 438 -13.83 35.90 -6.10
CA ILE B 438 -13.27 36.31 -7.38
C ILE B 438 -12.28 35.23 -7.83
N GLY B 439 -12.04 34.25 -6.96
CA GLY B 439 -11.26 33.09 -7.31
C GLY B 439 -10.34 32.61 -6.20
N TYR B 440 -10.50 31.34 -5.85
CA TYR B 440 -9.60 30.61 -4.97
C TYR B 440 -9.28 31.43 -3.72
N SER B 441 -10.33 31.59 -2.91
CA SER B 441 -10.31 32.57 -1.83
C SER B 441 -9.62 32.04 -0.58
N ASP B 442 -9.77 30.76 -0.26
CA ASP B 442 -9.12 30.15 0.89
C ASP B 442 -9.49 30.87 2.20
N LEU B 443 -10.77 30.80 2.54
CA LEU B 443 -11.25 31.46 3.75
C LEU B 443 -11.04 30.58 4.96
N PHE B 444 -11.04 31.21 6.14
CA PHE B 444 -11.01 30.51 7.41
C PHE B 444 -12.23 30.92 8.22
N CYS B 445 -12.96 29.93 8.68
CA CYS B 445 -14.30 30.13 9.23
C CYS B 445 -14.29 29.94 10.73
N LEU B 446 -15.02 30.81 11.42
CA LEU B 446 -15.27 30.70 12.86
C LEU B 446 -16.77 30.66 13.06
N SER B 447 -17.30 29.47 13.34
CA SER B 447 -18.74 29.32 13.50
C SER B 447 -19.19 29.90 14.85
N LYS B 448 -20.50 29.98 15.01
CA LYS B 448 -21.05 30.49 16.27
C LYS B 448 -20.90 29.48 17.39
N ASP B 449 -21.17 28.20 17.09
CA ASP B 449 -20.99 27.16 18.11
C ASP B 449 -19.55 27.07 18.54
N ASP B 450 -18.60 27.26 17.62
CA ASP B 450 -17.18 27.25 17.98
C ASP B 450 -16.86 28.39 18.92
N LEU B 451 -17.36 29.59 18.64
CA LEU B 451 -17.12 30.73 19.51
C LEU B 451 -17.72 30.51 20.89
N MET B 452 -18.91 29.90 20.94
CA MET B 452 -19.54 29.64 22.24
C MET B 452 -18.74 28.61 23.04
N GLU B 453 -18.31 27.54 22.38
CA GLU B 453 -17.49 26.54 23.06
C GLU B 453 -16.18 27.15 23.55
N ALA B 454 -15.63 28.08 22.77
CA ALA B 454 -14.39 28.74 23.20
C ALA B 454 -14.64 29.68 24.38
N LEU B 455 -15.78 30.36 24.39
CA LEU B 455 -16.10 31.32 25.43
C LEU B 455 -16.60 30.66 26.72
N THR B 456 -16.94 29.36 26.67
CA THR B 456 -17.46 28.70 27.86
C THR B 456 -16.52 28.83 29.06
N GLU B 457 -15.23 29.04 28.84
CA GLU B 457 -14.27 29.22 29.93
C GLU B 457 -13.83 30.67 30.09
N TYR B 458 -14.36 31.59 29.30
CA TYR B 458 -14.01 33.00 29.36
C TYR B 458 -15.29 33.82 29.45
N PRO B 459 -15.97 33.82 30.60
CA PRO B 459 -17.28 34.48 30.66
C PRO B 459 -17.22 35.99 30.54
N ASP B 460 -16.22 36.63 31.15
CA ASP B 460 -16.10 38.07 30.98
C ASP B 460 -15.77 38.43 29.54
N ALA B 461 -14.98 37.58 28.88
CA ALA B 461 -14.76 37.76 27.45
C ALA B 461 -16.07 37.66 26.68
N LYS B 462 -16.94 36.72 27.07
CA LYS B 462 -18.21 36.57 26.38
C LYS B 462 -19.08 37.81 26.54
N THR B 463 -19.22 38.31 27.78
CA THR B 463 -20.07 39.47 28.00
C THR B 463 -19.48 40.71 27.32
N MET B 464 -18.15 40.86 27.33
CA MET B 464 -17.54 42.00 26.67
C MET B 464 -17.70 41.91 25.16
N LEU B 465 -17.56 40.72 24.58
CA LEU B 465 -17.76 40.54 23.16
C LEU B 465 -19.20 40.86 22.76
N GLU B 466 -20.16 40.39 23.54
CA GLU B 466 -21.56 40.64 23.20
C GLU B 466 -21.93 42.09 23.39
N GLU B 467 -21.38 42.76 24.39
CA GLU B 467 -21.63 44.19 24.54
C GLU B 467 -20.97 45.00 23.42
N LYS B 468 -19.79 44.57 22.96
CA LYS B 468 -19.16 45.24 21.83
C LYS B 468 -19.97 45.05 20.57
N GLY B 469 -20.50 43.85 20.34
CA GLY B 469 -21.37 43.64 19.20
C GLY B 469 -22.65 44.46 19.30
N LYS B 470 -23.17 44.63 20.52
CA LYS B 470 -24.33 45.48 20.71
C LYS B 470 -24.02 46.92 20.34
N GLN B 471 -22.87 47.43 20.79
CA GLN B 471 -22.46 48.78 20.40
C GLN B 471 -22.31 48.89 18.89
N ILE B 472 -21.81 47.85 18.25
CA ILE B 472 -21.68 47.84 16.79
C ILE B 472 -23.05 47.94 16.14
N LEU B 473 -24.00 47.16 16.63
CA LEU B 473 -25.33 47.13 16.01
C LEU B 473 -26.07 48.45 16.22
N MET B 474 -26.13 48.93 17.46
CA MET B 474 -26.86 50.16 17.74
C MET B 474 -26.22 51.39 17.08
N LYS B 475 -25.01 51.26 16.57
CA LYS B 475 -24.38 52.34 15.82
C LYS B 475 -25.15 52.65 14.54
N VAL C 26 -2.41 39.98 -22.84
CA VAL C 26 -2.86 38.61 -23.06
C VAL C 26 -1.94 37.63 -22.34
N VAL C 27 -2.53 36.70 -21.60
CA VAL C 27 -1.79 35.82 -20.71
C VAL C 27 -2.35 34.42 -20.84
N ILE C 28 -1.46 33.43 -20.82
CA ILE C 28 -1.83 32.03 -20.95
C ILE C 28 -2.13 31.46 -19.57
N ASP C 29 -3.28 30.83 -19.43
CA ASP C 29 -3.63 30.10 -18.22
C ASP C 29 -2.83 28.80 -18.19
N PRO C 30 -1.93 28.60 -17.23
CA PRO C 30 -1.10 27.39 -17.23
C PRO C 30 -1.86 26.12 -16.92
N SER C 31 -3.18 26.18 -16.75
CA SER C 31 -4.01 25.01 -16.56
C SER C 31 -4.97 24.79 -17.71
N GLY C 32 -4.88 25.59 -18.77
CA GLY C 32 -5.79 25.50 -19.88
C GLY C 32 -5.25 24.64 -21.02
N ASN C 33 -6.01 24.61 -22.11
CA ASN C 33 -5.63 23.79 -23.26
C ASN C 33 -4.52 24.43 -24.08
N THR C 34 -4.49 25.77 -24.17
CA THR C 34 -3.44 26.43 -24.92
C THR C 34 -2.06 26.13 -24.34
N TYR C 35 -1.96 26.16 -23.01
CA TYR C 35 -0.68 25.88 -22.37
C TYR C 35 -0.24 24.45 -22.61
N TYR C 36 -1.18 23.50 -22.58
CA TYR C 36 -0.83 22.11 -22.84
C TYR C 36 -0.41 21.92 -24.29
N ASN C 37 -1.10 22.56 -25.23
CA ASN C 37 -0.71 22.48 -26.63
C ASN C 37 0.68 23.05 -26.83
N TRP C 38 0.99 24.17 -26.16
CA TRP C 38 2.34 24.69 -26.27
C TRP C 38 3.36 23.76 -25.62
N LEU C 39 2.97 23.08 -24.54
CA LEU C 39 3.89 22.12 -23.94
C LEU C 39 4.26 21.03 -24.94
N PHE C 40 3.27 20.56 -25.71
CA PHE C 40 3.58 19.62 -26.78
C PHE C 40 4.49 20.24 -27.83
N CYS C 41 4.19 21.47 -28.23
CA CYS C 41 4.95 22.12 -29.30
C CYS C 41 6.41 22.30 -28.90
N ILE C 42 6.68 22.64 -27.64
CA ILE C 42 8.05 22.81 -27.18
C ILE C 42 8.70 21.48 -26.83
N THR C 43 7.90 20.46 -26.50
CA THR C 43 8.47 19.14 -26.25
C THR C 43 8.99 18.53 -27.54
N LEU C 44 8.39 18.86 -28.67
CA LEU C 44 8.92 18.37 -29.94
C LEU C 44 10.39 18.72 -30.15
N PRO C 45 10.83 19.98 -30.08
CA PRO C 45 12.26 20.25 -30.27
C PRO C 45 13.12 19.77 -29.13
N VAL C 46 12.61 19.72 -27.90
CA VAL C 46 13.39 19.19 -26.80
C VAL C 46 13.69 17.71 -27.02
N MET C 47 12.68 16.94 -27.45
CA MET C 47 12.90 15.55 -27.77
C MET C 47 13.83 15.41 -28.97
N TYR C 48 13.64 16.24 -29.99
CA TYR C 48 14.53 16.21 -31.14
C TYR C 48 15.97 16.42 -30.72
N ASN C 49 16.23 17.41 -29.86
CA ASN C 49 17.59 17.65 -29.43
C ASN C 49 18.12 16.49 -28.61
N TRP C 50 17.34 16.04 -27.62
CA TRP C 50 17.77 14.96 -26.73
C TRP C 50 18.05 13.68 -27.48
N THR C 51 17.40 13.46 -28.62
CA THR C 51 17.66 12.25 -29.38
C THR C 51 18.69 12.41 -30.48
N MET C 52 18.80 13.60 -31.09
CA MET C 52 19.57 13.74 -32.31
C MET C 52 20.90 14.43 -32.12
N VAL C 53 21.07 15.27 -31.09
CA VAL C 53 22.36 15.94 -30.92
C VAL C 53 23.44 14.90 -30.62
N ILE C 54 23.15 13.96 -29.73
CA ILE C 54 24.12 12.92 -29.40
C ILE C 54 24.31 11.98 -30.59
N ALA C 55 23.24 11.72 -31.34
CA ALA C 55 23.34 10.80 -32.48
C ALA C 55 24.21 11.38 -33.58
N ARG C 56 24.11 12.68 -33.82
CA ARG C 56 24.96 13.33 -34.81
C ARG C 56 26.36 13.56 -34.28
N ALA C 57 26.50 13.75 -32.97
CA ALA C 57 27.83 13.90 -32.39
C ALA C 57 28.63 12.61 -32.49
N CYS C 58 27.96 11.47 -32.30
CA CYS C 58 28.66 10.19 -32.26
C CYS C 58 28.76 9.54 -33.62
N PHE C 59 27.67 9.52 -34.39
CA PHE C 59 27.70 8.97 -35.75
C PHE C 59 27.99 10.12 -36.70
N ASP C 60 29.26 10.25 -37.09
CA ASP C 60 29.69 11.42 -37.85
C ASP C 60 29.04 11.50 -39.22
N GLU C 61 28.80 10.35 -39.85
CA GLU C 61 28.15 10.35 -41.15
C GLU C 61 26.71 10.83 -41.06
N LEU C 62 26.04 10.58 -39.93
CA LEU C 62 24.69 11.09 -39.74
C LEU C 62 24.68 12.60 -39.71
N GLN C 63 25.67 13.20 -39.06
CA GLN C 63 25.75 14.66 -39.01
C GLN C 63 26.15 15.25 -40.35
N SER C 64 27.14 14.65 -41.02
CA SER C 64 27.70 15.25 -42.22
C SER C 64 26.95 14.90 -43.50
N ASP C 65 26.05 13.91 -43.48
CA ASP C 65 25.34 13.53 -44.68
C ASP C 65 23.97 14.18 -44.80
N TYR C 66 23.40 14.65 -43.71
CA TYR C 66 22.11 15.33 -43.71
C TYR C 66 22.23 16.71 -43.08
N LEU C 67 23.40 17.33 -43.24
CA LEU C 67 23.70 18.59 -42.56
C LEU C 67 22.70 19.68 -42.91
N GLU C 68 22.12 19.65 -44.10
CA GLU C 68 21.13 20.65 -44.46
C GLU C 68 19.85 20.49 -43.64
N TYR C 69 19.35 19.26 -43.56
CA TYR C 69 18.20 18.99 -42.70
C TYR C 69 18.52 19.28 -41.25
N TRP C 70 19.74 18.99 -40.82
CA TRP C 70 20.11 19.26 -39.43
C TRP C 70 20.14 20.74 -39.15
N LEU C 71 20.64 21.54 -40.09
CA LEU C 71 20.62 22.99 -39.89
C LEU C 71 19.19 23.51 -39.80
N ILE C 72 18.34 23.10 -40.74
CA ILE C 72 16.95 23.54 -40.72
C ILE C 72 16.29 23.16 -39.40
N LEU C 73 16.44 21.91 -38.98
CA LEU C 73 15.77 21.43 -37.78
C LEU C 73 16.34 22.07 -36.52
N ASP C 74 17.65 22.25 -36.46
CA ASP C 74 18.26 22.86 -35.30
C ASP C 74 17.80 24.30 -35.13
N TYR C 75 17.64 25.03 -36.24
CA TYR C 75 17.27 26.43 -36.08
C TYR C 75 15.77 26.59 -35.92
N VAL C 76 14.97 25.68 -36.45
CA VAL C 76 13.56 25.65 -36.07
C VAL C 76 13.41 25.35 -34.58
N SER C 77 14.24 24.45 -34.06
CA SER C 77 14.22 24.14 -32.64
C SER C 77 14.62 25.36 -31.81
N ASP C 78 15.63 26.11 -32.27
CA ASP C 78 16.04 27.29 -31.54
C ASP C 78 14.96 28.37 -31.57
N ILE C 79 14.27 28.51 -32.70
CA ILE C 79 13.15 29.43 -32.77
C ILE C 79 12.06 29.03 -31.80
N VAL C 80 11.75 27.72 -31.73
CA VAL C 80 10.73 27.26 -30.79
C VAL C 80 11.18 27.47 -29.36
N TYR C 81 12.48 27.36 -29.09
CA TYR C 81 12.98 27.65 -27.75
C TYR C 81 12.80 29.11 -27.40
N LEU C 82 13.05 30.01 -28.36
CA LEU C 82 12.80 31.43 -28.15
C LEU C 82 11.32 31.69 -27.87
N ILE C 83 10.45 31.06 -28.66
CA ILE C 83 9.02 31.22 -28.44
C ILE C 83 8.61 30.66 -27.09
N ASP C 84 9.30 29.60 -26.64
CA ASP C 84 9.03 29.05 -25.32
C ASP C 84 9.41 30.04 -24.23
N MET C 85 10.53 30.73 -24.39
CA MET C 85 10.90 31.75 -23.41
C MET C 85 9.88 32.88 -23.40
N PHE C 86 9.42 33.30 -24.58
CA PHE C 86 8.41 34.35 -24.64
C PHE C 86 7.11 33.88 -23.97
N VAL C 87 6.68 32.65 -24.27
CA VAL C 87 5.49 32.08 -23.64
C VAL C 87 5.66 32.05 -22.13
N ARG C 88 6.86 31.73 -21.65
CA ARG C 88 7.08 31.67 -20.22
C ARG C 88 7.09 33.05 -19.60
N THR C 89 7.33 34.10 -20.39
CA THR C 89 7.04 35.45 -19.91
C THR C 89 5.55 35.78 -19.94
N ARG C 90 4.76 35.04 -20.70
CA ARG C 90 3.33 35.30 -20.83
C ARG C 90 2.48 34.32 -20.05
N THR C 91 3.08 33.44 -19.25
CA THR C 91 2.34 32.44 -18.50
C THR C 91 2.01 33.02 -17.13
N GLY C 92 0.72 33.17 -16.85
CA GLY C 92 0.31 33.78 -15.61
C GLY C 92 0.37 32.80 -14.46
N TYR C 93 1.03 33.20 -13.38
CA TYR C 93 0.96 32.44 -12.16
C TYR C 93 -0.23 32.91 -11.32
N LEU C 94 -0.58 32.12 -10.33
CA LEU C 94 -1.77 32.37 -9.53
C LEU C 94 -1.33 33.03 -8.23
N GLU C 95 -1.82 34.24 -7.98
CA GLU C 95 -1.55 34.97 -6.75
C GLU C 95 -2.86 35.50 -6.19
N GLN C 96 -3.06 35.31 -4.89
CA GLN C 96 -4.31 35.66 -4.23
C GLN C 96 -5.49 35.01 -4.94
N GLY C 97 -5.30 33.76 -5.34
CA GLY C 97 -6.31 33.01 -6.05
C GLY C 97 -6.66 33.51 -7.43
N LEU C 98 -6.05 34.60 -7.87
CA LEU C 98 -6.29 35.17 -9.19
C LEU C 98 -5.07 34.96 -10.08
N LEU C 99 -5.30 34.95 -11.38
CA LEU C 99 -4.22 34.79 -12.35
C LEU C 99 -3.51 36.12 -12.54
N VAL C 100 -2.23 36.17 -12.18
CA VAL C 100 -1.44 37.37 -12.41
C VAL C 100 -1.29 37.58 -13.91
N LYS C 101 -1.65 38.77 -14.38
CA LYS C 101 -1.55 39.10 -15.79
C LYS C 101 -0.99 40.50 -15.96
N GLU C 102 0.06 40.83 -15.21
CA GLU C 102 0.84 42.04 -15.39
C GLU C 102 2.20 41.66 -15.93
N GLU C 103 2.56 42.22 -17.08
CA GLU C 103 3.77 41.79 -17.77
C GLU C 103 5.01 41.97 -16.90
N LEU C 104 5.03 43.04 -16.10
CA LEU C 104 6.14 43.25 -15.19
C LEU C 104 6.29 42.10 -14.21
N LYS C 105 5.18 41.70 -13.58
CA LYS C 105 5.23 40.65 -12.57
C LYS C 105 5.55 39.29 -13.19
N LEU C 106 4.97 39.01 -14.37
CA LEU C 106 5.25 37.75 -15.04
C LEU C 106 6.73 37.65 -15.43
N ILE C 107 7.27 38.71 -16.03
CA ILE C 107 8.68 38.71 -16.41
C ILE C 107 9.56 38.62 -15.17
N ASN C 108 9.17 39.26 -14.08
CA ASN C 108 9.97 39.18 -12.87
C ASN C 108 9.99 37.77 -12.31
N LYS C 109 8.83 37.10 -12.28
CA LYS C 109 8.80 35.74 -11.77
C LYS C 109 9.53 34.78 -12.69
N TYR C 110 9.56 35.08 -13.99
CA TYR C 110 10.33 34.25 -14.91
C TYR C 110 11.82 34.43 -14.69
N LYS C 111 12.31 35.66 -14.82
CA LYS C 111 13.76 35.91 -14.72
C LYS C 111 14.31 35.53 -13.35
N SER C 112 13.50 35.65 -12.31
CA SER C 112 13.96 35.24 -10.99
C SER C 112 14.06 33.73 -10.85
N ASN C 113 13.41 32.99 -11.74
CA ASN C 113 13.36 31.55 -11.66
C ASN C 113 14.64 30.93 -12.23
N LEU C 114 14.94 29.72 -11.77
CA LEU C 114 16.07 28.98 -12.32
C LEU C 114 15.79 28.55 -13.75
N GLN C 115 14.52 28.38 -14.10
CA GLN C 115 14.16 28.00 -15.46
C GLN C 115 14.61 29.05 -16.46
N PHE C 116 14.62 30.33 -16.08
CA PHE C 116 15.10 31.36 -16.99
C PHE C 116 16.58 31.19 -17.26
N LYS C 117 17.37 30.89 -16.23
CA LYS C 117 18.78 30.63 -16.41
C LYS C 117 19.00 29.42 -17.30
N LEU C 118 18.22 28.37 -17.09
CA LEU C 118 18.32 27.17 -17.93
C LEU C 118 17.97 27.48 -19.37
N ASP C 119 16.95 28.30 -19.61
CA ASP C 119 16.55 28.63 -20.97
C ASP C 119 17.61 29.48 -21.65
N VAL C 120 18.21 30.43 -20.92
CA VAL C 120 19.27 31.24 -21.50
C VAL C 120 20.48 30.38 -21.85
N LEU C 121 20.86 29.48 -20.95
CA LEU C 121 21.96 28.58 -21.25
C LEU C 121 21.65 27.70 -22.45
N SER C 122 20.40 27.23 -22.56
CA SER C 122 20.01 26.37 -23.67
C SER C 122 19.97 27.13 -24.99
N LEU C 123 19.86 28.46 -24.91
CA LEU C 123 19.79 29.31 -26.09
C LEU C 123 21.12 30.00 -26.41
N ILE C 124 22.13 29.79 -25.56
CA ILE C 124 23.45 30.39 -25.79
C ILE C 124 23.92 29.90 -27.16
N PRO C 125 24.31 30.82 -28.06
CA PRO C 125 24.70 30.37 -29.39
C PRO C 125 26.03 29.68 -29.36
N THR C 126 25.99 28.35 -29.39
CA THR C 126 27.20 27.55 -29.51
C THR C 126 27.42 27.06 -30.93
N ASP C 127 26.44 27.27 -31.80
CA ASP C 127 26.60 27.00 -33.23
C ASP C 127 27.72 27.85 -33.83
N LEU C 128 28.10 28.95 -33.18
CA LEU C 128 29.21 29.74 -33.65
C LEU C 128 30.51 28.95 -33.64
N LEU C 129 30.60 27.91 -32.81
CA LEU C 129 31.77 27.05 -32.83
C LEU C 129 31.84 26.20 -34.10
N TYR C 130 30.75 26.10 -34.84
CA TYR C 130 30.80 25.43 -36.15
C TYR C 130 31.82 26.06 -37.07
N PHE C 131 32.16 27.33 -36.85
CA PHE C 131 33.17 27.99 -37.66
C PHE C 131 34.57 27.62 -37.19
N LYS C 132 34.77 27.48 -35.89
CA LYS C 132 36.07 27.09 -35.37
C LYS C 132 36.25 25.58 -35.36
N LEU C 133 35.29 24.85 -34.79
CA LEU C 133 35.45 23.41 -34.63
C LEU C 133 35.19 22.65 -35.92
N GLY C 134 34.24 23.11 -36.72
CA GLY C 134 33.86 22.44 -37.95
C GLY C 134 32.46 21.87 -37.88
N TRP C 135 32.00 21.41 -39.03
CA TRP C 135 30.65 20.88 -39.14
C TRP C 135 30.49 19.51 -38.51
N ASN C 136 31.57 18.89 -38.06
CA ASN C 136 31.50 17.57 -37.44
C ASN C 136 31.41 17.64 -35.92
N TYR C 137 31.01 18.77 -35.37
CA TYR C 137 30.88 18.93 -33.92
C TYR C 137 29.51 19.50 -33.57
N PRO C 138 28.44 18.71 -33.72
CA PRO C 138 27.16 19.12 -33.16
C PRO C 138 27.06 18.99 -31.66
N GLU C 139 28.10 18.47 -30.98
CA GLU C 139 28.11 18.46 -29.52
C GLU C 139 27.87 19.84 -28.95
N ILE C 140 28.20 20.88 -29.71
CA ILE C 140 28.05 22.26 -29.25
C ILE C 140 26.61 22.55 -28.90
N ARG C 141 25.66 21.87 -29.55
CA ARG C 141 24.24 22.06 -29.28
C ARG C 141 23.75 21.23 -28.11
N LEU C 142 24.66 20.65 -27.31
CA LEU C 142 24.22 19.89 -26.15
C LEU C 142 23.56 20.78 -25.11
N ASN C 143 23.83 22.09 -25.13
CA ASN C 143 23.15 22.99 -24.21
C ASN C 143 21.65 23.04 -24.46
N ARG C 144 21.22 22.74 -25.68
CA ARG C 144 19.79 22.67 -25.97
C ARG C 144 19.08 21.63 -25.13
N LEU C 145 19.82 20.67 -24.57
CA LEU C 145 19.23 19.67 -23.71
C LEU C 145 18.75 20.24 -22.39
N LEU C 146 19.14 21.46 -22.05
CA LEU C 146 18.73 22.09 -20.81
C LEU C 146 17.28 22.55 -20.81
N ARG C 147 16.55 22.34 -21.91
CA ARG C 147 15.13 22.58 -21.95
C ARG C 147 14.32 21.37 -21.52
N PHE C 148 14.97 20.37 -20.92
CA PHE C 148 14.31 19.14 -20.50
C PHE C 148 13.09 19.41 -19.63
N SER C 149 13.06 20.55 -18.94
CA SER C 149 11.97 20.85 -18.04
C SER C 149 10.64 20.92 -18.78
N ARG C 150 10.65 21.50 -19.99
CA ARG C 150 9.41 21.58 -20.75
C ARG C 150 8.91 20.20 -21.14
N MET C 151 9.81 19.31 -21.54
CA MET C 151 9.42 17.95 -21.90
C MET C 151 8.87 17.19 -20.71
N PHE C 152 9.57 17.26 -19.57
CA PHE C 152 9.09 16.60 -18.36
C PHE C 152 7.77 17.18 -17.91
N GLU C 153 7.58 18.50 -18.07
CA GLU C 153 6.33 19.13 -17.69
C GLU C 153 5.19 18.69 -18.61
N PHE C 154 5.46 18.59 -19.91
CA PHE C 154 4.45 18.07 -20.82
C PHE C 154 4.04 16.66 -20.45
N PHE C 155 5.01 15.83 -20.07
CA PHE C 155 4.67 14.46 -19.66
C PHE C 155 3.85 14.47 -18.37
N GLN C 156 4.26 15.26 -17.39
CA GLN C 156 3.53 15.34 -16.13
C GLN C 156 2.10 15.85 -16.35
N ARG C 157 1.94 16.80 -17.26
CA ARG C 157 0.61 17.33 -17.56
C ARG C 157 -0.23 16.34 -18.32
N THR C 158 0.38 15.62 -19.27
CA THR C 158 -0.36 14.58 -19.99
C THR C 158 -0.84 13.50 -19.03
N GLU C 159 -0.02 13.10 -18.07
CA GLU C 159 -0.39 12.03 -17.16
C GLU C 159 -1.61 12.42 -16.33
N THR C 160 -1.71 13.68 -15.94
CA THR C 160 -2.85 14.15 -15.16
C THR C 160 -4.01 14.63 -16.03
N ARG C 161 -3.97 14.36 -17.33
CA ARG C 161 -4.93 14.96 -18.24
C ARG C 161 -5.60 13.92 -19.12
N THR C 162 -4.90 12.83 -19.41
CA THR C 162 -5.38 11.85 -20.37
C THR C 162 -6.41 10.92 -19.75
N ASN C 163 -7.27 10.37 -20.60
CA ASN C 163 -8.19 9.33 -20.16
C ASN C 163 -7.50 7.99 -19.97
N TYR C 164 -6.26 7.87 -20.43
CA TYR C 164 -5.50 6.63 -20.36
C TYR C 164 -4.19 6.91 -19.64
N PRO C 165 -4.23 7.12 -18.33
CA PRO C 165 -3.00 7.44 -17.61
C PRO C 165 -1.98 6.32 -17.64
N ASN C 166 -2.43 5.07 -17.65
CA ASN C 166 -1.50 3.95 -17.62
C ASN C 166 -0.94 3.64 -18.99
N ILE C 167 -1.75 3.80 -20.04
CA ILE C 167 -1.23 3.65 -21.39
C ILE C 167 -0.16 4.69 -21.67
N PHE C 168 -0.44 5.95 -21.31
CA PHE C 168 0.56 6.98 -21.48
C PHE C 168 1.75 6.75 -20.56
N ARG C 169 1.52 6.22 -19.36
CA ARG C 169 2.62 5.91 -18.46
C ARG C 169 3.57 4.90 -19.08
N ILE C 170 3.01 3.86 -19.70
CA ILE C 170 3.83 2.85 -20.36
C ILE C 170 4.52 3.43 -21.58
N SER C 171 3.83 4.29 -22.33
CA SER C 171 4.44 4.93 -23.49
C SER C 171 5.60 5.82 -23.08
N ASN C 172 5.45 6.54 -21.97
CA ASN C 172 6.48 7.42 -21.47
C ASN C 172 7.67 6.62 -20.94
N LEU C 173 7.40 5.51 -20.27
CA LEU C 173 8.47 4.62 -19.84
C LEU C 173 9.23 4.08 -21.03
N VAL C 174 8.52 3.63 -22.07
CA VAL C 174 9.17 3.11 -23.27
C VAL C 174 9.98 4.20 -23.94
N MET C 175 9.46 5.43 -23.96
CA MET C 175 10.20 6.54 -24.55
C MET C 175 11.51 6.78 -23.80
N TYR C 176 11.44 6.84 -22.47
CA TYR C 176 12.66 7.00 -21.66
C TYR C 176 13.64 5.88 -21.93
N ILE C 177 13.14 4.64 -22.01
CA ILE C 177 14.04 3.49 -22.18
C ILE C 177 14.68 3.52 -23.56
N VAL C 178 13.92 3.86 -24.59
CA VAL C 178 14.47 3.94 -25.93
C VAL C 178 15.49 5.07 -26.01
N ILE C 179 15.24 6.18 -25.33
CA ILE C 179 16.21 7.28 -25.37
C ILE C 179 17.48 6.90 -24.64
N ILE C 180 17.35 6.18 -23.51
CA ILE C 180 18.55 5.75 -22.79
C ILE C 180 19.33 4.74 -23.62
N ILE C 181 18.64 3.81 -24.27
CA ILE C 181 19.31 2.82 -25.11
C ILE C 181 19.97 3.49 -26.29
N HIS C 182 19.31 4.49 -26.87
CA HIS C 182 19.89 5.23 -27.98
C HIS C 182 21.14 5.99 -27.54
N TRP C 183 21.08 6.65 -26.39
CA TRP C 183 22.24 7.35 -25.86
C TRP C 183 23.39 6.39 -25.58
N ASN C 184 23.08 5.22 -25.04
CA ASN C 184 24.12 4.22 -24.77
C ASN C 184 24.69 3.64 -26.05
N ALA C 185 23.86 3.51 -27.10
CA ALA C 185 24.36 3.10 -28.40
C ALA C 185 25.32 4.13 -28.97
N CYS C 186 24.97 5.41 -28.85
CA CYS C 186 25.86 6.47 -29.27
C CYS C 186 27.16 6.46 -28.49
N VAL C 187 27.08 6.19 -27.18
CA VAL C 187 28.28 6.11 -26.35
C VAL C 187 29.14 4.93 -26.78
N PHE C 188 28.53 3.78 -27.08
CA PHE C 188 29.28 2.63 -27.53
C PHE C 188 30.00 2.93 -28.84
N TYR C 189 29.31 3.59 -29.77
CA TYR C 189 29.94 3.92 -31.04
C TYR C 189 31.06 4.93 -30.85
N SER C 190 30.89 5.89 -29.95
CA SER C 190 31.97 6.86 -29.69
C SER C 190 33.16 6.20 -29.02
N ILE C 191 32.93 5.25 -28.12
CA ILE C 191 34.03 4.53 -27.51
C ILE C 191 34.75 3.67 -28.54
N SER C 192 33.98 3.06 -29.45
CA SER C 192 34.60 2.29 -30.53
C SER C 192 35.43 3.19 -31.43
N LYS C 193 34.94 4.40 -31.69
CA LYS C 193 35.67 5.35 -32.52
C LYS C 193 36.96 5.78 -31.83
N ALA C 194 36.88 6.09 -30.54
CA ALA C 194 38.07 6.52 -29.79
C ALA C 194 39.11 5.42 -29.69
N ILE C 195 38.67 4.18 -29.45
CA ILE C 195 39.60 3.06 -29.40
C ILE C 195 40.07 2.71 -30.81
N GLY C 196 39.19 2.84 -31.79
CA GLY C 196 39.51 2.51 -33.16
C GLY C 196 38.60 1.41 -33.68
N PHE C 197 37.86 1.71 -34.75
CA PHE C 197 36.94 0.74 -35.30
C PHE C 197 37.67 -0.50 -35.76
N GLY C 198 37.33 -1.64 -35.17
CA GLY C 198 37.92 -2.91 -35.54
C GLY C 198 39.28 -3.18 -34.94
N ASN C 199 39.79 -2.31 -34.07
CA ASN C 199 41.10 -2.55 -33.48
C ASN C 199 41.10 -3.79 -32.59
N ASP C 200 39.96 -4.10 -31.98
CA ASP C 200 39.79 -5.38 -31.29
C ASP C 200 38.37 -5.87 -31.56
N THR C 201 38.07 -7.05 -31.02
CA THR C 201 36.81 -7.70 -31.36
C THR C 201 35.63 -7.14 -30.59
N TRP C 202 35.86 -6.27 -29.61
CA TRP C 202 34.77 -5.71 -28.83
C TRP C 202 34.17 -4.46 -29.47
N VAL C 203 35.03 -3.55 -29.93
CA VAL C 203 34.55 -2.30 -30.50
C VAL C 203 33.74 -2.58 -31.75
N TYR C 204 32.98 -1.59 -32.17
CA TYR C 204 32.32 -1.65 -33.45
C TYR C 204 33.35 -1.96 -34.54
N PRO C 205 33.03 -2.84 -35.49
CA PRO C 205 34.05 -3.27 -36.47
C PRO C 205 34.49 -2.15 -37.40
N ASP C 206 35.38 -2.49 -38.33
CA ASP C 206 35.92 -1.50 -39.25
C ASP C 206 34.80 -0.86 -40.06
N ILE C 207 34.84 0.47 -40.16
CA ILE C 207 33.80 1.22 -40.88
C ILE C 207 34.23 1.40 -42.33
N ASN C 208 35.34 0.77 -42.72
CA ASN C 208 35.71 0.69 -44.12
C ASN C 208 35.16 -0.57 -44.78
N ASP C 209 34.47 -1.40 -44.02
CA ASP C 209 33.78 -2.54 -44.60
C ASP C 209 32.53 -2.05 -45.34
N PRO C 210 32.19 -2.67 -46.47
CA PRO C 210 30.95 -2.29 -47.16
C PRO C 210 29.71 -2.46 -46.32
N GLU C 211 29.68 -3.45 -45.42
CA GLU C 211 28.48 -3.71 -44.64
C GLU C 211 28.43 -2.91 -43.36
N PHE C 212 29.52 -2.93 -42.57
CA PHE C 212 29.54 -2.24 -41.30
C PHE C 212 30.00 -0.80 -41.41
N GLY C 213 30.35 -0.34 -42.59
CA GLY C 213 30.63 1.07 -42.81
C GLY C 213 29.43 1.86 -43.20
N ARG C 214 28.26 1.23 -43.27
CA ARG C 214 27.03 1.87 -43.67
C ARG C 214 26.36 2.48 -42.45
N LEU C 215 25.85 3.72 -42.60
CA LEU C 215 25.33 4.46 -41.47
C LEU C 215 24.16 3.74 -40.81
N ALA C 216 23.26 3.18 -41.62
CA ALA C 216 22.17 2.40 -41.06
C ALA C 216 22.69 1.24 -40.24
N ARG C 217 23.73 0.55 -40.74
CA ARG C 217 24.33 -0.55 -39.99
C ARG C 217 25.01 -0.04 -38.73
N LYS C 218 25.76 1.06 -38.83
CA LYS C 218 26.41 1.61 -37.65
C LYS C 218 25.42 1.86 -36.55
N TYR C 219 24.36 2.61 -36.85
CA TYR C 219 23.39 2.92 -35.82
C TYR C 219 22.64 1.68 -35.34
N VAL C 220 22.27 0.79 -36.26
CA VAL C 220 21.40 -0.30 -35.83
C VAL C 220 22.18 -1.33 -35.04
N TYR C 221 23.46 -1.55 -35.37
CA TYR C 221 24.26 -2.45 -34.55
C TYR C 221 24.61 -1.81 -33.23
N SER C 222 24.86 -0.50 -33.20
CA SER C 222 25.10 0.16 -31.93
C SER C 222 23.88 0.07 -31.04
N LEU C 223 22.69 0.25 -31.61
CA LEU C 223 21.45 0.13 -30.86
C LEU C 223 21.23 -1.30 -30.39
N TYR C 224 21.59 -2.28 -31.22
CA TYR C 224 21.49 -3.67 -30.83
C TYR C 224 22.42 -3.99 -29.68
N TRP C 225 23.67 -3.52 -29.76
CA TRP C 225 24.62 -3.67 -28.68
C TRP C 225 24.10 -3.05 -27.40
N SER C 226 23.57 -1.82 -27.50
CA SER C 226 23.09 -1.12 -26.33
C SER C 226 21.87 -1.80 -25.72
N THR C 227 21.01 -2.38 -26.56
CA THR C 227 19.87 -3.11 -26.03
C THR C 227 20.31 -4.40 -25.36
N LEU C 228 21.27 -5.09 -25.96
CA LEU C 228 21.81 -6.30 -25.35
C LEU C 228 22.43 -6.00 -24.00
N THR C 229 23.08 -4.85 -23.87
CA THR C 229 23.82 -4.53 -22.66
C THR C 229 22.91 -3.95 -21.58
N LEU C 230 22.04 -3.01 -21.95
CA LEU C 230 21.16 -2.36 -20.99
C LEU C 230 19.98 -3.22 -20.57
N THR C 231 19.68 -4.28 -21.30
CA THR C 231 18.66 -5.23 -20.87
C THR C 231 19.27 -6.49 -20.28
N THR C 232 20.57 -6.48 -20.00
CA THR C 232 21.28 -7.56 -19.32
C THR C 232 21.13 -8.89 -20.03
N ILE C 233 21.03 -8.85 -21.36
CA ILE C 233 21.12 -10.07 -22.16
C ILE C 233 22.58 -10.46 -22.34
N GLY C 234 23.38 -9.54 -22.85
CA GLY C 234 24.83 -9.72 -22.86
C GLY C 234 25.40 -10.50 -24.01
N GLU C 235 24.65 -10.71 -25.09
CA GLU C 235 25.18 -11.52 -26.18
C GLU C 235 26.04 -10.69 -27.12
N THR C 236 26.98 -9.95 -26.56
CA THR C 236 27.90 -9.12 -27.32
C THR C 236 29.30 -9.71 -27.23
N PRO C 237 30.17 -9.39 -28.18
CA PRO C 237 31.58 -9.77 -28.06
C PRO C 237 32.16 -9.23 -26.77
N PRO C 238 32.84 -10.06 -25.99
CA PRO C 238 33.33 -9.62 -24.68
C PRO C 238 34.43 -8.59 -24.82
N PRO C 239 34.68 -7.81 -23.77
CA PRO C 239 35.72 -6.78 -23.85
C PRO C 239 37.10 -7.40 -24.05
N VAL C 240 37.97 -6.61 -24.59
CA VAL C 240 39.28 -7.04 -24.86
C VAL C 240 40.18 -6.25 -23.97
N ARG C 241 40.06 -4.95 -24.00
CA ARG C 241 40.85 -4.05 -23.21
C ARG C 241 40.21 -3.70 -21.92
N ASP C 242 40.98 -3.14 -21.03
CA ASP C 242 40.57 -2.76 -19.71
C ASP C 242 39.46 -1.74 -19.62
N SER C 243 39.53 -0.73 -20.45
CA SER C 243 38.56 0.31 -20.49
C SER C 243 37.31 -0.31 -20.97
N GLU C 244 37.43 -1.25 -21.87
CA GLU C 244 36.23 -1.92 -22.33
C GLU C 244 35.60 -2.77 -21.23
N TYR C 245 36.42 -3.43 -20.42
CA TYR C 245 35.89 -4.15 -19.27
C TYR C 245 35.19 -3.19 -18.32
N VAL C 246 35.83 -2.05 -18.03
CA VAL C 246 35.25 -1.07 -17.13
C VAL C 246 33.92 -0.56 -17.66
N PHE C 247 33.90 -0.19 -18.94
CA PHE C 247 32.69 0.36 -19.53
C PHE C 247 31.58 -0.69 -19.57
N VAL C 248 31.94 -1.94 -19.85
CA VAL C 248 30.92 -2.97 -19.94
C VAL C 248 30.37 -3.29 -18.55
N VAL C 249 31.21 -3.24 -17.52
CA VAL C 249 30.73 -3.40 -16.15
C VAL C 249 29.78 -2.27 -15.79
N VAL C 250 30.19 -1.04 -16.05
CA VAL C 250 29.35 0.12 -15.71
C VAL C 250 28.05 0.07 -16.48
N ASP C 251 28.10 -0.39 -17.73
CA ASP C 251 26.92 -0.39 -18.58
C ASP C 251 25.98 -1.54 -18.22
N PHE C 252 26.52 -2.68 -17.80
CA PHE C 252 25.71 -3.74 -17.23
C PHE C 252 25.03 -3.29 -15.94
N LEU C 253 25.74 -2.53 -15.11
CA LEU C 253 25.12 -2.06 -13.88
C LEU C 253 24.03 -1.03 -14.17
N ILE C 254 24.30 -0.11 -15.09
CA ILE C 254 23.28 0.82 -15.54
C ILE C 254 22.08 0.07 -16.09
N GLY C 255 22.33 -1.01 -16.84
CA GLY C 255 21.23 -1.77 -17.39
C GLY C 255 20.43 -2.51 -16.35
N VAL C 256 21.10 -3.00 -15.30
CA VAL C 256 20.39 -3.61 -14.19
C VAL C 256 19.51 -2.59 -13.50
N LEU C 257 20.03 -1.38 -13.28
CA LEU C 257 19.23 -0.33 -12.68
C LEU C 257 18.06 0.06 -13.57
N ILE C 258 18.28 0.08 -14.89
CA ILE C 258 17.22 0.42 -15.83
C ILE C 258 16.14 -0.65 -15.80
N PHE C 259 16.52 -1.91 -15.82
CA PHE C 259 15.54 -2.99 -15.75
C PHE C 259 14.77 -2.94 -14.45
N ALA C 260 15.47 -2.69 -13.34
CA ALA C 260 14.80 -2.59 -12.05
C ALA C 260 13.84 -1.41 -12.03
N THR C 261 14.20 -0.31 -12.69
CA THR C 261 13.30 0.84 -12.76
C THR C 261 12.09 0.54 -13.63
N ILE C 262 12.28 -0.17 -14.74
CA ILE C 262 11.15 -0.55 -15.59
C ILE C 262 10.20 -1.43 -14.80
N VAL C 263 10.74 -2.43 -14.10
CA VAL C 263 9.91 -3.33 -13.32
C VAL C 263 9.22 -2.57 -12.19
N GLY C 264 9.94 -1.67 -11.53
CA GLY C 264 9.34 -0.90 -10.45
C GLY C 264 8.21 -0.02 -10.93
N ASN C 265 8.40 0.65 -12.07
CA ASN C 265 7.36 1.50 -12.61
C ASN C 265 6.15 0.68 -13.03
N ILE C 266 6.37 -0.42 -13.73
CA ILE C 266 5.25 -1.23 -14.20
C ILE C 266 4.54 -1.89 -13.04
N GLY C 267 5.29 -2.31 -12.02
CA GLY C 267 4.66 -2.93 -10.86
C GLY C 267 3.91 -1.94 -10.00
N SER C 268 4.43 -0.72 -9.87
CA SER C 268 3.68 0.35 -9.20
C SER C 268 2.40 0.66 -9.95
N MET C 269 2.48 0.69 -11.27
CA MET C 269 1.30 0.93 -12.08
C MET C 269 0.29 -0.20 -11.95
N ILE C 270 0.76 -1.44 -11.91
CA ILE C 270 -0.13 -2.58 -11.76
C ILE C 270 -0.77 -2.59 -10.38
N SER C 271 0.00 -2.22 -9.35
CA SER C 271 -0.54 -2.09 -8.01
C SER C 271 -1.64 -1.05 -7.96
N ASN C 272 -1.38 0.14 -8.53
CA ASN C 272 -2.40 1.18 -8.52
C ASN C 272 -3.59 0.81 -9.38
N MET C 273 -3.39 -0.02 -10.42
CA MET C 273 -4.49 -0.38 -11.30
C MET C 273 -5.49 -1.28 -10.59
N ASN C 274 -5.02 -2.20 -9.76
CA ASN C 274 -5.90 -3.13 -9.07
C ASN C 274 -5.86 -2.92 -7.57
N ALA C 275 -5.54 -1.71 -7.13
CA ALA C 275 -5.63 -1.39 -5.70
C ALA C 275 -7.08 -1.26 -5.25
N ALA C 276 -7.96 -0.77 -6.13
CA ALA C 276 -9.37 -0.69 -5.78
C ALA C 276 -9.96 -2.09 -5.63
N ARG C 277 -9.68 -2.97 -6.58
CA ARG C 277 -10.13 -4.35 -6.45
C ARG C 277 -9.49 -5.04 -5.26
N ALA C 278 -8.24 -4.71 -4.94
CA ALA C 278 -7.60 -5.31 -3.78
C ALA C 278 -8.28 -4.87 -2.49
N GLU C 279 -8.58 -3.58 -2.37
CA GLU C 279 -9.28 -3.08 -1.20
C GLU C 279 -10.67 -3.68 -1.09
N PHE C 280 -11.38 -3.78 -2.22
CA PHE C 280 -12.72 -4.35 -2.20
C PHE C 280 -12.68 -5.81 -1.80
N GLN C 281 -11.77 -6.58 -2.37
CA GLN C 281 -11.62 -7.98 -2.01
C GLN C 281 -11.16 -8.15 -0.57
N ALA C 282 -10.39 -7.19 -0.05
CA ALA C 282 -10.01 -7.25 1.35
C ALA C 282 -11.22 -7.06 2.26
N ARG C 283 -12.09 -6.11 1.92
CA ARG C 283 -13.35 -5.97 2.64
C ARG C 283 -14.19 -7.24 2.55
N ILE C 284 -14.30 -7.80 1.35
CA ILE C 284 -15.07 -9.02 1.15
C ILE C 284 -14.51 -10.15 2.00
N ASP C 285 -13.20 -10.30 2.02
CA ASP C 285 -12.58 -11.38 2.79
C ASP C 285 -12.73 -11.17 4.27
N ALA C 286 -12.62 -9.91 4.73
CA ALA C 286 -12.83 -9.64 6.15
C ALA C 286 -14.26 -9.97 6.56
N ILE C 287 -15.23 -9.65 5.71
CA ILE C 287 -16.62 -9.94 6.04
C ILE C 287 -16.90 -11.44 5.94
N LYS C 288 -16.25 -12.13 5.00
CA LYS C 288 -16.35 -13.58 4.94
C LYS C 288 -15.78 -14.22 6.21
N GLN C 289 -14.65 -13.69 6.67
CA GLN C 289 -14.04 -14.19 7.90
C GLN C 289 -14.96 -13.98 9.09
N TYR C 290 -15.52 -12.77 9.21
CA TYR C 290 -16.48 -12.50 10.28
C TYR C 290 -17.66 -13.46 10.21
N MET C 291 -18.22 -13.63 9.02
CA MET C 291 -19.44 -14.43 8.89
C MET C 291 -19.17 -15.89 9.21
N HIS C 292 -18.08 -16.44 8.68
CA HIS C 292 -17.76 -17.83 8.96
C HIS C 292 -17.42 -18.02 10.43
N PHE C 293 -16.77 -17.03 11.04
CA PHE C 293 -16.45 -17.13 12.46
C PHE C 293 -17.71 -16.98 13.31
N ARG C 294 -18.55 -15.99 12.99
CA ARG C 294 -19.78 -15.76 13.74
C ARG C 294 -20.88 -16.73 13.36
N ASN C 295 -20.53 -17.75 12.60
CA ASN C 295 -21.50 -18.73 12.17
C ASN C 295 -22.77 -18.14 11.55
N VAL C 296 -22.61 -17.08 10.75
CA VAL C 296 -23.72 -16.53 9.99
C VAL C 296 -24.27 -17.62 9.09
N SER C 297 -25.61 -17.70 9.03
CA SER C 297 -26.24 -18.75 8.24
C SER C 297 -25.82 -18.64 6.78
N LYS C 298 -25.77 -19.79 6.11
CA LYS C 298 -25.31 -19.82 4.73
C LYS C 298 -26.21 -19.01 3.81
N ASP C 299 -27.49 -18.87 4.17
CA ASP C 299 -28.40 -18.02 3.40
C ASP C 299 -27.93 -16.57 3.43
N MET C 300 -27.70 -16.03 4.63
CA MET C 300 -27.24 -14.65 4.74
C MET C 300 -25.82 -14.50 4.22
N GLU C 301 -25.00 -15.55 4.34
CA GLU C 301 -23.65 -15.51 3.79
C GLU C 301 -23.70 -15.35 2.28
N LYS C 302 -24.58 -16.09 1.62
CA LYS C 302 -24.77 -15.94 0.18
C LYS C 302 -25.41 -14.60 -0.16
N ARG C 303 -26.29 -14.08 0.70
CA ARG C 303 -26.86 -12.77 0.45
C ARG C 303 -25.79 -11.69 0.47
N VAL C 304 -24.85 -11.79 1.41
CA VAL C 304 -23.76 -10.82 1.49
C VAL C 304 -22.83 -10.95 0.29
N ILE C 305 -22.52 -12.19 -0.10
CA ILE C 305 -21.65 -12.38 -1.27
C ILE C 305 -22.31 -11.82 -2.51
N LYS C 306 -23.61 -12.05 -2.67
CA LYS C 306 -24.34 -11.52 -3.81
C LYS C 306 -24.38 -10.00 -3.78
N TRP C 307 -24.52 -9.42 -2.59
CA TRP C 307 -24.52 -7.97 -2.47
C TRP C 307 -23.20 -7.38 -2.92
N PHE C 308 -22.08 -8.01 -2.53
CA PHE C 308 -20.79 -7.48 -2.93
C PHE C 308 -20.52 -7.70 -4.40
N ASP C 309 -20.98 -8.82 -4.95
CA ASP C 309 -20.91 -9.00 -6.39
C ASP C 309 -21.69 -7.91 -7.12
N TYR C 310 -22.86 -7.54 -6.59
CA TYR C 310 -23.64 -6.46 -7.18
C TYR C 310 -22.89 -5.14 -7.10
N LEU C 311 -22.31 -4.85 -5.94
CA LEU C 311 -21.55 -3.62 -5.78
C LEU C 311 -20.43 -3.52 -6.80
N TRP C 312 -19.64 -4.59 -6.94
CA TRP C 312 -18.51 -4.54 -7.85
C TRP C 312 -18.97 -4.48 -9.30
N THR C 313 -19.97 -5.29 -9.66
CA THR C 313 -20.42 -5.35 -11.05
C THR C 313 -20.99 -4.02 -11.51
N ASN C 314 -21.57 -3.24 -10.61
CA ASN C 314 -22.28 -2.02 -10.97
C ASN C 314 -21.52 -0.76 -10.56
N LYS C 315 -20.24 -0.89 -10.19
CA LYS C 315 -19.37 0.26 -9.90
C LYS C 315 -19.95 1.15 -8.80
N LYS C 316 -20.33 0.52 -7.69
CA LYS C 316 -20.82 1.24 -6.52
C LYS C 316 -20.06 0.83 -5.28
N THR C 317 -18.80 0.42 -5.45
CA THR C 317 -18.00 -0.09 -4.34
C THR C 317 -17.61 1.02 -3.37
N VAL C 318 -17.63 2.26 -3.79
CA VAL C 318 -17.16 3.37 -2.96
C VAL C 318 -18.33 3.92 -2.15
N ASP C 319 -18.06 4.22 -0.89
CA ASP C 319 -19.07 4.74 0.04
C ASP C 319 -19.32 6.21 -0.26
N GLU C 320 -20.56 6.57 -0.54
CA GLU C 320 -20.90 7.94 -0.94
C GLU C 320 -20.39 8.97 0.05
N LYS C 321 -20.58 8.69 1.35
CA LYS C 321 -20.15 9.64 2.38
C LYS C 321 -18.63 9.80 2.36
N GLU C 322 -17.91 8.68 2.39
CA GLU C 322 -16.45 8.70 2.41
C GLU C 322 -15.86 9.14 1.07
N VAL C 323 -16.65 9.19 0.02
CA VAL C 323 -16.21 9.73 -1.26
C VAL C 323 -16.42 11.23 -1.33
N LEU C 324 -17.56 11.72 -0.85
CA LEU C 324 -17.83 13.15 -0.87
C LEU C 324 -17.05 13.89 0.21
N LYS C 325 -16.52 13.17 1.21
CA LYS C 325 -15.71 13.85 2.22
C LYS C 325 -14.47 14.50 1.62
N TYR C 326 -14.00 14.02 0.46
CA TYR C 326 -12.83 14.62 -0.19
C TYR C 326 -13.15 15.97 -0.82
N LEU C 327 -14.41 16.21 -1.16
CA LEU C 327 -14.80 17.48 -1.73
C LEU C 327 -14.78 18.58 -0.65
N PRO C 328 -14.65 19.83 -1.06
CA PRO C 328 -14.87 20.93 -0.11
C PRO C 328 -16.35 21.04 0.22
N ASP C 329 -16.64 21.78 1.29
CA ASP C 329 -18.03 21.94 1.70
C ASP C 329 -18.87 22.59 0.61
N LYS C 330 -18.32 23.60 -0.06
CA LYS C 330 -19.08 24.29 -1.10
C LYS C 330 -19.34 23.38 -2.29
N LEU C 331 -18.30 22.65 -2.73
CA LEU C 331 -18.47 21.77 -3.87
C LEU C 331 -19.30 20.54 -3.52
N ARG C 332 -19.15 20.04 -2.29
CA ARG C 332 -19.99 18.94 -1.86
C ARG C 332 -21.46 19.36 -1.78
N ALA C 333 -21.70 20.59 -1.32
CA ALA C 333 -23.07 21.11 -1.29
C ALA C 333 -23.60 21.28 -2.70
N GLU C 334 -22.77 21.75 -3.63
CA GLU C 334 -23.23 21.88 -5.01
C GLU C 334 -23.56 20.53 -5.62
N ILE C 335 -22.73 19.51 -5.36
CA ILE C 335 -23.03 18.16 -5.81
C ILE C 335 -24.35 17.68 -5.23
N ALA C 336 -24.50 17.82 -3.91
CA ALA C 336 -25.70 17.35 -3.25
C ALA C 336 -26.94 18.05 -3.79
N ILE C 337 -26.85 19.36 -4.03
CA ILE C 337 -27.97 20.09 -4.61
C ILE C 337 -28.29 19.53 -5.98
N ASN C 338 -27.30 19.48 -6.86
CA ASN C 338 -27.51 19.01 -8.23
C ASN C 338 -28.07 17.59 -8.26
N VAL C 339 -27.82 16.81 -7.23
CA VAL C 339 -28.33 15.44 -7.20
C VAL C 339 -29.73 15.35 -6.59
N HIS C 340 -29.99 16.09 -5.51
CA HIS C 340 -31.14 15.82 -4.66
C HIS C 340 -32.21 16.91 -4.65
N LEU C 341 -31.89 18.13 -5.06
CA LEU C 341 -32.76 19.26 -4.76
C LEU C 341 -34.11 19.15 -5.46
N ASP C 342 -34.13 18.62 -6.69
CA ASP C 342 -35.40 18.53 -7.40
C ASP C 342 -36.35 17.55 -6.72
N THR C 343 -35.85 16.34 -6.43
CA THR C 343 -36.69 15.36 -5.75
C THR C 343 -37.09 15.83 -4.35
N LEU C 344 -36.23 16.62 -3.70
CA LEU C 344 -36.60 17.11 -2.37
C LEU C 344 -37.65 18.22 -2.44
N LYS C 345 -37.60 19.05 -3.48
CA LYS C 345 -38.67 20.02 -3.69
C LYS C 345 -39.99 19.33 -4.02
N LYS C 346 -39.94 18.23 -4.78
CA LYS C 346 -41.17 17.54 -5.14
C LYS C 346 -41.95 17.06 -3.92
N VAL C 347 -41.29 16.88 -2.77
CA VAL C 347 -41.98 16.47 -1.56
C VAL C 347 -43.01 17.53 -1.19
N ARG C 348 -44.17 17.07 -0.72
CA ARG C 348 -45.29 17.99 -0.52
C ARG C 348 -45.06 18.91 0.68
N ILE C 349 -44.46 18.39 1.75
CA ILE C 349 -44.25 19.24 2.91
C ILE C 349 -43.18 20.28 2.63
N PHE C 350 -42.12 19.91 1.91
CA PHE C 350 -41.05 20.82 1.55
C PHE C 350 -41.34 21.59 0.26
N ALA C 351 -42.60 21.66 -0.16
CA ALA C 351 -42.91 22.24 -1.46
C ALA C 351 -42.73 23.76 -1.46
N ASP C 352 -43.03 24.41 -0.34
CA ASP C 352 -43.00 25.88 -0.27
C ASP C 352 -42.16 26.35 0.93
N CYS C 353 -41.00 25.75 1.11
CA CYS C 353 -40.05 26.19 2.12
C CYS C 353 -38.84 26.82 1.44
N GLU C 354 -38.17 27.72 2.16
CA GLU C 354 -37.15 28.54 1.54
C GLU C 354 -35.93 27.70 1.17
N ALA C 355 -35.08 28.30 0.32
CA ALA C 355 -34.05 27.54 -0.37
C ALA C 355 -32.92 27.12 0.56
N GLY C 356 -32.53 27.99 1.48
CA GLY C 356 -31.48 27.62 2.43
C GLY C 356 -31.83 26.40 3.23
N LEU C 357 -33.10 26.28 3.64
CA LEU C 357 -33.52 25.09 4.37
C LEU C 357 -33.46 23.86 3.48
N LEU C 358 -33.87 23.99 2.22
CA LEU C 358 -33.82 22.85 1.31
C LEU C 358 -32.40 22.40 1.06
N VAL C 359 -31.43 23.33 1.02
CA VAL C 359 -30.04 22.95 0.87
C VAL C 359 -29.53 22.27 2.13
N GLU C 360 -29.88 22.83 3.29
CA GLU C 360 -29.50 22.22 4.56
C GLU C 360 -30.05 20.80 4.68
N LEU C 361 -31.23 20.57 4.11
CA LEU C 361 -31.83 19.23 4.14
C LEU C 361 -31.17 18.30 3.12
N VAL C 362 -30.96 18.78 1.91
CA VAL C 362 -30.25 18.00 0.89
C VAL C 362 -28.92 17.51 1.42
N LEU C 363 -28.19 18.37 2.14
CA LEU C 363 -26.91 17.95 2.69
C LEU C 363 -27.04 16.88 3.78
N LYS C 364 -28.27 16.58 4.22
CA LYS C 364 -28.49 15.61 5.29
C LYS C 364 -29.15 14.34 4.82
N LEU C 365 -29.34 14.15 3.52
CA LEU C 365 -29.89 12.90 3.03
C LEU C 365 -28.83 11.81 3.14
N GLN C 366 -29.23 10.64 3.62
CA GLN C 366 -28.32 9.52 3.80
C GLN C 366 -28.69 8.41 2.82
N PRO C 367 -27.78 7.98 1.96
CA PRO C 367 -28.11 6.93 1.00
C PRO C 367 -28.35 5.60 1.70
N GLN C 368 -29.44 4.93 1.32
CA GLN C 368 -29.77 3.60 1.81
C GLN C 368 -30.09 2.75 0.59
N VAL C 369 -29.26 1.76 0.32
CA VAL C 369 -29.46 0.86 -0.81
C VAL C 369 -30.02 -0.44 -0.28
N TYR C 370 -30.95 -1.03 -1.04
CA TYR C 370 -31.64 -2.24 -0.62
C TYR C 370 -31.55 -3.27 -1.73
N SER C 371 -31.75 -4.50 -1.36
CA SER C 371 -31.73 -5.61 -2.29
C SER C 371 -33.13 -6.01 -2.68
N PRO C 372 -33.29 -6.75 -3.77
CA PRO C 372 -34.63 -7.27 -4.13
C PRO C 372 -35.23 -8.06 -2.98
N GLY C 373 -36.47 -7.71 -2.64
CA GLY C 373 -37.18 -8.35 -1.55
C GLY C 373 -36.91 -7.77 -0.19
N ASP C 374 -35.94 -6.87 -0.06
CA ASP C 374 -35.69 -6.23 1.22
C ASP C 374 -36.87 -5.36 1.62
N TYR C 375 -37.27 -5.45 2.89
CA TYR C 375 -38.30 -4.60 3.43
C TYR C 375 -37.68 -3.32 3.94
N ILE C 376 -38.09 -2.19 3.36
CA ILE C 376 -37.67 -0.90 3.89
C ILE C 376 -38.41 -0.62 5.20
N CYS C 377 -39.71 -0.91 5.23
CA CYS C 377 -40.55 -0.70 6.39
C CYS C 377 -41.52 -1.86 6.52
N LYS C 378 -41.87 -2.18 7.76
CA LYS C 378 -42.97 -3.09 8.04
C LYS C 378 -44.02 -2.35 8.85
N LYS C 379 -45.26 -2.79 8.72
CA LYS C 379 -46.32 -2.24 9.53
C LYS C 379 -46.01 -2.47 11.01
N GLY C 380 -45.82 -1.39 11.74
CA GLY C 380 -45.43 -1.47 13.12
C GLY C 380 -44.00 -1.09 13.41
N ASP C 381 -43.16 -0.98 12.38
CA ASP C 381 -41.80 -0.47 12.59
C ASP C 381 -41.86 0.98 13.03
N ILE C 382 -40.81 1.41 13.73
CA ILE C 382 -40.72 2.79 14.17
C ILE C 382 -40.46 3.67 12.97
N GLY C 383 -41.37 4.60 12.70
CA GLY C 383 -41.16 5.54 11.63
C GLY C 383 -40.50 6.81 12.13
N ARG C 384 -39.17 6.85 12.03
CA ARG C 384 -38.40 8.02 12.40
C ARG C 384 -37.71 8.66 11.21
N GLU C 385 -37.86 8.08 10.02
CA GLU C 385 -37.10 8.47 8.84
C GLU C 385 -38.05 8.63 7.66
N MET C 386 -37.70 9.55 6.77
CA MET C 386 -38.42 9.74 5.52
C MET C 386 -37.53 9.27 4.37
N TYR C 387 -38.13 8.60 3.39
CA TYR C 387 -37.38 7.99 2.31
C TYR C 387 -37.77 8.60 0.98
N ILE C 388 -36.77 8.89 0.15
CA ILE C 388 -36.98 9.31 -1.23
C ILE C 388 -36.35 8.26 -2.13
N ILE C 389 -37.07 7.86 -3.17
CA ILE C 389 -36.61 6.83 -4.08
C ILE C 389 -35.81 7.47 -5.20
N LYS C 390 -34.55 7.07 -5.34
CA LYS C 390 -33.71 7.41 -6.48
C LYS C 390 -33.28 6.10 -7.12
N GLU C 391 -33.61 5.91 -8.39
CA GLU C 391 -33.24 4.71 -9.12
C GLU C 391 -33.68 3.45 -8.36
N GLY C 392 -35.00 3.29 -8.27
CA GLY C 392 -35.50 2.09 -7.63
C GLY C 392 -36.98 1.93 -7.87
N LYS C 393 -37.50 0.85 -7.31
CA LYS C 393 -38.93 0.55 -7.40
C LYS C 393 -39.33 -0.11 -6.10
N LEU C 394 -40.18 0.56 -5.33
CA LEU C 394 -40.70 0.02 -4.08
C LEU C 394 -42.14 -0.42 -4.28
N ALA C 395 -42.54 -1.42 -3.50
CA ALA C 395 -43.90 -1.96 -3.57
C ALA C 395 -44.52 -1.88 -2.18
N VAL C 396 -45.60 -1.11 -2.07
CA VAL C 396 -46.44 -1.15 -0.88
C VAL C 396 -47.20 -2.47 -0.90
N VAL C 397 -46.88 -3.36 0.04
CA VAL C 397 -47.42 -4.71 0.03
C VAL C 397 -48.25 -4.92 1.28
N ALA C 398 -48.99 -6.04 1.29
CA ALA C 398 -49.83 -6.41 2.42
C ALA C 398 -49.04 -7.22 3.42
N ASP C 399 -49.71 -7.65 4.49
CA ASP C 399 -49.04 -8.41 5.53
C ASP C 399 -48.56 -9.76 5.04
N ASP C 400 -49.22 -10.32 4.01
CA ASP C 400 -48.72 -11.55 3.41
C ASP C 400 -47.40 -11.31 2.68
N GLY C 401 -47.21 -10.11 2.15
CA GLY C 401 -45.97 -9.75 1.51
C GLY C 401 -45.86 -10.07 0.04
N VAL C 402 -46.97 -10.40 -0.63
CA VAL C 402 -46.93 -10.73 -2.05
C VAL C 402 -47.85 -9.81 -2.84
N THR C 403 -48.89 -9.31 -2.19
CA THR C 403 -49.89 -8.47 -2.85
C THR C 403 -49.42 -7.02 -2.84
N GLN C 404 -49.19 -6.45 -4.02
CA GLN C 404 -48.68 -5.10 -4.15
C GLN C 404 -49.84 -4.13 -4.29
N PHE C 405 -50.05 -3.28 -3.28
CA PHE C 405 -51.02 -2.20 -3.42
C PHE C 405 -50.53 -1.17 -4.43
N VAL C 406 -49.38 -0.56 -4.15
CA VAL C 406 -48.82 0.51 -4.97
C VAL C 406 -47.40 0.12 -5.32
N VAL C 407 -46.93 0.62 -6.46
CA VAL C 407 -45.55 0.48 -6.89
C VAL C 407 -44.94 1.87 -6.92
N LEU C 408 -44.08 2.15 -5.94
CA LEU C 408 -43.43 3.46 -5.82
C LEU C 408 -42.14 3.46 -6.62
N SER C 409 -42.04 4.38 -7.57
CA SER C 409 -40.90 4.45 -8.47
C SER C 409 -39.95 5.56 -8.03
N ASP C 410 -38.95 5.83 -8.84
CA ASP C 410 -37.98 6.88 -8.51
C ASP C 410 -38.67 8.24 -8.44
N GLY C 411 -38.12 9.12 -7.62
CA GLY C 411 -38.72 10.42 -7.42
C GLY C 411 -39.80 10.40 -6.36
N SER C 412 -40.46 9.26 -6.20
CA SER C 412 -41.48 9.11 -5.18
C SER C 412 -40.85 9.10 -3.80
N TYR C 413 -41.70 9.15 -2.77
CA TYR C 413 -41.23 9.24 -1.40
C TYR C 413 -42.31 8.71 -0.48
N PHE C 414 -41.93 8.49 0.77
CA PHE C 414 -42.89 8.12 1.80
C PHE C 414 -42.27 8.43 3.17
N GLY C 415 -43.13 8.44 4.18
CA GLY C 415 -42.67 8.70 5.53
C GLY C 415 -42.44 10.15 5.86
N GLU C 416 -42.93 11.08 5.04
CA GLU C 416 -42.66 12.50 5.30
C GLU C 416 -43.42 13.01 6.51
N ILE C 417 -44.49 12.35 6.93
CA ILE C 417 -45.18 12.76 8.14
C ILE C 417 -44.47 12.21 9.37
N SER C 418 -43.89 11.02 9.25
CA SER C 418 -43.22 10.39 10.40
C SER C 418 -42.03 11.19 10.90
N ILE C 419 -41.54 12.17 10.13
CA ILE C 419 -40.42 13.00 10.57
C ILE C 419 -40.87 14.34 11.13
N LEU C 420 -42.17 14.59 11.23
CA LEU C 420 -42.68 15.83 11.77
C LEU C 420 -43.20 15.61 13.20
N ASN C 421 -42.87 16.54 14.09
CA ASN C 421 -43.46 16.59 15.42
C ASN C 421 -44.78 17.34 15.31
N ILE C 422 -45.86 16.60 15.07
CA ILE C 422 -47.18 17.18 14.88
C ILE C 422 -47.98 16.99 16.15
N LYS C 423 -48.34 18.10 16.80
CA LYS C 423 -49.16 18.04 18.00
C LYS C 423 -50.46 17.32 17.73
N GLY C 424 -50.79 16.36 18.59
CA GLY C 424 -52.02 15.61 18.48
C GLY C 424 -52.10 14.77 17.22
N SER C 425 -51.21 13.79 17.08
CA SER C 425 -51.22 12.87 15.95
C SER C 425 -51.86 11.57 16.39
N LYS C 426 -52.88 11.13 15.65
CA LYS C 426 -53.56 9.88 15.98
C LYS C 426 -52.61 8.70 15.85
N ALA C 427 -52.07 8.45 14.66
CA ALA C 427 -51.16 7.35 14.42
C ALA C 427 -49.79 7.94 14.07
N GLY C 428 -48.83 7.76 14.98
CA GLY C 428 -47.50 8.27 14.78
C GLY C 428 -46.46 7.28 15.28
N ASN C 429 -45.20 7.58 14.96
CA ASN C 429 -44.04 6.81 15.40
C ASN C 429 -44.06 5.38 14.87
N ARG C 430 -44.99 5.04 14.00
CA ARG C 430 -45.13 3.67 13.51
C ARG C 430 -45.45 3.70 12.02
N ARG C 431 -44.87 2.75 11.29
CA ARG C 431 -45.16 2.62 9.86
C ARG C 431 -46.49 1.91 9.68
N THR C 432 -47.34 2.44 8.82
CA THR C 432 -48.63 1.83 8.52
C THR C 432 -48.63 1.07 7.21
N ALA C 433 -47.48 0.95 6.56
CA ALA C 433 -47.37 0.21 5.31
C ALA C 433 -46.17 -0.71 5.35
N ASN C 434 -46.23 -1.76 4.55
CA ASN C 434 -45.09 -2.65 4.32
C ASN C 434 -44.47 -2.22 3.00
N ILE C 435 -43.35 -1.52 3.07
CA ILE C 435 -42.63 -1.04 1.90
C ILE C 435 -41.52 -2.03 1.57
N LYS C 436 -41.61 -2.66 0.40
CA LYS C 436 -40.65 -3.65 -0.01
C LYS C 436 -39.89 -3.18 -1.23
N SER C 437 -38.65 -3.65 -1.36
CA SER C 437 -37.82 -3.33 -2.51
C SER C 437 -38.02 -4.39 -3.58
N ILE C 438 -38.46 -3.96 -4.77
CA ILE C 438 -38.61 -4.87 -5.90
C ILE C 438 -37.22 -5.13 -6.48
N GLY C 439 -36.22 -4.43 -5.96
CA GLY C 439 -34.84 -4.69 -6.31
C GLY C 439 -34.00 -3.44 -6.44
N TYR C 440 -32.90 -3.40 -5.69
CA TYR C 440 -31.85 -2.39 -5.80
C TYR C 440 -32.44 -0.98 -5.89
N SER C 441 -33.02 -0.58 -4.77
CA SER C 441 -33.88 0.60 -4.73
C SER C 441 -33.09 1.90 -4.62
N ASP C 442 -31.99 1.89 -3.87
CA ASP C 442 -31.15 3.08 -3.73
C ASP C 442 -31.93 4.28 -3.18
N LEU C 443 -32.41 4.14 -1.96
CA LEU C 443 -33.19 5.19 -1.33
C LEU C 443 -32.29 6.23 -0.68
N PHE C 444 -32.84 7.42 -0.48
CA PHE C 444 -32.17 8.47 0.27
C PHE C 444 -33.06 8.87 1.44
N CYS C 445 -32.47 8.86 2.63
CA CYS C 445 -33.20 8.93 3.87
C CYS C 445 -33.02 10.28 4.54
N LEU C 446 -34.11 10.82 5.08
CA LEU C 446 -34.08 12.03 5.89
C LEU C 446 -34.68 11.68 7.25
N SER C 447 -33.84 11.55 8.26
CA SER C 447 -34.31 11.17 9.58
C SER C 447 -35.00 12.35 10.25
N LYS C 448 -35.64 12.06 11.38
CA LYS C 448 -36.32 13.11 12.14
C LYS C 448 -35.32 14.01 12.85
N ASP C 449 -34.28 13.42 13.45
CA ASP C 449 -33.24 14.22 14.10
C ASP C 449 -32.55 15.12 13.10
N ASP C 450 -32.34 14.63 11.88
CA ASP C 450 -31.71 15.45 10.85
C ASP C 450 -32.59 16.64 10.49
N LEU C 451 -33.89 16.41 10.35
CA LEU C 451 -34.80 17.51 10.03
C LEU C 451 -34.84 18.52 11.16
N MET C 452 -34.79 18.05 12.41
CA MET C 452 -34.81 18.97 13.54
C MET C 452 -33.52 19.80 13.59
N GLU C 453 -32.37 19.16 13.40
CA GLU C 453 -31.12 19.90 13.36
C GLU C 453 -31.10 20.90 12.23
N ALA C 454 -31.72 20.55 11.09
CA ALA C 454 -31.78 21.49 9.99
C ALA C 454 -32.72 22.66 10.28
N LEU C 455 -33.82 22.39 10.97
CA LEU C 455 -34.80 23.42 11.28
C LEU C 455 -34.40 24.30 12.46
N THR C 456 -33.39 23.91 13.23
CA THR C 456 -33.00 24.71 14.39
C THR C 456 -32.68 26.16 14.03
N GLU C 457 -32.32 26.44 12.78
CA GLU C 457 -32.06 27.80 12.34
C GLU C 457 -33.18 28.37 11.48
N TYR C 458 -34.25 27.62 11.25
CA TYR C 458 -35.38 28.06 10.43
C TYR C 458 -36.66 27.83 11.22
N PRO C 459 -36.93 28.67 12.23
CA PRO C 459 -38.09 28.37 13.10
C PRO C 459 -39.43 28.56 12.41
N ASP C 460 -39.58 29.59 11.58
CA ASP C 460 -40.83 29.74 10.84
C ASP C 460 -41.03 28.59 9.87
N ALA C 461 -39.94 28.11 9.27
CA ALA C 461 -40.02 26.90 8.46
C ALA C 461 -40.50 25.72 9.29
N LYS C 462 -40.03 25.60 10.53
CA LYS C 462 -40.45 24.50 11.39
C LYS C 462 -41.93 24.57 11.69
N THR C 463 -42.41 25.74 12.10
CA THR C 463 -43.83 25.86 12.44
C THR C 463 -44.71 25.67 11.21
N MET C 464 -44.28 26.17 10.04
CA MET C 464 -45.07 25.97 8.83
C MET C 464 -45.08 24.51 8.42
N LEU C 465 -43.94 23.82 8.52
CA LEU C 465 -43.89 22.40 8.20
C LEU C 465 -44.79 21.60 9.12
N GLU C 466 -44.77 21.90 10.42
CA GLU C 466 -45.60 21.15 11.35
C GLU C 466 -47.08 21.44 11.17
N GLU C 467 -47.42 22.68 10.85
CA GLU C 467 -48.82 22.99 10.56
C GLU C 467 -49.28 22.33 9.26
N LYS C 468 -48.41 22.25 8.26
CA LYS C 468 -48.75 21.55 7.02
C LYS C 468 -48.96 20.07 7.28
N GLY C 469 -48.10 19.46 8.10
CA GLY C 469 -48.30 18.07 8.46
C GLY C 469 -49.58 17.86 9.25
N LYS C 470 -49.93 18.83 10.09
CA LYS C 470 -51.20 18.76 10.81
C LYS C 470 -52.38 18.78 9.84
N GLN C 471 -52.34 19.69 8.86
CA GLN C 471 -53.39 19.71 7.85
C GLN C 471 -53.45 18.40 7.08
N ILE C 472 -52.29 17.80 6.81
CA ILE C 472 -52.26 16.51 6.14
C ILE C 472 -52.94 15.44 6.99
N LEU C 473 -52.64 15.41 8.29
CA LEU C 473 -53.19 14.39 9.16
C LEU C 473 -54.69 14.55 9.34
N MET C 474 -55.14 15.75 9.70
CA MET C 474 -56.56 16.00 9.93
C MET C 474 -57.40 15.83 8.68
N LYS C 475 -56.78 15.75 7.50
CA LYS C 475 -57.50 15.48 6.27
C LYS C 475 -58.11 14.09 6.29
N VAL D 26 -37.51 -14.65 -22.45
CA VAL D 26 -36.48 -15.26 -21.63
C VAL D 26 -35.19 -14.44 -21.74
N VAL D 27 -34.59 -14.13 -20.59
CA VAL D 27 -33.46 -13.22 -20.52
C VAL D 27 -32.43 -13.78 -19.56
N ILE D 28 -31.16 -13.63 -19.91
CA ILE D 28 -30.06 -14.14 -19.11
C ILE D 28 -29.65 -13.07 -18.10
N ASP D 29 -29.57 -13.46 -16.84
CA ASP D 29 -29.04 -12.61 -15.79
C ASP D 29 -27.53 -12.53 -15.93
N PRO D 30 -26.95 -11.36 -16.23
CA PRO D 30 -25.50 -11.29 -16.47
C PRO D 30 -24.67 -11.51 -15.21
N SER D 31 -25.28 -11.80 -14.07
CA SER D 31 -24.57 -12.12 -12.85
C SER D 31 -24.81 -13.56 -12.41
N GLY D 32 -25.50 -14.35 -13.22
CA GLY D 32 -25.83 -15.71 -12.86
C GLY D 32 -24.83 -16.72 -13.42
N ASN D 33 -25.15 -17.99 -13.22
CA ASN D 33 -24.27 -19.06 -13.66
C ASN D 33 -24.38 -19.32 -15.15
N THR D 34 -25.58 -19.15 -15.73
CA THR D 34 -25.74 -19.36 -17.16
C THR D 34 -24.88 -18.40 -17.96
N TYR D 35 -24.84 -17.13 -17.54
CA TYR D 35 -24.04 -16.15 -18.24
C TYR D 35 -22.55 -16.48 -18.15
N TYR D 36 -22.09 -16.95 -16.99
CA TYR D 36 -20.69 -17.31 -16.84
C TYR D 36 -20.36 -18.53 -17.69
N ASN D 37 -21.24 -19.52 -17.73
CA ASN D 37 -21.03 -20.68 -18.58
C ASN D 37 -20.96 -20.28 -20.04
N TRP D 38 -21.82 -19.36 -20.46
CA TRP D 38 -21.72 -18.90 -21.84
C TRP D 38 -20.43 -18.11 -22.07
N LEU D 39 -19.97 -17.37 -21.07
CA LEU D 39 -18.69 -16.67 -21.21
C LEU D 39 -17.57 -17.65 -21.50
N PHE D 40 -17.58 -18.79 -20.80
CA PHE D 40 -16.61 -19.84 -21.10
C PHE D 40 -16.80 -20.37 -22.52
N CYS D 41 -18.05 -20.63 -22.90
CA CYS D 41 -18.33 -21.22 -24.21
C CYS D 41 -17.86 -20.32 -25.34
N ILE D 42 -18.04 -19.01 -25.20
CA ILE D 42 -17.60 -18.07 -26.23
C ILE D 42 -16.11 -17.77 -26.12
N THR D 43 -15.53 -17.91 -24.93
CA THR D 43 -14.09 -17.73 -24.80
C THR D 43 -13.33 -18.84 -25.49
N LEU D 44 -13.91 -20.03 -25.57
CA LEU D 44 -13.25 -21.11 -26.31
C LEU D 44 -12.94 -20.73 -27.76
N PRO D 45 -13.90 -20.28 -28.59
CA PRO D 45 -13.53 -19.91 -29.96
C PRO D 45 -12.72 -18.63 -30.05
N VAL D 46 -12.86 -17.70 -29.11
CA VAL D 46 -12.03 -16.51 -29.14
C VAL D 46 -10.57 -16.88 -28.90
N MET D 47 -10.32 -17.76 -27.93
CA MET D 47 -8.97 -18.23 -27.70
C MET D 47 -8.46 -19.03 -28.88
N TYR D 48 -9.31 -19.88 -29.46
CA TYR D 48 -8.92 -20.64 -30.63
C TYR D 48 -8.49 -19.71 -31.76
N ASN D 49 -9.25 -18.66 -32.01
CA ASN D 49 -8.89 -17.73 -33.07
C ASN D 49 -7.60 -17.01 -32.74
N TRP D 50 -7.51 -16.45 -31.53
CA TRP D 50 -6.34 -15.67 -31.12
C TRP D 50 -5.07 -16.50 -31.15
N THR D 51 -5.17 -17.81 -30.98
CA THR D 51 -3.98 -18.65 -31.01
C THR D 51 -3.70 -19.26 -32.37
N MET D 52 -4.73 -19.57 -33.15
CA MET D 52 -4.55 -20.40 -34.33
C MET D 52 -4.61 -19.64 -35.64
N VAL D 53 -5.28 -18.48 -35.71
CA VAL D 53 -5.33 -17.76 -36.97
C VAL D 53 -3.93 -17.30 -37.35
N ILE D 54 -3.19 -16.73 -36.40
CA ILE D 54 -1.83 -16.29 -36.67
C ILE D 54 -0.92 -17.49 -36.93
N ALA D 55 -1.14 -18.60 -36.23
CA ALA D 55 -0.29 -19.77 -36.40
C ALA D 55 -0.46 -20.37 -37.80
N ARG D 56 -1.68 -20.40 -38.30
CA ARG D 56 -1.92 -20.89 -39.65
C ARG D 56 -1.52 -19.87 -40.71
N ALA D 57 -1.62 -18.58 -40.39
CA ALA D 57 -1.17 -17.56 -41.32
C ALA D 57 0.33 -17.61 -41.52
N CYS D 58 1.08 -17.87 -40.45
CA CYS D 58 2.53 -17.81 -40.52
C CYS D 58 3.15 -19.15 -40.89
N PHE D 59 2.69 -20.24 -40.28
CA PHE D 59 3.18 -21.58 -40.62
C PHE D 59 2.25 -22.15 -41.68
N ASP D 60 2.67 -22.04 -42.94
CA ASP D 60 1.78 -22.38 -44.06
C ASP D 60 1.42 -23.85 -44.08
N GLU D 61 2.35 -24.72 -43.68
CA GLU D 61 2.05 -26.15 -43.65
C GLU D 61 1.00 -26.48 -42.60
N LEU D 62 0.96 -25.72 -41.50
CA LEU D 62 -0.08 -25.93 -40.50
C LEU D 62 -1.45 -25.62 -41.06
N GLN D 63 -1.57 -24.57 -41.88
CA GLN D 63 -2.84 -24.24 -42.48
C GLN D 63 -3.22 -25.22 -43.57
N SER D 64 -2.27 -25.60 -44.43
CA SER D 64 -2.60 -26.40 -45.60
C SER D 64 -2.62 -27.90 -45.34
N ASP D 65 -2.11 -28.37 -44.20
CA ASP D 65 -2.09 -29.79 -43.93
C ASP D 65 -3.25 -30.27 -43.08
N TYR D 66 -3.91 -29.37 -42.37
CA TYR D 66 -5.08 -29.70 -41.55
C TYR D 66 -6.27 -28.85 -41.94
N LEU D 67 -6.33 -28.47 -43.22
CA LEU D 67 -7.33 -27.51 -43.68
C LEU D 67 -8.75 -27.98 -43.41
N GLU D 68 -8.98 -29.29 -43.38
CA GLU D 68 -10.32 -29.78 -43.09
C GLU D 68 -10.70 -29.50 -41.64
N TYR D 69 -9.81 -29.82 -40.71
CA TYR D 69 -10.05 -29.49 -39.31
C TYR D 69 -10.15 -27.98 -39.12
N TRP D 70 -9.35 -27.22 -39.85
CA TRP D 70 -9.42 -25.77 -39.72
C TRP D 70 -10.75 -25.23 -40.22
N LEU D 71 -11.27 -25.77 -41.31
CA LEU D 71 -12.58 -25.34 -41.77
C LEU D 71 -13.66 -25.66 -40.75
N ILE D 72 -13.66 -26.90 -40.25
CA ILE D 72 -14.66 -27.29 -39.25
C ILE D 72 -14.57 -26.36 -38.03
N LEU D 73 -13.37 -26.15 -37.51
CA LEU D 73 -13.21 -25.37 -36.29
C LEU D 73 -13.52 -23.90 -36.52
N ASP D 74 -13.12 -23.36 -37.66
CA ASP D 74 -13.40 -21.96 -37.96
C ASP D 74 -14.91 -21.71 -38.06
N TYR D 75 -15.64 -22.64 -38.65
CA TYR D 75 -17.06 -22.38 -38.81
C TYR D 75 -17.85 -22.73 -37.56
N VAL D 76 -17.37 -23.66 -36.75
CA VAL D 76 -17.94 -23.81 -35.41
C VAL D 76 -17.72 -22.55 -34.59
N SER D 77 -16.53 -21.94 -34.73
CA SER D 77 -16.25 -20.70 -34.03
C SER D 77 -17.16 -19.57 -34.51
N ASP D 78 -17.42 -19.52 -35.82
CA ASP D 78 -18.30 -18.48 -36.34
C ASP D 78 -19.74 -18.69 -35.88
N ILE D 79 -20.17 -19.95 -35.78
CA ILE D 79 -21.49 -20.24 -35.24
C ILE D 79 -21.57 -19.80 -33.79
N VAL D 80 -20.53 -20.08 -33.01
CA VAL D 80 -20.54 -19.65 -31.61
C VAL D 80 -20.50 -18.14 -31.49
N TYR D 81 -19.84 -17.46 -32.43
CA TYR D 81 -19.87 -16.00 -32.43
C TYR D 81 -21.27 -15.48 -32.72
N LEU D 82 -21.98 -16.12 -33.65
CA LEU D 82 -23.38 -15.75 -33.91
C LEU D 82 -24.24 -15.97 -32.67
N ILE D 83 -24.05 -17.11 -32.00
CA ILE D 83 -24.81 -17.37 -30.78
C ILE D 83 -24.45 -16.38 -29.70
N ASP D 84 -23.20 -15.91 -29.69
CA ASP D 84 -22.80 -14.89 -28.74
C ASP D 84 -23.50 -13.58 -29.00
N MET D 85 -23.66 -13.21 -30.28
CA MET D 85 -24.41 -12.00 -30.58
C MET D 85 -25.86 -12.14 -30.17
N PHE D 86 -26.46 -13.31 -30.42
CA PHE D 86 -27.83 -13.53 -29.99
C PHE D 86 -27.96 -13.46 -28.47
N VAL D 87 -27.03 -14.10 -27.75
CA VAL D 87 -27.02 -14.04 -26.29
C VAL D 87 -26.89 -12.60 -25.83
N ARG D 88 -26.08 -11.80 -26.52
CA ARG D 88 -25.91 -10.42 -26.11
C ARG D 88 -27.15 -9.59 -26.41
N THR D 89 -28.01 -10.04 -27.34
CA THR D 89 -29.34 -9.47 -27.43
C THR D 89 -30.28 -9.95 -26.33
N ARG D 90 -29.96 -11.06 -25.67
CA ARG D 90 -30.81 -11.63 -24.63
C ARG D 90 -30.27 -11.39 -23.23
N THR D 91 -29.21 -10.60 -23.09
CA THR D 91 -28.61 -10.35 -21.79
C THR D 91 -29.25 -9.10 -21.20
N GLY D 92 -29.93 -9.27 -20.07
CA GLY D 92 -30.64 -8.16 -19.47
C GLY D 92 -29.71 -7.26 -18.70
N TYR D 93 -29.78 -5.96 -18.98
CA TYR D 93 -29.10 -5.00 -18.14
C TYR D 93 -30.03 -4.55 -17.01
N LEU D 94 -29.45 -3.91 -16.01
CA LEU D 94 -30.17 -3.54 -14.81
C LEU D 94 -30.56 -2.08 -14.92
N GLU D 95 -31.86 -1.81 -14.88
CA GLU D 95 -32.38 -0.45 -14.91
C GLU D 95 -33.41 -0.30 -13.80
N GLN D 96 -33.30 0.80 -13.04
CA GLN D 96 -34.15 1.03 -11.88
C GLN D 96 -34.07 -0.15 -10.92
N GLY D 97 -32.87 -0.69 -10.76
CA GLY D 97 -32.64 -1.82 -9.90
C GLY D 97 -33.25 -3.12 -10.35
N LEU D 98 -33.99 -3.13 -11.45
CA LEU D 98 -34.62 -4.32 -11.99
C LEU D 98 -33.93 -4.74 -13.28
N LEU D 99 -34.04 -6.02 -13.60
CA LEU D 99 -33.44 -6.56 -14.81
C LEU D 99 -34.35 -6.25 -15.99
N VAL D 100 -33.84 -5.46 -16.94
CA VAL D 100 -34.59 -5.18 -18.15
C VAL D 100 -34.73 -6.48 -18.94
N LYS D 101 -35.98 -6.81 -19.29
CA LYS D 101 -36.26 -8.02 -20.06
C LYS D 101 -37.29 -7.73 -21.14
N GLU D 102 -37.11 -6.61 -21.84
CA GLU D 102 -37.89 -6.29 -23.03
C GLU D 102 -36.97 -6.38 -24.23
N GLU D 103 -37.34 -7.21 -25.20
CA GLU D 103 -36.44 -7.50 -26.31
C GLU D 103 -36.07 -6.23 -27.07
N LEU D 104 -37.01 -5.29 -27.19
CA LEU D 104 -36.71 -4.03 -27.85
C LEU D 104 -35.59 -3.28 -27.14
N LYS D 105 -35.69 -3.17 -25.81
CA LYS D 105 -34.70 -2.41 -25.05
C LYS D 105 -33.36 -3.12 -25.03
N LEU D 106 -33.37 -4.44 -24.91
CA LEU D 106 -32.12 -5.20 -24.92
C LEU D 106 -31.41 -5.05 -26.26
N ILE D 107 -32.14 -5.22 -27.36
CA ILE D 107 -31.55 -5.08 -28.67
C ILE D 107 -31.06 -3.66 -28.90
N ASN D 108 -31.80 -2.66 -28.39
CA ASN D 108 -31.36 -1.29 -28.55
C ASN D 108 -30.07 -1.02 -27.80
N LYS D 109 -29.96 -1.52 -26.57
CA LYS D 109 -28.73 -1.31 -25.81
C LYS D 109 -27.57 -2.08 -26.41
N TYR D 110 -27.85 -3.21 -27.06
CA TYR D 110 -26.78 -3.94 -27.74
C TYR D 110 -26.30 -3.18 -28.96
N LYS D 111 -27.21 -2.90 -29.91
CA LYS D 111 -26.82 -2.26 -31.16
C LYS D 111 -26.22 -0.88 -30.94
N SER D 112 -26.66 -0.18 -29.90
CA SER D 112 -26.07 1.12 -29.61
C SER D 112 -24.66 1.00 -29.05
N ASN D 113 -24.29 -0.18 -28.58
CA ASN D 113 -22.99 -0.37 -27.94
C ASN D 113 -21.90 -0.56 -28.99
N LEU D 114 -20.67 -0.25 -28.60
CA LEU D 114 -19.53 -0.51 -29.47
C LEU D 114 -19.29 -1.99 -29.63
N GLN D 115 -19.67 -2.78 -28.64
CA GLN D 115 -19.51 -4.23 -28.74
C GLN D 115 -20.27 -4.80 -29.91
N PHE D 116 -21.43 -4.22 -30.26
CA PHE D 116 -22.16 -4.70 -31.42
C PHE D 116 -21.38 -4.46 -32.70
N LYS D 117 -20.76 -3.29 -32.83
CA LYS D 117 -19.93 -3.01 -33.98
C LYS D 117 -18.75 -3.98 -34.04
N LEU D 118 -18.13 -4.25 -32.90
CA LEU D 118 -17.01 -5.19 -32.85
C LEU D 118 -17.46 -6.59 -33.24
N ASP D 119 -18.64 -7.02 -32.80
CA ASP D 119 -19.14 -8.34 -33.14
C ASP D 119 -19.46 -8.45 -34.62
N VAL D 120 -20.06 -7.41 -35.19
CA VAL D 120 -20.34 -7.41 -36.62
C VAL D 120 -19.06 -7.46 -37.42
N LEU D 121 -18.06 -6.67 -37.04
CA LEU D 121 -16.78 -6.72 -37.73
C LEU D 121 -16.14 -8.09 -37.60
N SER D 122 -16.25 -8.71 -36.43
CA SER D 122 -15.66 -10.02 -36.21
C SER D 122 -16.38 -11.12 -36.98
N LEU D 123 -17.63 -10.84 -37.37
CA LEU D 123 -18.44 -11.80 -38.11
C LEU D 123 -18.51 -11.50 -39.61
N ILE D 124 -17.87 -10.41 -40.04
CA ILE D 124 -17.85 -10.05 -41.46
C ILE D 124 -17.22 -11.23 -42.20
N PRO D 125 -17.91 -11.76 -43.24
CA PRO D 125 -17.36 -12.93 -43.91
C PRO D 125 -16.16 -12.56 -44.74
N THR D 126 -14.98 -12.84 -44.21
CA THR D 126 -13.73 -12.67 -44.95
C THR D 126 -13.23 -14.00 -45.50
N ASP D 127 -13.84 -15.10 -45.11
CA ASP D 127 -13.55 -16.40 -45.70
C ASP D 127 -13.86 -16.41 -47.19
N LEU D 128 -14.67 -15.48 -47.68
CA LEU D 128 -14.93 -15.39 -49.10
C LEU D 128 -13.66 -15.07 -49.88
N LEU D 129 -12.66 -14.46 -49.22
CA LEU D 129 -11.38 -14.22 -49.87
C LEU D 129 -10.61 -15.51 -50.11
N TYR D 130 -10.99 -16.60 -49.44
CA TYR D 130 -10.38 -17.90 -49.73
C TYR D 130 -10.53 -18.28 -51.20
N PHE D 131 -11.53 -17.73 -51.88
CA PHE D 131 -11.71 -18.00 -53.30
C PHE D 131 -10.77 -17.15 -54.14
N LYS D 132 -10.55 -15.90 -53.74
CA LYS D 132 -9.62 -15.04 -54.47
C LYS D 132 -8.18 -15.25 -54.03
N LEU D 133 -7.92 -15.19 -52.72
CA LEU D 133 -6.54 -15.24 -52.24
C LEU D 133 -5.99 -16.66 -52.24
N GLY D 134 -6.82 -17.64 -51.93
CA GLY D 134 -6.40 -19.02 -51.85
C GLY D 134 -6.48 -19.55 -50.42
N TRP D 135 -6.28 -20.86 -50.31
CA TRP D 135 -6.38 -21.52 -49.03
C TRP D 135 -5.21 -21.24 -48.11
N ASN D 136 -4.17 -20.56 -48.59
CA ASN D 136 -3.00 -20.26 -47.78
C ASN D 136 -3.07 -18.88 -47.14
N TYR D 137 -4.26 -18.31 -47.03
CA TYR D 137 -4.44 -17.01 -46.41
C TYR D 137 -5.53 -17.05 -45.35
N PRO D 138 -5.28 -17.70 -44.22
CA PRO D 138 -6.19 -17.57 -43.08
C PRO D 138 -6.09 -16.24 -42.36
N GLU D 139 -5.17 -15.35 -42.76
CA GLU D 139 -5.13 -14.00 -42.19
C GLU D 139 -6.47 -13.31 -42.30
N ILE D 140 -7.28 -13.71 -43.28
CA ILE D 140 -8.58 -13.09 -43.51
C ILE D 140 -9.47 -13.23 -42.28
N ARG D 141 -9.26 -14.27 -41.48
CA ARG D 141 -10.04 -14.48 -40.27
C ARG D 141 -9.47 -13.73 -39.07
N LEU D 142 -8.55 -12.78 -39.29
CA LEU D 142 -8.04 -12.00 -38.17
C LEU D 142 -9.11 -11.11 -37.56
N ASN D 143 -10.17 -10.81 -38.30
CA ASN D 143 -11.26 -10.04 -37.72
C ASN D 143 -11.96 -10.78 -36.59
N ARG D 144 -11.89 -12.11 -36.59
CA ARG D 144 -12.44 -12.89 -35.49
C ARG D 144 -11.79 -12.55 -34.16
N LEU D 145 -10.60 -11.95 -34.19
CA LEU D 145 -9.93 -11.54 -32.97
C LEU D 145 -10.63 -10.39 -32.27
N LEU D 146 -11.56 -9.72 -32.94
CA LEU D 146 -12.29 -8.61 -32.36
C LEU D 146 -13.32 -9.04 -31.33
N ARG D 147 -13.46 -10.34 -31.07
CA ARG D 147 -14.29 -10.83 -29.98
C ARG D 147 -13.53 -10.94 -28.67
N PHE D 148 -12.34 -10.33 -28.60
CA PHE D 148 -11.50 -10.40 -27.40
C PHE D 148 -12.26 -9.98 -26.15
N SER D 149 -13.29 -9.15 -26.30
CA SER D 149 -14.02 -8.65 -25.15
C SER D 149 -14.66 -9.78 -24.36
N ARG D 150 -15.20 -10.78 -25.05
CA ARG D 150 -15.81 -11.92 -24.36
C ARG D 150 -14.78 -12.70 -23.56
N MET D 151 -13.59 -12.90 -24.12
CA MET D 151 -12.54 -13.62 -23.42
C MET D 151 -12.07 -12.84 -22.19
N PHE D 152 -11.81 -11.54 -22.36
CA PHE D 152 -11.40 -10.72 -21.22
C PHE D 152 -12.50 -10.65 -20.17
N GLU D 153 -13.76 -10.64 -20.58
CA GLU D 153 -14.86 -10.61 -19.64
C GLU D 153 -14.96 -11.92 -18.89
N PHE D 154 -14.77 -13.05 -19.57
CA PHE D 154 -14.76 -14.33 -18.90
C PHE D 154 -13.65 -14.39 -17.86
N PHE D 155 -12.47 -13.86 -18.19
CA PHE D 155 -11.38 -13.85 -17.22
C PHE D 155 -11.71 -12.94 -16.03
N GLN D 156 -12.24 -11.76 -16.30
CA GLN D 156 -12.62 -10.84 -15.22
C GLN D 156 -13.68 -11.45 -14.32
N ARG D 157 -14.62 -12.17 -14.91
CA ARG D 157 -15.68 -12.81 -14.13
C ARG D 157 -15.14 -13.98 -13.33
N THR D 158 -14.25 -14.77 -13.93
CA THR D 158 -13.63 -15.88 -13.20
C THR D 158 -12.85 -15.36 -12.00
N GLU D 159 -12.13 -14.26 -12.17
CA GLU D 159 -11.31 -13.75 -11.08
C GLU D 159 -12.16 -13.35 -9.88
N THR D 160 -13.34 -12.79 -10.13
CA THR D 160 -14.24 -12.39 -9.06
C THR D 160 -15.18 -13.51 -8.62
N ARG D 161 -14.94 -14.74 -9.06
CA ARG D 161 -15.90 -15.80 -8.85
C ARG D 161 -15.26 -17.04 -8.23
N THR D 162 -13.99 -17.25 -8.51
CA THR D 162 -13.32 -18.48 -8.11
C THR D 162 -12.91 -18.43 -6.65
N ASN D 163 -12.79 -19.61 -6.04
CA ASN D 163 -12.23 -19.73 -4.70
C ASN D 163 -10.73 -19.55 -4.68
N TYR D 164 -10.09 -19.56 -5.85
CA TYR D 164 -8.65 -19.45 -5.98
C TYR D 164 -8.33 -18.28 -6.90
N PRO D 165 -8.52 -17.06 -6.43
CA PRO D 165 -8.27 -15.90 -7.29
C PRO D 165 -6.83 -15.77 -7.72
N ASN D 166 -5.88 -16.17 -6.87
CA ASN D 166 -4.48 -16.01 -7.20
C ASN D 166 -3.98 -17.14 -8.09
N ILE D 167 -4.49 -18.36 -7.88
CA ILE D 167 -4.15 -19.45 -8.79
C ILE D 167 -4.63 -19.13 -10.20
N PHE D 168 -5.89 -18.68 -10.31
CA PHE D 168 -6.40 -18.30 -11.61
C PHE D 168 -5.67 -17.08 -12.15
N ARG D 169 -5.27 -16.16 -11.28
CA ARG D 169 -4.51 -15.00 -11.73
C ARG D 169 -3.19 -15.42 -12.37
N ILE D 170 -2.50 -16.37 -11.74
CA ILE D 170 -1.25 -16.88 -12.29
C ILE D 170 -1.50 -17.64 -13.59
N SER D 171 -2.58 -18.42 -13.63
CA SER D 171 -2.91 -19.16 -14.84
C SER D 171 -3.22 -18.22 -15.99
N ASN D 172 -3.92 -17.13 -15.70
CA ASN D 172 -4.26 -16.15 -16.72
C ASN D 172 -3.03 -15.38 -17.19
N LEU D 173 -2.13 -15.06 -16.26
CA LEU D 173 -0.86 -14.45 -16.65
C LEU D 173 -0.07 -15.39 -17.55
N VAL D 174 0.02 -16.66 -17.18
CA VAL D 174 0.75 -17.63 -18.00
C VAL D 174 0.10 -17.78 -19.36
N MET D 175 -1.23 -17.75 -19.40
CA MET D 175 -1.92 -17.83 -20.68
C MET D 175 -1.58 -16.64 -21.57
N TYR D 176 -1.64 -15.43 -21.02
CA TYR D 176 -1.26 -14.25 -21.78
C TYR D 176 0.18 -14.34 -22.27
N ILE D 177 1.08 -14.81 -21.41
CA ILE D 177 2.50 -14.86 -21.78
C ILE D 177 2.73 -15.90 -22.86
N VAL D 178 2.07 -17.05 -22.76
CA VAL D 178 2.23 -18.08 -23.78
C VAL D 178 1.64 -17.60 -25.10
N ILE D 179 0.54 -16.86 -25.06
CA ILE D 179 -0.04 -16.36 -26.30
C ILE D 179 0.86 -15.31 -26.92
N ILE D 180 1.47 -14.44 -26.11
CA ILE D 180 2.38 -13.44 -26.65
C ILE D 180 3.62 -14.11 -27.24
N ILE D 181 4.15 -15.12 -26.55
CA ILE D 181 5.32 -15.84 -27.06
C ILE D 181 4.97 -16.57 -28.33
N HIS D 182 3.78 -17.16 -28.40
CA HIS D 182 3.34 -17.84 -29.61
C HIS D 182 3.20 -16.87 -30.77
N TRP D 183 2.60 -15.70 -30.52
CA TRP D 183 2.46 -14.69 -31.56
C TRP D 183 3.83 -14.21 -32.03
N ASN D 184 4.76 -14.03 -31.11
CA ASN D 184 6.10 -13.60 -31.48
C ASN D 184 6.86 -14.68 -32.23
N ALA D 185 6.60 -15.95 -31.91
CA ALA D 185 7.17 -17.05 -32.68
C ALA D 185 6.65 -17.06 -34.10
N CYS D 186 5.34 -16.83 -34.25
CA CYS D 186 4.75 -16.72 -35.58
C CYS D 186 5.33 -15.55 -36.35
N VAL D 187 5.56 -14.42 -35.66
CA VAL D 187 6.16 -13.26 -36.30
C VAL D 187 7.58 -13.56 -36.74
N PHE D 188 8.35 -14.25 -35.88
CA PHE D 188 9.71 -14.62 -36.26
C PHE D 188 9.73 -15.52 -37.48
N TYR D 189 8.82 -16.49 -37.53
CA TYR D 189 8.78 -17.38 -38.68
C TYR D 189 8.34 -16.63 -39.94
N SER D 190 7.41 -15.69 -39.81
CA SER D 190 7.00 -14.90 -40.98
C SER D 190 8.11 -13.98 -41.46
N ILE D 191 8.89 -13.41 -40.54
CA ILE D 191 10.02 -12.59 -40.94
C ILE D 191 11.09 -13.45 -41.61
N SER D 192 11.30 -14.65 -41.10
CA SER D 192 12.25 -15.58 -41.74
C SER D 192 11.77 -15.96 -43.13
N LYS D 193 10.46 -16.15 -43.29
CA LYS D 193 9.90 -16.47 -44.60
C LYS D 193 10.07 -15.32 -45.57
N ALA D 194 9.79 -14.10 -45.11
CA ALA D 194 9.91 -12.92 -45.97
C ALA D 194 11.36 -12.67 -46.38
N ILE D 195 12.28 -12.82 -45.43
CA ILE D 195 13.70 -12.65 -45.77
C ILE D 195 14.20 -13.85 -46.57
N GLY D 196 13.68 -15.04 -46.27
CA GLY D 196 14.11 -16.24 -46.95
C GLY D 196 14.70 -17.23 -45.98
N PHE D 197 14.10 -18.42 -45.89
CA PHE D 197 14.57 -19.43 -44.96
C PHE D 197 16.01 -19.82 -45.27
N GLY D 198 16.90 -19.61 -44.31
CA GLY D 198 18.28 -19.95 -44.46
C GLY D 198 19.12 -18.99 -45.25
N ASN D 199 18.56 -17.85 -45.68
CA ASN D 199 19.36 -16.89 -46.44
C ASN D 199 20.48 -16.29 -45.61
N ASP D 200 20.29 -16.19 -44.30
CA ASP D 200 21.37 -15.85 -43.40
C ASP D 200 21.22 -16.67 -42.13
N THR D 201 22.16 -16.50 -41.21
CA THR D 201 22.20 -17.36 -40.04
C THR D 201 21.21 -16.98 -38.96
N TRP D 202 20.54 -15.84 -39.11
CA TRP D 202 19.57 -15.40 -38.11
C TRP D 202 18.18 -15.97 -38.35
N VAL D 203 17.72 -15.92 -39.60
CA VAL D 203 16.37 -16.39 -39.90
C VAL D 203 16.27 -17.88 -39.61
N TYR D 204 15.03 -18.35 -39.53
CA TYR D 204 14.79 -19.77 -39.46
C TYR D 204 15.49 -20.47 -40.63
N PRO D 205 16.13 -21.61 -40.40
CA PRO D 205 16.94 -22.23 -41.46
C PRO D 205 16.11 -22.73 -42.63
N ASP D 206 16.78 -23.35 -43.60
CA ASP D 206 16.10 -23.82 -44.79
C ASP D 206 15.04 -24.84 -44.42
N ILE D 207 13.85 -24.68 -45.01
CA ILE D 207 12.72 -25.57 -44.72
C ILE D 207 12.72 -26.72 -45.72
N ASN D 208 13.75 -26.80 -46.55
CA ASN D 208 13.96 -27.98 -47.38
C ASN D 208 14.85 -28.99 -46.69
N ASP D 209 15.32 -28.69 -45.49
CA ASP D 209 16.05 -29.67 -44.70
C ASP D 209 15.06 -30.70 -44.15
N PRO D 210 15.46 -31.97 -44.07
CA PRO D 210 14.58 -32.97 -43.46
C PRO D 210 14.21 -32.66 -42.02
N GLU D 211 15.11 -32.02 -41.26
CA GLU D 211 14.85 -31.77 -39.85
C GLU D 211 14.12 -30.46 -39.62
N PHE D 212 14.61 -29.38 -40.20
CA PHE D 212 14.02 -28.06 -39.99
C PHE D 212 12.90 -27.75 -40.98
N GLY D 213 12.62 -28.62 -41.92
CA GLY D 213 11.47 -28.48 -42.77
C GLY D 213 10.22 -29.12 -42.24
N ARG D 214 10.30 -29.70 -41.05
CA ARG D 214 9.19 -30.38 -40.43
C ARG D 214 8.37 -29.38 -39.62
N LEU D 215 7.04 -29.48 -39.73
CA LEU D 215 6.16 -28.48 -39.14
C LEU D 215 6.32 -28.42 -37.63
N ALA D 216 6.43 -29.58 -36.98
CA ALA D 216 6.68 -29.59 -35.54
C ALA D 216 7.97 -28.85 -35.22
N ARG D 217 9.02 -29.08 -36.00
CA ARG D 217 10.28 -28.38 -35.79
C ARG D 217 10.13 -26.89 -36.05
N LYS D 218 9.45 -26.52 -37.14
CA LYS D 218 9.26 -25.11 -37.44
C LYS D 218 8.62 -24.40 -36.27
N TYR D 219 7.49 -24.91 -35.80
CA TYR D 219 6.81 -24.24 -34.71
C TYR D 219 7.62 -24.29 -33.42
N VAL D 220 8.25 -25.42 -33.12
CA VAL D 220 8.86 -25.52 -31.81
C VAL D 220 10.14 -24.71 -31.75
N TYR D 221 10.88 -24.61 -32.86
CA TYR D 221 12.05 -23.74 -32.85
C TYR D 221 11.65 -22.29 -32.87
N SER D 222 10.57 -21.94 -33.58
CA SER D 222 10.09 -20.56 -33.54
C SER D 222 9.66 -20.19 -32.14
N LEU D 223 8.99 -21.10 -31.43
CA LEU D 223 8.58 -20.86 -30.06
C LEU D 223 9.79 -20.77 -29.14
N TYR D 224 10.81 -21.58 -29.39
CA TYR D 224 12.03 -21.51 -28.61
C TYR D 224 12.74 -20.18 -28.81
N TRP D 225 12.84 -19.74 -30.06
CA TRP D 225 13.40 -18.44 -30.38
C TRP D 225 12.63 -17.33 -29.68
N SER D 226 11.31 -17.38 -29.75
CA SER D 226 10.47 -16.35 -29.17
C SER D 226 10.57 -16.34 -27.65
N THR D 227 10.72 -17.51 -27.04
CA THR D 227 10.90 -17.56 -25.59
C THR D 227 12.27 -17.02 -25.19
N LEU D 228 13.30 -17.36 -25.97
CA LEU D 228 14.63 -16.82 -25.71
C LEU D 228 14.64 -15.31 -25.81
N THR D 229 13.88 -14.76 -26.75
CA THR D 229 13.92 -13.33 -27.01
C THR D 229 13.03 -12.56 -26.05
N LEU D 230 11.80 -13.03 -25.83
CA LEU D 230 10.85 -12.33 -24.98
C LEU D 230 11.13 -12.52 -23.50
N THR D 231 11.95 -13.49 -23.12
CA THR D 231 12.38 -13.62 -21.73
C THR D 231 13.79 -13.09 -21.52
N THR D 232 14.33 -12.37 -22.50
CA THR D 232 15.63 -11.69 -22.42
C THR D 232 16.75 -12.65 -22.05
N ILE D 233 16.66 -13.90 -22.50
CA ILE D 233 17.78 -14.81 -22.43
C ILE D 233 18.76 -14.54 -23.55
N GLY D 234 18.27 -14.56 -24.79
CA GLY D 234 19.04 -14.10 -25.92
C GLY D 234 19.98 -15.10 -26.55
N GLU D 235 19.84 -16.40 -26.27
CA GLU D 235 20.78 -17.36 -26.82
C GLU D 235 20.37 -17.77 -28.24
N THR D 236 20.12 -16.80 -29.08
CA THR D 236 19.76 -17.02 -30.46
C THR D 236 20.88 -16.55 -31.37
N PRO D 237 20.94 -17.07 -32.60
CA PRO D 237 21.90 -16.53 -33.57
C PRO D 237 21.67 -15.05 -33.77
N PRO D 238 22.73 -14.25 -33.70
CA PRO D 238 22.56 -12.79 -33.76
C PRO D 238 22.10 -12.35 -35.14
N PRO D 239 21.51 -11.16 -35.23
CA PRO D 239 21.03 -10.68 -36.53
C PRO D 239 22.16 -10.48 -37.53
N VAL D 240 21.82 -10.54 -38.76
CA VAL D 240 22.77 -10.41 -39.79
C VAL D 240 22.45 -9.14 -40.50
N ARG D 241 21.23 -8.97 -40.92
CA ARG D 241 20.76 -7.81 -41.62
C ARG D 241 20.18 -6.78 -40.72
N ASP D 242 20.01 -5.59 -41.22
CA ASP D 242 19.52 -4.46 -40.51
C ASP D 242 18.13 -4.58 -39.95
N SER D 243 17.23 -5.13 -40.72
CA SER D 243 15.87 -5.32 -40.33
C SER D 243 15.89 -6.31 -39.23
N GLU D 244 16.79 -7.26 -39.32
CA GLU D 244 16.87 -8.23 -38.24
C GLU D 244 17.38 -7.58 -36.97
N TYR D 245 18.34 -6.68 -37.07
CA TYR D 245 18.79 -5.93 -35.90
C TYR D 245 17.63 -5.13 -35.32
N VAL D 246 16.88 -4.44 -36.17
CA VAL D 246 15.75 -3.63 -35.71
C VAL D 246 14.73 -4.50 -35.01
N PHE D 247 14.35 -5.62 -35.65
CA PHE D 247 13.34 -6.48 -35.07
C PHE D 247 13.81 -7.09 -33.77
N VAL D 248 15.09 -7.45 -33.69
CA VAL D 248 15.59 -8.07 -32.46
C VAL D 248 15.66 -7.04 -31.34
N VAL D 249 15.99 -5.80 -31.66
CA VAL D 249 15.96 -4.74 -30.66
C VAL D 249 14.53 -4.54 -30.16
N VAL D 250 13.58 -4.40 -31.09
CA VAL D 250 12.19 -4.17 -30.69
C VAL D 250 11.66 -5.34 -29.89
N ASP D 251 12.08 -6.56 -30.25
CA ASP D 251 11.57 -7.75 -29.60
C ASP D 251 12.21 -7.96 -28.24
N PHE D 252 13.48 -7.59 -28.07
CA PHE D 252 14.10 -7.54 -26.76
C PHE D 252 13.42 -6.51 -25.86
N LEU D 253 13.05 -5.36 -26.43
CA LEU D 253 12.37 -4.36 -25.61
C LEU D 253 10.98 -4.82 -25.22
N ILE D 254 10.25 -5.41 -26.15
CA ILE D 254 8.96 -6.01 -25.84
C ILE D 254 9.12 -7.07 -24.77
N GLY D 255 10.19 -7.87 -24.85
CA GLY D 255 10.40 -8.91 -23.85
C GLY D 255 10.75 -8.36 -22.49
N VAL D 256 11.49 -7.24 -22.45
CA VAL D 256 11.76 -6.58 -21.18
C VAL D 256 10.47 -6.07 -20.57
N LEU D 257 9.60 -5.47 -21.39
CA LEU D 257 8.32 -5.01 -20.89
C LEU D 257 7.45 -6.17 -20.42
N ILE D 258 7.51 -7.29 -21.12
CA ILE D 258 6.74 -8.47 -20.74
C ILE D 258 7.24 -9.02 -19.41
N PHE D 259 8.55 -9.12 -19.25
CA PHE D 259 9.09 -9.59 -18.00
C PHE D 259 8.75 -8.66 -16.85
N ALA D 260 8.84 -7.35 -17.10
CA ALA D 260 8.47 -6.38 -16.08
C ALA D 260 7.00 -6.49 -15.72
N THR D 261 6.15 -6.77 -16.71
CA THR D 261 4.73 -6.94 -16.43
C THR D 261 4.47 -8.22 -15.65
N ILE D 262 5.17 -9.30 -15.97
CA ILE D 262 5.03 -10.54 -15.21
C ILE D 262 5.43 -10.31 -13.76
N VAL D 263 6.57 -9.65 -13.55
CA VAL D 263 7.04 -9.39 -12.21
C VAL D 263 6.07 -8.45 -11.49
N GLY D 264 5.57 -7.43 -12.18
CA GLY D 264 4.64 -6.51 -11.54
C GLY D 264 3.36 -7.19 -11.14
N ASN D 265 2.81 -8.04 -12.00
CA ASN D 265 1.59 -8.76 -11.67
C ASN D 265 1.81 -9.72 -10.51
N ILE D 266 2.89 -10.48 -10.54
CA ILE D 266 3.13 -11.45 -9.49
C ILE D 266 3.45 -10.75 -8.17
N GLY D 267 4.16 -9.62 -8.24
CA GLY D 267 4.47 -8.88 -7.03
C GLY D 267 3.27 -8.18 -6.44
N SER D 268 2.39 -7.66 -7.29
CA SER D 268 1.12 -7.11 -6.82
C SER D 268 0.28 -8.19 -6.17
N MET D 269 0.25 -9.38 -6.77
CA MET D 269 -0.47 -10.49 -6.19
C MET D 269 0.12 -10.93 -4.86
N ILE D 270 1.45 -10.95 -4.75
CA ILE D 270 2.10 -11.33 -3.51
C ILE D 270 1.86 -10.28 -2.43
N SER D 271 1.86 -9.00 -2.82
CA SER D 271 1.54 -7.94 -1.88
C SER D 271 0.12 -8.08 -1.36
N ASN D 272 -0.84 -8.31 -2.25
CA ASN D 272 -2.22 -8.47 -1.80
C ASN D 272 -2.40 -9.74 -1.00
N MET D 273 -1.59 -10.76 -1.26
CA MET D 273 -1.75 -12.03 -0.55
C MET D 273 -1.35 -11.89 0.91
N ASN D 274 -0.30 -11.13 1.20
CA ASN D 274 0.17 -10.97 2.57
C ASN D 274 0.03 -9.53 3.05
N ALA D 275 -0.93 -8.80 2.48
CA ALA D 275 -1.24 -7.47 2.99
C ALA D 275 -1.96 -7.53 4.33
N ALA D 276 -2.80 -8.55 4.52
CA ALA D 276 -3.47 -8.72 5.81
C ALA D 276 -2.46 -9.03 6.90
N ARG D 277 -1.55 -9.97 6.64
CA ARG D 277 -0.49 -10.26 7.59
C ARG D 277 0.42 -9.06 7.80
N ALA D 278 0.66 -8.27 6.75
CA ALA D 278 1.50 -7.09 6.91
C ALA D 278 0.84 -6.06 7.81
N GLU D 279 -0.46 -5.83 7.61
CA GLU D 279 -1.20 -4.90 8.46
C GLU D 279 -1.25 -5.40 9.89
N PHE D 280 -1.48 -6.70 10.09
CA PHE D 280 -1.53 -7.25 11.43
C PHE D 280 -0.19 -7.13 12.13
N GLN D 281 0.89 -7.48 11.43
CA GLN D 281 2.22 -7.35 12.00
C GLN D 281 2.59 -5.90 12.24
N ALA D 282 2.06 -4.98 11.44
CA ALA D 282 2.30 -3.57 11.69
C ALA D 282 1.63 -3.12 12.98
N ARG D 283 0.39 -3.57 13.21
CA ARG D 283 -0.27 -3.31 14.48
C ARG D 283 0.51 -3.92 15.63
N ILE D 284 0.96 -5.16 15.47
CA ILE D 284 1.73 -5.84 16.51
C ILE D 284 3.01 -5.06 16.82
N ASP D 285 3.71 -4.61 15.79
CA ASP D 285 4.96 -3.89 16.00
C ASP D 285 4.72 -2.53 16.62
N ALA D 286 3.64 -1.85 16.23
CA ALA D 286 3.32 -0.57 16.85
C ALA D 286 3.02 -0.75 18.33
N ILE D 287 2.31 -1.81 18.69
CA ILE D 287 1.98 -2.04 20.09
C ILE D 287 3.22 -2.51 20.86
N LYS D 288 4.10 -3.26 20.22
CA LYS D 288 5.37 -3.62 20.84
C LYS D 288 6.20 -2.38 21.11
N GLN D 289 6.22 -1.45 20.15
CA GLN D 289 6.95 -0.20 20.31
C GLN D 289 6.38 0.61 21.45
N TYR D 290 5.05 0.75 21.51
CA TYR D 290 4.42 1.45 22.62
C TYR D 290 4.78 0.79 23.95
N MET D 291 4.67 -0.53 24.02
CA MET D 291 4.87 -1.23 25.29
C MET D 291 6.31 -1.10 25.76
N HIS D 292 7.27 -1.30 24.86
CA HIS D 292 8.67 -1.18 25.24
C HIS D 292 9.01 0.25 25.61
N PHE D 293 8.40 1.22 24.92
CA PHE D 293 8.65 2.62 25.25
C PHE D 293 7.98 3.00 26.57
N ARG D 294 6.73 2.59 26.76
CA ARG D 294 6.01 2.89 28.00
C ARG D 294 6.41 1.98 29.14
N ASN D 295 7.46 1.21 28.94
CA ASN D 295 7.94 0.30 29.97
C ASN D 295 6.85 -0.59 30.55
N VAL D 296 5.95 -1.10 29.69
CA VAL D 296 4.96 -2.08 30.11
C VAL D 296 5.70 -3.30 30.64
N SER D 297 5.20 -3.84 31.76
CA SER D 297 5.86 -4.98 32.37
C SER D 297 5.93 -6.15 31.42
N LYS D 298 6.98 -6.95 31.56
CA LYS D 298 7.18 -8.07 30.64
C LYS D 298 6.05 -9.08 30.72
N ASP D 299 5.38 -9.17 31.88
CA ASP D 299 4.21 -10.04 31.99
C ASP D 299 3.11 -9.58 31.06
N MET D 300 2.73 -8.31 31.13
CA MET D 300 1.69 -7.80 30.25
C MET D 300 2.14 -7.75 28.81
N GLU D 301 3.45 -7.54 28.58
CA GLU D 301 3.98 -7.57 27.22
C GLU D 301 3.79 -8.96 26.61
N LYS D 302 4.07 -10.01 27.38
CA LYS D 302 3.84 -11.35 26.91
C LYS D 302 2.35 -11.65 26.79
N ARG D 303 1.51 -11.08 27.65
CA ARG D 303 0.07 -11.27 27.52
C ARG D 303 -0.44 -10.68 26.22
N VAL D 304 0.06 -9.51 25.84
CA VAL D 304 -0.34 -8.88 24.59
C VAL D 304 0.16 -9.69 23.40
N ILE D 305 1.40 -10.15 23.46
CA ILE D 305 1.93 -10.96 22.36
C ILE D 305 1.12 -12.24 22.20
N LYS D 306 0.77 -12.89 23.31
CA LYS D 306 -0.04 -14.09 23.27
C LYS D 306 -1.43 -13.80 22.72
N TRP D 307 -2.00 -12.64 23.09
CA TRP D 307 -3.31 -12.27 22.57
C TRP D 307 -3.28 -12.11 21.05
N PHE D 308 -2.22 -11.48 20.53
CA PHE D 308 -2.16 -11.30 19.09
C PHE D 308 -1.87 -12.60 18.37
N ASP D 309 -1.05 -13.48 18.97
CA ASP D 309 -0.89 -14.81 18.42
C ASP D 309 -2.22 -15.54 18.36
N TYR D 310 -3.04 -15.40 19.40
CA TYR D 310 -4.36 -16.03 19.40
C TYR D 310 -5.23 -15.46 18.30
N LEU D 311 -5.23 -14.13 18.15
CA LEU D 311 -6.02 -13.50 17.11
C LEU D 311 -5.65 -14.02 15.73
N TRP D 312 -4.34 -14.06 15.43
CA TRP D 312 -3.92 -14.51 14.11
C TRP D 312 -4.19 -15.99 13.91
N THR D 313 -3.89 -16.81 14.91
CA THR D 313 -4.05 -18.26 14.76
C THR D 313 -5.50 -18.65 14.54
N ASN D 314 -6.44 -17.88 15.08
CA ASN D 314 -7.86 -18.23 15.05
C ASN D 314 -8.66 -17.37 14.09
N LYS D 315 -8.00 -16.61 13.22
CA LYS D 315 -8.66 -15.83 12.17
C LYS D 315 -9.70 -14.87 12.74
N LYS D 316 -9.27 -14.08 13.73
CA LYS D 316 -10.11 -13.05 14.33
C LYS D 316 -9.39 -11.72 14.33
N THR D 317 -8.50 -11.51 13.37
CA THR D 317 -7.68 -10.30 13.34
C THR D 317 -8.49 -9.07 12.97
N VAL D 318 -9.63 -9.24 12.34
CA VAL D 318 -10.42 -8.12 11.84
C VAL D 318 -11.41 -7.67 12.93
N ASP D 319 -11.54 -6.37 13.08
CA ASP D 319 -12.43 -5.78 14.08
C ASP D 319 -13.87 -5.87 13.60
N GLU D 320 -14.73 -6.50 14.40
CA GLU D 320 -16.12 -6.74 13.99
C GLU D 320 -16.82 -5.46 13.56
N LYS D 321 -16.63 -4.38 14.33
CA LYS D 321 -17.28 -3.12 14.01
C LYS D 321 -16.78 -2.57 12.67
N GLU D 322 -15.46 -2.50 12.52
CA GLU D 322 -14.86 -1.97 11.30
C GLU D 322 -15.02 -2.91 10.11
N VAL D 323 -15.43 -4.15 10.34
CA VAL D 323 -15.74 -5.07 9.26
C VAL D 323 -17.19 -4.93 8.82
N LEU D 324 -18.11 -4.81 9.78
CA LEU D 324 -19.51 -4.66 9.44
C LEU D 324 -19.83 -3.27 8.92
N LYS D 325 -18.95 -2.28 9.15
CA LYS D 325 -19.20 -0.96 8.61
C LYS D 325 -19.27 -0.95 7.08
N TYR D 326 -18.66 -1.94 6.43
CA TYR D 326 -18.71 -2.02 4.97
C TYR D 326 -20.06 -2.48 4.46
N LEU D 327 -20.83 -3.18 5.29
CA LEU D 327 -22.15 -3.61 4.89
C LEU D 327 -23.12 -2.42 4.88
N PRO D 328 -24.20 -2.52 4.12
CA PRO D 328 -25.28 -1.53 4.25
C PRO D 328 -26.00 -1.72 5.58
N ASP D 329 -26.78 -0.71 5.95
CA ASP D 329 -27.51 -0.78 7.21
C ASP D 329 -28.48 -1.96 7.23
N LYS D 330 -29.17 -2.21 6.11
CA LYS D 330 -30.13 -3.31 6.07
C LYS D 330 -29.43 -4.65 6.17
N LEU D 331 -28.34 -4.82 5.42
CA LEU D 331 -27.63 -6.09 5.45
C LEU D 331 -26.87 -6.28 6.76
N ARG D 332 -26.33 -5.19 7.31
CA ARG D 332 -25.69 -5.29 8.61
C ARG D 332 -26.70 -5.64 9.70
N ALA D 333 -27.90 -5.09 9.61
CA ALA D 333 -28.95 -5.44 10.56
C ALA D 333 -29.36 -6.89 10.38
N GLU D 334 -29.45 -7.38 9.14
CA GLU D 334 -29.78 -8.78 8.92
C GLU D 334 -28.71 -9.70 9.49
N ILE D 335 -27.43 -9.36 9.29
CA ILE D 335 -26.34 -10.12 9.89
C ILE D 335 -26.47 -10.13 11.40
N ALA D 336 -26.63 -8.95 12.00
CA ALA D 336 -26.71 -8.84 13.44
C ALA D 336 -27.88 -9.65 13.99
N ILE D 337 -29.03 -9.60 13.31
CA ILE D 337 -30.18 -10.39 13.73
C ILE D 337 -29.83 -11.87 13.68
N ASN D 338 -29.38 -12.34 12.52
CA ASN D 338 -29.06 -13.75 12.35
C ASN D 338 -28.03 -14.24 13.35
N VAL D 339 -27.18 -13.34 13.86
CA VAL D 339 -26.17 -13.74 14.82
C VAL D 339 -26.68 -13.68 16.26
N HIS D 340 -27.44 -12.64 16.62
CA HIS D 340 -27.67 -12.31 18.02
C HIS D 340 -29.11 -12.48 18.49
N LEU D 341 -30.09 -12.52 17.59
CA LEU D 341 -31.47 -12.36 17.99
C LEU D 341 -31.96 -13.49 18.89
N ASP D 342 -31.51 -14.72 18.62
CA ASP D 342 -31.99 -15.83 19.44
C ASP D 342 -31.49 -15.72 20.88
N THR D 343 -30.18 -15.50 21.05
CA THR D 343 -29.64 -15.34 22.40
C THR D 343 -30.22 -14.11 23.09
N LEU D 344 -30.56 -13.06 22.33
CA LEU D 344 -31.14 -11.88 22.97
C LEU D 344 -32.59 -12.11 23.38
N LYS D 345 -33.34 -12.91 22.61
CA LYS D 345 -34.67 -13.30 23.05
C LYS D 345 -34.62 -14.18 24.28
N LYS D 346 -33.61 -15.06 24.37
CA LYS D 346 -33.52 -15.95 25.53
C LYS D 346 -33.40 -15.19 26.84
N VAL D 347 -32.93 -13.93 26.81
CA VAL D 347 -32.84 -13.14 28.02
C VAL D 347 -34.23 -12.96 28.61
N ARG D 348 -34.30 -13.02 29.95
CA ARG D 348 -35.61 -13.06 30.60
C ARG D 348 -36.33 -11.71 30.53
N ILE D 349 -35.59 -10.62 30.65
CA ILE D 349 -36.24 -9.31 30.60
C ILE D 349 -36.74 -9.01 29.19
N PHE D 350 -35.96 -9.37 28.17
CA PHE D 350 -36.33 -9.17 26.78
C PHE D 350 -37.17 -10.31 26.22
N ALA D 351 -37.77 -11.13 27.07
CA ALA D 351 -38.45 -12.33 26.60
C ALA D 351 -39.75 -11.99 25.86
N ASP D 352 -40.45 -10.95 26.29
CA ASP D 352 -41.76 -10.60 25.74
C ASP D 352 -41.81 -9.13 25.32
N CYS D 353 -40.77 -8.66 24.65
CA CYS D 353 -40.75 -7.32 24.09
C CYS D 353 -40.81 -7.41 22.57
N GLU D 354 -41.33 -6.35 21.95
CA GLU D 354 -41.65 -6.41 20.53
C GLU D 354 -40.37 -6.48 19.68
N ALA D 355 -40.56 -6.86 18.42
CA ALA D 355 -39.45 -7.27 17.58
C ALA D 355 -38.57 -6.10 17.17
N GLY D 356 -39.18 -4.96 16.87
CA GLY D 356 -38.39 -3.80 16.50
C GLY D 356 -37.41 -3.40 17.59
N LEU D 357 -37.84 -3.47 18.85
CA LEU D 357 -36.94 -3.18 19.96
C LEU D 357 -35.81 -4.19 20.04
N LEU D 358 -36.12 -5.47 19.83
CA LEU D 358 -35.09 -6.49 19.87
C LEU D 358 -34.08 -6.30 18.75
N VAL D 359 -34.50 -5.84 17.58
CA VAL D 359 -33.57 -5.56 16.50
C VAL D 359 -32.72 -4.35 16.84
N GLU D 360 -33.35 -3.30 17.37
CA GLU D 360 -32.62 -2.11 17.79
C GLU D 360 -31.57 -2.45 18.84
N LEU D 361 -31.87 -3.43 19.70
CA LEU D 361 -30.92 -3.85 20.72
C LEU D 361 -29.81 -4.72 20.14
N VAL D 362 -30.18 -5.67 19.28
CA VAL D 362 -29.18 -6.50 18.60
C VAL D 362 -28.16 -5.64 17.88
N LEU D 363 -28.61 -4.57 17.23
CA LEU D 363 -27.68 -3.69 16.55
C LEU D 363 -26.76 -2.94 17.50
N LYS D 364 -27.00 -3.01 18.81
CA LYS D 364 -26.21 -2.28 19.78
C LYS D 364 -25.34 -3.17 20.65
N LEU D 365 -25.27 -4.47 20.37
CA LEU D 365 -24.38 -5.34 21.12
C LEU D 365 -22.94 -5.06 20.70
N GLN D 366 -22.05 -4.96 21.68
CA GLN D 366 -20.64 -4.69 21.41
C GLN D 366 -19.82 -5.91 21.77
N PRO D 367 -19.05 -6.46 20.84
CA PRO D 367 -18.25 -7.66 21.16
C PRO D 367 -17.14 -7.33 22.14
N GLN D 368 -17.01 -8.19 23.16
CA GLN D 368 -15.95 -8.09 24.14
C GLN D 368 -15.32 -9.47 24.26
N VAL D 369 -14.08 -9.61 23.84
CA VAL D 369 -13.38 -10.88 23.91
C VAL D 369 -12.43 -10.83 25.10
N TYR D 370 -12.30 -11.95 25.80
CA TYR D 370 -11.50 -12.03 27.01
C TYR D 370 -10.54 -13.20 26.91
N SER D 371 -9.51 -13.15 27.69
CA SER D 371 -8.51 -14.19 27.73
C SER D 371 -8.76 -15.12 28.90
N PRO D 372 -8.17 -16.32 28.90
CA PRO D 372 -8.28 -17.20 30.07
C PRO D 372 -7.81 -16.50 31.34
N GLY D 373 -8.65 -16.55 32.36
CA GLY D 373 -8.35 -15.92 33.63
C GLY D 373 -8.74 -14.47 33.72
N ASP D 374 -9.14 -13.85 32.62
CA ASP D 374 -9.60 -12.47 32.66
C ASP D 374 -10.88 -12.36 33.47
N TYR D 375 -10.94 -11.35 34.33
CA TYR D 375 -12.15 -11.07 35.08
C TYR D 375 -13.03 -10.14 34.26
N ILE D 376 -14.23 -10.61 33.94
CA ILE D 376 -15.21 -9.74 33.30
C ILE D 376 -15.77 -8.75 34.32
N CYS D 377 -16.05 -9.23 35.53
CA CYS D 377 -16.59 -8.41 36.60
C CYS D 377 -15.95 -8.85 37.91
N LYS D 378 -15.79 -7.89 38.82
CA LYS D 378 -15.44 -8.17 40.19
C LYS D 378 -16.53 -7.67 41.10
N LYS D 379 -16.67 -8.30 42.26
CA LYS D 379 -17.62 -7.83 43.25
C LYS D 379 -17.25 -6.40 43.66
N GLY D 380 -18.13 -5.47 43.36
CA GLY D 380 -17.88 -4.07 43.61
C GLY D 380 -17.60 -3.24 42.38
N ASP D 381 -17.36 -3.88 41.24
CA ASP D 381 -17.24 -3.12 40.00
C ASP D 381 -18.57 -2.47 39.65
N ILE D 382 -18.50 -1.38 38.88
CA ILE D 382 -19.70 -0.69 38.45
C ILE D 382 -20.41 -1.55 37.41
N GLY D 383 -21.64 -1.95 37.71
CA GLY D 383 -22.41 -2.69 36.75
C GLY D 383 -23.27 -1.77 35.91
N ARG D 384 -22.74 -1.39 34.74
CA ARG D 384 -23.46 -0.57 33.79
C ARG D 384 -23.77 -1.31 32.50
N GLU D 385 -23.32 -2.56 32.38
CA GLU D 385 -23.38 -3.31 31.14
C GLU D 385 -23.93 -4.69 31.40
N MET D 386 -24.63 -5.22 30.41
CA MET D 386 -25.13 -6.59 30.44
C MET D 386 -24.34 -7.42 29.43
N TYR D 387 -24.01 -8.65 29.81
CA TYR D 387 -23.15 -9.50 28.99
C TYR D 387 -23.89 -10.75 28.55
N ILE D 388 -23.74 -11.11 27.29
CA ILE D 388 -24.23 -12.37 26.75
C ILE D 388 -23.02 -13.17 26.28
N ILE D 389 -22.99 -14.45 26.63
CA ILE D 389 -21.87 -15.31 26.28
C ILE D 389 -22.13 -15.95 24.93
N LYS D 390 -21.23 -15.71 23.98
CA LYS D 390 -21.19 -16.40 22.71
C LYS D 390 -19.84 -17.07 22.60
N GLU D 391 -19.83 -18.40 22.45
CA GLU D 391 -18.59 -19.15 22.32
C GLU D 391 -17.63 -18.83 23.47
N GLY D 392 -18.05 -19.23 24.67
CA GLY D 392 -17.17 -19.03 25.80
C GLY D 392 -17.65 -19.81 27.00
N LYS D 393 -16.89 -19.67 28.08
CA LYS D 393 -17.24 -20.31 29.35
C LYS D 393 -16.79 -19.37 30.46
N LEU D 394 -17.75 -18.83 31.20
CA LEU D 394 -17.46 -17.97 32.33
C LEU D 394 -17.68 -18.73 33.63
N ALA D 395 -16.94 -18.34 34.66
CA ALA D 395 -17.03 -18.97 35.97
C ALA D 395 -17.35 -17.91 37.00
N VAL D 396 -18.50 -18.04 37.65
CA VAL D 396 -18.81 -17.24 38.83
C VAL D 396 -17.94 -17.76 39.97
N VAL D 397 -16.98 -16.95 40.41
CA VAL D 397 -15.99 -17.39 41.39
C VAL D 397 -16.14 -16.57 42.66
N ALA D 398 -15.44 -17.01 43.70
CA ALA D 398 -15.45 -16.34 44.99
C ALA D 398 -14.36 -15.28 45.04
N ASP D 399 -14.25 -14.61 46.19
CA ASP D 399 -13.26 -13.56 46.33
C ASP D 399 -11.84 -14.09 46.26
N ASP D 400 -11.63 -15.36 46.63
CA ASP D 400 -10.31 -15.96 46.44
C ASP D 400 -9.98 -16.14 44.98
N GLY D 401 -10.99 -16.34 44.14
CA GLY D 401 -10.80 -16.43 42.71
C GLY D 401 -10.48 -17.80 42.17
N VAL D 402 -10.66 -18.86 42.96
CA VAL D 402 -10.37 -20.21 42.49
C VAL D 402 -11.61 -21.10 42.60
N THR D 403 -12.50 -20.77 43.53
CA THR D 403 -13.69 -21.58 43.77
C THR D 403 -14.80 -21.14 42.82
N GLN D 404 -15.23 -22.04 41.95
CA GLN D 404 -16.24 -21.74 40.94
C GLN D 404 -17.62 -22.11 41.49
N PHE D 405 -18.46 -21.10 41.73
CA PHE D 405 -19.85 -21.37 42.06
C PHE D 405 -20.58 -21.94 40.86
N VAL D 406 -20.65 -21.16 39.77
CA VAL D 406 -21.38 -21.53 38.57
C VAL D 406 -20.43 -21.43 37.39
N VAL D 407 -20.71 -22.23 36.36
CA VAL D 407 -19.99 -22.16 35.10
C VAL D 407 -20.99 -21.72 34.04
N LEU D 408 -20.86 -20.47 33.60
CA LEU D 408 -21.76 -19.90 32.60
C LEU D 408 -21.22 -20.19 31.21
N SER D 409 -22.02 -20.85 30.39
CA SER D 409 -21.62 -21.28 29.06
C SER D 409 -22.21 -20.34 28.02
N ASP D 410 -22.04 -20.69 26.75
CA ASP D 410 -22.57 -19.86 25.67
C ASP D 410 -24.09 -19.79 25.75
N GLY D 411 -24.64 -18.69 25.27
CA GLY D 411 -26.07 -18.47 25.34
C GLY D 411 -26.50 -17.88 26.67
N SER D 412 -25.75 -18.17 27.72
CA SER D 412 -26.03 -17.62 29.03
C SER D 412 -25.73 -16.12 29.05
N TYR D 413 -26.12 -15.46 30.14
CA TYR D 413 -25.98 -14.02 30.25
C TYR D 413 -25.95 -13.66 31.73
N PHE D 414 -25.57 -12.41 31.99
CA PHE D 414 -25.64 -11.86 33.33
C PHE D 414 -25.63 -10.35 33.24
N GLY D 415 -25.99 -9.71 34.34
CA GLY D 415 -26.01 -8.26 34.39
C GLY D 415 -27.21 -7.61 33.77
N GLU D 416 -28.28 -8.37 33.49
CA GLU D 416 -29.45 -7.79 32.82
C GLU D 416 -30.21 -6.84 33.73
N ILE D 417 -30.06 -6.95 35.04
CA ILE D 417 -30.71 -6.00 35.94
C ILE D 417 -29.89 -4.72 36.05
N SER D 418 -28.56 -4.84 35.97
CA SER D 418 -27.69 -3.67 36.11
C SER D 418 -27.90 -2.64 35.00
N ILE D 419 -28.59 -3.00 33.92
CA ILE D 419 -28.86 -2.06 32.83
C ILE D 419 -30.25 -1.46 32.90
N LEU D 420 -31.03 -1.78 33.93
CA LEU D 420 -32.36 -1.23 34.09
C LEU D 420 -32.36 -0.14 35.17
N ASN D 421 -33.05 0.95 34.89
CA ASN D 421 -33.33 1.98 35.88
C ASN D 421 -34.57 1.56 36.65
N ILE D 422 -34.37 0.83 37.73
CA ILE D 422 -35.46 0.29 38.54
C ILE D 422 -35.60 1.15 39.78
N LYS D 423 -36.75 1.82 39.90
CA LYS D 423 -37.03 2.63 41.09
C LYS D 423 -36.94 1.79 42.34
N GLY D 424 -36.20 2.30 43.32
CA GLY D 424 -36.05 1.63 44.60
C GLY D 424 -35.35 0.29 44.50
N SER D 425 -34.08 0.30 44.08
CA SER D 425 -33.28 -0.91 44.00
C SER D 425 -32.35 -0.97 45.20
N LYS D 426 -32.41 -2.07 45.93
CA LYS D 426 -31.57 -2.24 47.12
C LYS D 426 -30.09 -2.24 46.74
N ALA D 427 -29.66 -3.19 45.92
CA ALA D 427 -28.27 -3.30 45.48
C ALA D 427 -28.23 -3.02 43.98
N GLY D 428 -27.64 -1.89 43.60
CA GLY D 428 -27.54 -1.51 42.22
C GLY D 428 -26.19 -0.87 41.93
N ASN D 429 -25.94 -0.67 40.64
CA ASN D 429 -24.74 0.00 40.15
C ASN D 429 -23.46 -0.75 40.50
N ARG D 430 -23.56 -1.94 41.08
CA ARG D 430 -22.39 -2.68 41.53
C ARG D 430 -22.58 -4.16 41.19
N ARG D 431 -21.49 -4.80 40.79
CA ARG D 431 -21.51 -6.23 40.52
C ARG D 431 -21.43 -6.99 41.84
N THR D 432 -22.29 -7.99 42.00
CA THR D 432 -22.30 -8.82 43.20
C THR D 432 -21.62 -10.17 42.97
N ALA D 433 -21.03 -10.39 41.81
CA ALA D 433 -20.35 -11.63 41.51
C ALA D 433 -19.00 -11.33 40.88
N ASN D 434 -18.08 -12.28 41.03
CA ASN D 434 -16.80 -12.26 40.33
C ASN D 434 -16.94 -13.18 39.13
N ILE D 435 -17.09 -12.59 37.95
CA ILE D 435 -17.24 -13.34 36.71
C ILE D 435 -15.87 -13.43 36.04
N LYS D 436 -15.37 -14.64 35.89
CA LYS D 436 -14.06 -14.87 35.32
C LYS D 436 -14.19 -15.64 34.01
N SER D 437 -13.23 -15.41 33.11
CA SER D 437 -13.18 -16.11 31.84
C SER D 437 -12.33 -17.37 32.00
N ILE D 438 -12.92 -18.53 31.74
CA ILE D 438 -12.18 -19.79 31.77
C ILE D 438 -11.36 -19.88 30.48
N GLY D 439 -11.56 -18.93 29.58
CA GLY D 439 -10.74 -18.81 28.39
C GLY D 439 -11.51 -18.41 27.16
N TYR D 440 -11.07 -17.34 26.53
CA TYR D 440 -11.53 -16.90 25.22
C TYR D 440 -13.05 -16.93 25.12
N SER D 441 -13.65 -16.03 25.90
CA SER D 441 -15.08 -16.08 26.16
C SER D 441 -15.92 -15.47 25.05
N ASP D 442 -15.43 -14.40 24.42
CA ASP D 442 -16.14 -13.75 23.32
C ASP D 442 -17.55 -13.32 23.73
N LEU D 443 -17.61 -12.38 24.66
CA LEU D 443 -18.89 -11.88 25.15
C LEU D 443 -19.43 -10.78 24.24
N PHE D 444 -20.75 -10.58 24.33
CA PHE D 444 -21.39 -9.46 23.66
C PHE D 444 -22.11 -8.63 24.70
N CYS D 445 -21.84 -7.33 24.68
CA CYS D 445 -22.20 -6.43 25.75
C CYS D 445 -23.33 -5.51 25.34
N LEU D 446 -24.28 -5.30 26.25
CA LEU D 446 -25.34 -4.32 26.07
C LEU D 446 -25.26 -3.35 27.25
N SER D 447 -24.77 -2.15 26.99
CA SER D 447 -24.61 -1.17 28.05
C SER D 447 -25.96 -0.57 28.43
N LYS D 448 -25.96 0.19 29.53
CA LYS D 448 -27.19 0.84 29.97
C LYS D 448 -27.56 2.00 29.07
N ASP D 449 -26.57 2.81 28.67
CA ASP D 449 -26.85 3.90 27.76
C ASP D 449 -27.37 3.40 26.43
N ASP D 450 -26.86 2.26 25.97
CA ASP D 450 -27.35 1.68 24.72
C ASP D 450 -28.81 1.26 24.86
N LEU D 451 -29.16 0.62 25.97
CA LEU D 451 -30.54 0.22 26.18
C LEU D 451 -31.46 1.43 26.27
N MET D 452 -30.99 2.51 26.90
CA MET D 452 -31.81 3.71 27.00
C MET D 452 -32.01 4.35 25.62
N GLU D 453 -30.95 4.46 24.84
CA GLU D 453 -31.08 5.00 23.50
C GLU D 453 -31.99 4.15 22.65
N ALA D 454 -31.96 2.82 22.85
CA ALA D 454 -32.86 1.95 22.10
C ALA D 454 -34.30 2.11 22.55
N LEU D 455 -34.53 2.31 23.85
CA LEU D 455 -35.87 2.43 24.38
C LEU D 455 -36.48 3.81 24.17
N THR D 456 -35.68 4.81 23.78
CA THR D 456 -36.21 6.15 23.60
C THR D 456 -37.40 6.20 22.64
N GLU D 457 -37.52 5.22 21.74
CA GLU D 457 -38.64 5.15 20.82
C GLU D 457 -39.65 4.07 21.19
N TYR D 458 -39.43 3.36 22.28
CA TYR D 458 -40.32 2.29 22.73
C TYR D 458 -40.65 2.53 24.20
N PRO D 459 -41.51 3.51 24.50
CA PRO D 459 -41.73 3.86 25.92
C PRO D 459 -42.47 2.78 26.70
N ASP D 460 -43.48 2.14 26.09
CA ASP D 460 -44.17 1.07 26.79
C ASP D 460 -43.23 -0.11 27.02
N ALA D 461 -42.33 -0.36 26.07
CA ALA D 461 -41.28 -1.36 26.29
C ALA D 461 -40.41 -0.98 27.47
N LYS D 462 -40.08 0.31 27.61
CA LYS D 462 -39.25 0.75 28.72
C LYS D 462 -39.95 0.52 30.05
N THR D 463 -41.21 0.95 30.15
CA THR D 463 -41.91 0.78 31.42
C THR D 463 -42.13 -0.69 31.75
N MET D 464 -42.42 -1.52 30.73
CA MET D 464 -42.60 -2.94 30.99
C MET D 464 -41.28 -3.59 31.41
N LEU D 465 -40.18 -3.22 30.76
CA LEU D 465 -38.87 -3.76 31.15
C LEU D 465 -38.52 -3.37 32.57
N GLU D 466 -38.76 -2.12 32.95
CA GLU D 466 -38.42 -1.69 34.29
C GLU D 466 -39.32 -2.31 35.35
N GLU D 467 -40.60 -2.51 35.03
CA GLU D 467 -41.48 -3.20 35.96
C GLU D 467 -41.10 -4.67 36.09
N LYS D 468 -40.66 -5.30 35.00
CA LYS D 468 -40.20 -6.69 35.07
C LYS D 468 -38.94 -6.79 35.92
N GLY D 469 -38.02 -5.85 35.75
CA GLY D 469 -36.83 -5.83 36.61
C GLY D 469 -37.18 -5.60 38.06
N LYS D 470 -38.20 -4.78 38.32
CA LYS D 470 -38.67 -4.57 39.68
C LYS D 470 -39.20 -5.87 40.27
N GLN D 471 -40.02 -6.59 39.51
CA GLN D 471 -40.51 -7.87 39.97
C GLN D 471 -39.35 -8.85 40.24
N ILE D 472 -38.32 -8.80 39.39
CA ILE D 472 -37.15 -9.64 39.60
C ILE D 472 -36.46 -9.29 40.92
N LEU D 473 -36.30 -7.99 41.19
CA LEU D 473 -35.59 -7.56 42.38
C LEU D 473 -36.37 -7.90 43.64
N MET D 474 -37.64 -7.51 43.69
CA MET D 474 -38.46 -7.75 44.87
C MET D 474 -38.70 -9.22 45.15
N LYS D 475 -38.37 -10.10 44.20
CA LYS D 475 -38.46 -11.53 44.43
C LYS D 475 -37.46 -11.98 45.48
C1 CLR E . 28.41 -38.30 -4.70
C2 CLR E . 29.78 -38.93 -4.68
C3 CLR E . 30.85 -38.07 -4.06
C4 CLR E . 30.39 -37.63 -2.71
C5 CLR E . 29.16 -36.81 -2.89
C6 CLR E . 29.16 -35.54 -2.48
C7 CLR E . 27.95 -34.66 -2.53
C8 CLR E . 26.70 -35.47 -2.78
C9 CLR E . 26.96 -36.41 -3.93
C10 CLR E . 27.97 -37.47 -3.49
C11 CLR E . 25.67 -36.96 -4.52
C12 CLR E . 24.61 -35.88 -4.81
C13 CLR E . 24.28 -35.16 -3.53
C14 CLR E . 25.58 -34.51 -3.10
C15 CLR E . 25.13 -33.63 -1.98
C16 CLR E . 23.98 -32.93 -2.65
C17 CLR E . 23.31 -33.96 -3.58
C18 CLR E . 23.92 -36.18 -2.45
C19 CLR E . 27.45 -38.27 -2.32
C20 CLR E . 21.83 -34.26 -3.26
C21 CLR E . 21.03 -34.34 -4.51
C22 CLR E . 21.17 -33.31 -2.29
C23 CLR E . 21.12 -31.86 -2.73
C24 CLR E . 20.19 -31.15 -1.76
C25 CLR E . 19.70 -29.83 -2.30
C26 CLR E . 18.26 -29.89 -2.73
C27 CLR E . 19.82 -28.71 -1.28
O1 CLR E . 32.09 -38.74 -3.92
H11 CLR E . 27.67 -39.09 -4.85
H12 CLR E . 28.35 -37.65 -5.59
H21 CLR E . 30.07 -39.17 -5.70
H22 CLR E . 29.72 -39.87 -4.12
H3 CLR E . 30.99 -37.17 -4.68
H41 CLR E . 31.17 -37.04 -2.22
H42 CLR E . 30.17 -38.50 -2.08
H6 CLR E . 30.07 -35.15 -2.06
H71 CLR E . 28.07 -33.92 -3.32
H72 CLR E . 27.85 -34.13 -1.58
H8 CLR E . 26.45 -36.05 -1.88
H9 CLR E . 27.44 -35.82 -4.73
H111 CLR E . 25.24 -37.68 -3.83
H112 CLR E . 25.89 -37.48 -5.45
H121 CLR E . 23.71 -36.34 -5.23
H122 CLR E . 25.01 -35.18 -5.55
H14 CLR E . 25.93 -33.86 -3.93
H151 CLR E . 25.91 -32.93 -1.68
H152 CLR E . 24.79 -34.22 -1.13
H161 CLR E . 24.38 -32.12 -3.28
H162 CLR E . 23.39 -32.46 -1.89
H17 CLR E . 23.34 -33.56 -4.60
H181 CLR E . 24.74 -36.82 -2.27
H182 CLR E . 23.09 -36.74 -2.76
H183 CLR E . 23.69 -35.67 -1.55
H191 CLR E . 28.09 -39.10 -2.17
H192 CLR E . 26.46 -38.59 -2.51
H193 CLR E . 27.49 -37.65 -1.46
H20 CLR E . 21.72 -35.25 -2.80
H211 CLR E . 20.02 -34.54 -4.27
H212 CLR E . 21.41 -35.12 -5.13
H213 CLR E . 21.09 -33.41 -5.03
H221 CLR E . 21.70 -33.37 -1.34
H222 CLR E . 20.15 -33.65 -2.11
H231 CLR E . 20.73 -31.78 -3.74
H232 CLR E . 22.11 -31.39 -2.69
H241 CLR E . 20.72 -30.98 -0.82
H242 CLR E . 19.33 -31.79 -1.56
H25 CLR E . 20.31 -29.56 -3.19
H261 CLR E . 17.97 -28.96 -3.10
H262 CLR E . 17.67 -30.15 -1.89
H263 CLR E . 18.15 -30.63 -3.48
H271 CLR E . 19.47 -27.80 -1.70
H272 CLR E . 20.84 -28.60 -1.00
H273 CLR E . 19.24 -28.96 -0.43
H1 CLR E . 32.75 -38.15 -3.52
C1 CLR F . 27.17 -38.41 1.90
C2 CLR F . 28.10 -39.58 1.58
C3 CLR F . 27.87 -40.67 2.60
C4 CLR F . 26.50 -41.24 2.35
C5 CLR F . 25.48 -40.14 2.50
C6 CLR F . 24.34 -40.49 2.97
C7 CLR F . 23.47 -39.48 3.61
C8 CLR F . 23.44 -38.28 2.69
C9 CLR F . 24.86 -37.75 2.56
C10 CLR F . 25.70 -38.80 1.89
C11 CLR F . 24.85 -36.43 1.81
C12 CLR F . 23.98 -35.39 2.51
C13 CLR F . 22.55 -35.91 2.55
C14 CLR F . 22.56 -37.24 3.33
C15 CLR F . 21.09 -37.56 3.31
C16 CLR F . 20.51 -36.26 3.83
C17 CLR F . 21.50 -35.20 3.37
C18 CLR F . 22.09 -36.15 1.14
C19 CLR F . 25.25 -38.84 0.45
C20 CLR F . 20.67 -34.18 2.62
C21 CLR F . 21.52 -33.05 2.06
C22 CLR F . 19.80 -33.55 3.67
C23 CLR F . 18.40 -34.00 3.37
C24 CLR F . 17.57 -32.77 3.17
C25 CLR F . 17.63 -31.94 4.43
C26 CLR F . 16.87 -30.66 4.11
C27 CLR F . 16.99 -32.64 5.62
O1 CLR F . 28.83 -41.72 2.45
H11 CLR F . 27.31 -37.72 1.22
H12 CLR F . 27.41 -38.04 2.76
H21 CLR F . 29.03 -39.28 1.62
H22 CLR F . 27.90 -39.91 0.69
H3 CLR F . 27.92 -40.31 3.50
H41 CLR F . 26.31 -41.95 2.99
H42 CLR F . 26.46 -41.60 1.45
H6 CLR F . 24.20 -41.39 3.16
H71 CLR F . 23.84 -39.24 4.47
H72 CLR F . 22.57 -39.84 3.72
H8 CLR F . 23.10 -38.52 1.82
H9 CLR F . 25.20 -37.59 3.45
H111 CLR F . 24.51 -36.57 0.91
H112 CLR F . 25.76 -36.10 1.75
H121 CLR F . 24.00 -34.57 2.00
H122 CLR F . 24.31 -35.24 3.40
H14 CLR F . 22.86 -37.08 4.25
H151 CLR F . 20.89 -38.29 3.91
H152 CLR F . 20.78 -37.76 2.41
H161 CLR F . 20.44 -36.28 4.80
H162 CLR F . 19.64 -36.10 3.43
H17 CLR F . 21.92 -34.79 4.14
H181 CLR F . 22.58 -36.88 0.75
H182 CLR F . 22.24 -35.35 0.62
H183 CLR F . 21.14 -36.36 1.14
H191 CLR F . 25.56 -39.67 0.04
H192 CLR F . 25.62 -38.09 -0.02
H193 CLR F . 24.29 -38.81 0.42
H20 CLR F . 20.13 -34.60 1.93
H211 CLR F . 22.37 -33.03 2.54
H212 CLR F . 21.69 -33.21 1.12
H213 CLR F . 21.06 -32.21 2.17
H221 CLR F . 20.05 -33.85 4.55
H222 CLR F . 19.85 -32.59 3.61
H231 CLR F . 18.04 -34.52 4.10
H232 CLR F . 18.39 -34.54 2.56
H241 CLR F . 16.65 -33.02 2.99
H242 CLR F . 17.92 -32.25 2.42
H25 CLR F . 18.54 -31.71 4.65
H261 CLR F . 16.92 -30.48 3.16
H262 CLR F . 15.94 -30.77 4.37
H263 CLR F . 17.26 -29.92 4.60
H271 CLR F . 17.68 -33.00 6.19
H272 CLR F . 16.46 -32.00 6.12
H273 CLR F . 16.42 -33.35 5.30
H1 CLR F . 28.82 -42.21 3.14
C11 CPL G . 8.25 -20.29 -7.58
C12 CPL G . 8.26 -20.10 -6.04
C13 CPL G . 7.24 -21.07 -5.40
C14 CPL G . 7.39 -21.07 -3.85
C15 CPL G . 6.48 -22.21 -3.24
C16 CPL G . 5.81 -21.71 -1.92
C17 CPL G . 4.55 -22.59 -1.60
C18 CPL G . 3.48 -21.71 -0.86
C19 CPL G . 2.83 -22.49 0.32
C20 CPL G . 1.42 -23.03 -0.10
C21 CPL G . 0.43 -22.98 1.12
C22 CPL G . 0.05 -24.41 1.57
C23 CPL G . -1.23 -24.37 2.46
C24 CPL G . -0.98 -23.46 3.69
C25 CPL G . -1.40 -24.18 4.99
C26 CPL G . -2.91 -24.04 5.21
H121 CPL G . 8.04 -19.18 -5.82
H122 CPL G . 9.15 -20.26 -5.68
H131 CPL G . 7.38 -21.96 -5.75
H132 CPL G . 6.35 -20.80 -5.66
H141 CPL G . 7.12 -20.20 -3.49
H142 CPL G . 8.32 -21.20 -3.59
H151 CPL G . 7.02 -23.00 -3.06
H152 CPL G . 5.81 -22.46 -3.88
H161 CPL G . 5.54 -20.77 -2.02
H162 CPL G . 6.44 -21.74 -1.19
H171 CPL G . 4.81 -23.34 -1.04
H172 CPL G . 4.18 -22.95 -2.41
H181 CPL G . 2.79 -21.44 -1.50
H182 CPL G . 3.90 -20.90 -0.53
H191 CPL G . 2.75 -21.92 1.09
H192 CPL G . 3.39 -23.24 0.59
H201 CPL G . 1.48 -23.94 -0.41
H202 CPL G . 1.06 -22.50 -0.83
H211 CPL G . -0.37 -22.48 0.88
H212 CPL G . 0.84 -22.50 1.85
H221 CPL G . 0.78 -24.82 2.06
H222 CPL G . -0.11 -24.97 0.79
H231 CPL G . -1.46 -25.26 2.74
H232 CPL G . -1.98 -24.03 1.93
H241 CPL G . -1.49 -22.64 3.59
H242 CPL G . -0.05 -23.22 3.73
H251 CPL G . -0.91 -23.81 5.74
H252 CPL G . -1.15 -25.12 4.94
H261 CPL G . -3.16 -24.49 6.03
H262 CPL G . -3.38 -24.44 4.47
H263 CPL G . -3.14 -23.10 5.29
C17 CPL H . 9.56 -41.49 -17.95
C18 CPL H . 10.42 -40.48 -18.70
C19 CPL H . 11.40 -39.80 -17.75
C20 CPL H . 11.64 -38.36 -18.16
C21 CPL H . 11.11 -37.39 -17.11
C22 CPL H . 9.95 -36.57 -17.66
C23 CPL H . 9.89 -35.20 -16.99
C24 CPL H . 8.68 -34.41 -17.48
C25 CPL H . 7.86 -33.90 -16.30
C26 CPL H . 7.88 -32.39 -16.23
H181 CPL H . 9.85 -39.81 -19.11
H182 CPL H . 10.90 -40.92 -19.41
H191 CPL H . 12.25 -40.29 -17.75
H192 CPL H . 11.06 -39.83 -16.84
H201 CPL H . 11.22 -38.18 -19.01
H202 CPL H . 12.59 -38.20 -18.28
H211 CPL H . 11.82 -36.80 -16.81
H212 CPL H . 10.81 -37.90 -16.33
H221 CPL H . 9.11 -37.05 -17.51
H222 CPL H . 10.05 -36.46 -18.61
H231 CPL H . 10.70 -34.71 -17.18
H232 CPL H . 9.83 -35.31 -16.03
H241 CPL H . 8.13 -34.97 -18.05
H242 CPL H . 8.98 -33.65 -18.02
H251 CPL H . 8.21 -34.27 -15.48
H252 CPL H . 6.94 -34.21 -16.38
H261 CPL H . 7.35 -32.09 -15.47
H262 CPL H . 7.50 -32.02 -17.05
H263 CPL H . 8.79 -32.09 -16.13
C13 CPL I . 13.94 -42.52 -27.15
C14 CPL I . 13.27 -41.47 -26.27
C15 CPL I . 11.98 -40.96 -26.92
C16 CPL I . 11.33 -39.87 -26.08
C17 CPL I . 11.89 -39.85 -24.65
C18 CPL I . 10.98 -39.05 -23.73
C19 CPL I . 10.90 -37.60 -24.16
C20 CPL I . 10.66 -36.68 -22.97
C21 CPL I . 9.79 -35.49 -23.34
C22 CPL I . 10.33 -34.20 -22.73
C23 CPL I . 9.53 -33.83 -21.49
C24 CPL I . 8.38 -32.88 -21.84
C25 CPL I . 8.49 -31.58 -21.06
C26 CPL I . 7.29 -30.69 -21.33
H141 CPL I . 13.87 -40.72 -26.12
H142 CPL I . 13.07 -41.85 -25.40
H151 CPL I . 11.37 -41.70 -27.02
H152 CPL I . 12.18 -40.62 -27.80
H161 CPL I . 10.37 -40.01 -26.05
H162 CPL I . 11.48 -39.01 -26.49
H171 CPL I . 12.77 -39.46 -24.66
H172 CPL I . 11.97 -40.76 -24.33
H181 CPL I . 11.33 -39.10 -22.82
H182 CPL I . 10.09 -39.44 -23.72
H191 CPL I . 10.17 -37.49 -24.79
H192 CPL I . 11.71 -37.34 -24.62
H201 CPL I . 11.52 -36.37 -22.62
H202 CPL I . 10.24 -37.18 -22.24
H211 CPL I . 8.88 -35.64 -23.04
H212 CPL I . 9.76 -35.41 -24.31
H221 CPL I . 10.27 -33.49 -23.38
H222 CPL I . 11.26 -34.31 -22.51
H231 CPL I . 10.12 -33.40 -20.85
H232 CPL I . 9.18 -34.63 -21.07
H241 CPL I . 7.54 -33.32 -21.64
H242 CPL I . 8.40 -32.70 -22.80
H251 CPL I . 9.30 -31.12 -21.31
H252 CPL I . 8.54 -31.77 -20.11
H261 CPL I . 7.38 -29.87 -20.82
H262 CPL I . 6.48 -31.15 -21.05
H263 CPL I . 7.25 -30.48 -22.27
C1 CPL J . 12.74 -40.86 -12.20
C2 CPL J . 11.55 -39.95 -12.06
C3 CPL J . 11.68 -39.02 -13.27
C4 CPL J . 13.72 -44.99 -13.04
C5 CPL J . 14.53 -45.56 -11.87
C11 CPL J . 10.74 -36.94 -12.71
C12 CPL J . 9.50 -36.32 -12.01
C13 CPL J . 9.11 -35.12 -12.88
C14 CPL J . 8.08 -34.25 -12.10
C15 CPL J . 8.35 -32.75 -12.44
C16 CPL J . 7.16 -31.92 -11.91
C17 CPL J . 6.79 -32.53 -10.52
C31 CPL J . 9.27 -40.37 -11.37
C32 CPL J . 7.84 -40.94 -11.68
C33 CPL J . 6.65 -40.06 -11.19
C34 CPL J . 7.05 -38.56 -11.02
C35 CPL J . 5.97 -37.77 -10.18
C36 CPL J . 6.66 -36.65 -9.31
C37 CPL J . 5.62 -35.56 -8.92
C38 CPL J . 5.37 -35.57 -7.38
O2 CPL J . 10.41 -40.75 -12.10
O3 CPL J . 10.62 -38.15 -13.39
O11 CPL J . 11.77 -36.38 -12.71
O31 CPL J . 9.45 -39.66 -10.48
O1P CPL J . 14.85 -41.71 -14.42
O2P CPL J . 13.13 -42.98 -15.33
O3P CPL J . 12.54 -41.49 -13.42
O4P CPL J . 14.08 -43.62 -13.02
P CPL J . 13.66 -42.45 -14.10
HC11 CPL J . 12.75 -41.51 -11.47
HC12 CPL J . 13.56 -40.34 -12.20
HC2 CPL J . 11.60 -39.45 -11.23
HC31 CPL J . 11.71 -39.57 -14.06
HC32 CPL J . 12.50 -38.50 -13.19
HC41 CPL J . 12.77 -45.11 -12.90
HC42 CPL J . 13.99 -45.40 -13.88
H121 CPL J . 9.73 -36.02 -11.11
H122 CPL J . 8.78 -36.97 -11.98
H131 CPL J . 8.70 -35.45 -13.70
H132 CPL J . 9.89 -34.59 -13.08
H141 CPL J . 8.19 -34.42 -11.16
H142 CPL J . 7.17 -34.49 -12.38
H151 CPL J . 8.43 -32.64 -13.40
H152 CPL J . 9.17 -32.46 -12.00
H161 CPL J . 6.39 -32.00 -12.51
H162 CPL J . 7.41 -30.99 -11.82
H321 CPL J . 7.77 -41.82 -11.27
H322 CPL J . 7.77 -41.04 -12.65
H331 CPL J . 6.35 -40.40 -10.33
H332 CPL J . 5.93 -40.12 -11.82
H341 CPL J . 7.13 -38.15 -11.90
H342 CPL J . 7.91 -38.51 -10.56
H351 CPL J . 5.50 -38.39 -9.59
H352 CPL J . 5.34 -37.35 -10.79
H361 CPL J . 7.37 -36.25 -9.83
H362 CPL J . 7.02 -37.06 -8.51
H371 CPL J . 4.77 -35.74 -9.37
H372 CPL J . 5.95 -34.69 -9.19
C1 CPL K . 8.51 -35.40 -30.60
C2 CPL K . 7.64 -34.22 -30.17
C3 CPL K . 6.84 -33.63 -31.34
C4 CPL K . 12.83 -35.50 -32.29
C5 CPL K . 12.97 -34.12 -33.00
C11 CPL K . 5.31 -31.91 -30.73
C12 CPL K . 5.02 -30.59 -30.01
C13 CPL K . 5.26 -29.43 -30.98
C14 CPL K . 4.74 -28.11 -30.34
C15 CPL K . 4.44 -28.19 -28.81
C16 CPL K . 3.99 -26.77 -28.31
C17 CPL K . 4.22 -26.64 -26.78
C18 CPL K . 3.49 -25.40 -26.19
C19 CPL K . 4.46 -24.73 -25.16
C20 CPL K . 3.79 -23.68 -24.22
C21 CPL K . 3.96 -24.18 -22.74
C22 CPL K . 4.15 -23.01 -21.74
C23 CPL K . 3.78 -23.44 -20.28
C24 CPL K . 4.82 -22.92 -19.26
C25 CPL K . 4.13 -22.57 -17.93
C26 CPL K . 5.02 -21.69 -17.02
C31 CPL K . 7.11 -33.96 -27.89
C32 CPL K . 6.83 -34.61 -26.50
C33 CPL K . 6.44 -33.44 -25.56
C34 CPL K . 5.27 -32.65 -26.22
C35 CPL K . 4.69 -31.64 -25.14
C36 CPL K . 3.76 -30.61 -25.87
C37 CPL K . 2.93 -29.79 -24.82
C38 CPL K . 3.89 -29.12 -23.78
O2 CPL K . 6.79 -34.63 -29.12
O3 CPL K . 6.62 -32.24 -31.18
O11 CPL K . 4.42 -32.67 -30.89
O31 CPL K . 7.61 -32.91 -27.89
O1P CPL K . 11.57 -36.96 -29.57
O2P CPL K . 12.11 -34.76 -29.54
O3P CPL K . 9.63 -35.39 -29.74
O4P CPL K . 11.49 -35.71 -31.83
P CPL K . 11.19 -35.68 -30.20
HC11 CPL K . 8.79 -35.29 -31.51
HC12 CPL K . 8.01 -36.23 -30.49
HC2 CPL K . 8.23 -33.52 -29.83
HC31 CPL K . 5.98 -34.09 -31.41
HC32 CPL K . 7.34 -33.78 -32.16
HC41 CPL K . 13.44 -35.54 -31.55
HC42 CPL K . 13.06 -36.21 -32.93
H121 CPL K . 5.60 -30.50 -29.24
H122 CPL K . 4.09 -30.58 -29.71
H131 CPL K . 4.79 -29.61 -31.80
H132 CPL K . 6.21 -29.36 -31.15
H141 CPL K . 3.92 -27.85 -30.80
H142 CPL K . 5.39 -27.41 -30.50
H151 CPL K . 5.24 -28.46 -28.33
H152 CPL K . 3.73 -28.83 -28.64
H161 CPL K . 3.06 -26.63 -28.51
H162 CPL K . 4.52 -26.09 -28.77
H171 CPL K . 5.16 -26.56 -26.60
H172 CPL K . 3.88 -27.44 -26.35
H181 CPL K . 2.68 -25.67 -25.73
H182 CPL K . 3.26 -24.77 -26.89
H191 CPL K . 5.17 -24.29 -25.66
H192 CPL K . 4.85 -25.42 -24.62
H201 CPL K . 2.84 -23.60 -24.44
H202 CPL K . 4.22 -22.82 -24.33
H211 CPL K . 3.17 -24.69 -22.49
H212 CPL K . 4.73 -24.76 -22.69
H221 CPL K . 3.57 -22.27 -22.01
H222 CPL K . 5.06 -22.72 -21.76
H231 CPL K . 2.91 -23.07 -20.06
H232 CPL K . 3.75 -24.40 -20.23
H241 CPL K . 5.49 -23.60 -19.11
H242 CPL K . 5.26 -22.12 -19.62
H251 CPL K . 3.92 -23.39 -17.47
H252 CPL K . 3.31 -22.09 -18.12
H261 CPL K . 5.28 -20.89 -17.49
H262 CPL K . 5.82 -22.19 -16.77
H263 CPL K . 4.53 -21.46 -16.22
H321 CPL K . 7.63 -35.06 -26.16
H322 CPL K . 6.09 -35.25 -26.57
H331 CPL K . 7.21 -32.85 -25.45
H332 CPL K . 6.17 -33.78 -24.70
H341 CPL K . 4.57 -33.27 -26.49
H342 CPL K . 5.59 -32.16 -26.99
H351 CPL K . 5.43 -31.18 -24.70
H352 CPL K . 4.17 -32.14 -24.48
H361 CPL K . 3.16 -31.08 -26.45
H362 CPL K . 4.31 -30.00 -26.38
H371 CPL K . 2.32 -30.38 -24.36
H372 CPL K . 2.43 -29.10 -25.28
C11 CPL L . 8.64 -50.59 -15.58
C12 CPL L . 8.64 -49.86 -14.25
C13 CPL L . 7.27 -49.25 -14.01
C14 CPL L . 7.24 -48.48 -12.69
C15 CPL L . 6.00 -47.59 -12.60
C16 CPL L . 6.03 -46.74 -11.33
C17 CPL L . 5.04 -47.27 -10.30
C18 CPL L . 3.78 -46.42 -10.27
C19 CPL L . 4.11 -44.96 -9.98
C20 CPL L . 3.78 -44.60 -8.53
C21 CPL L . 2.79 -43.45 -8.46
C22 CPL L . 3.34 -42.30 -7.62
C23 CPL L . 2.20 -41.51 -6.98
C24 CPL L . 2.62 -40.08 -6.69
C25 CPL L . 2.09 -39.60 -5.35
C26 CPL L . 2.01 -38.09 -5.29
H121 CPL L . 9.32 -49.17 -14.25
H122 CPL L . 8.85 -50.48 -13.54
H131 CPL L . 6.59 -49.94 -13.99
H132 CPL L . 7.05 -48.65 -14.74
H141 CPL L . 8.04 -47.93 -12.61
H142 CPL L . 7.26 -49.10 -11.95
H151 CPL L . 5.21 -48.15 -12.60
H152 CPL L . 5.95 -47.02 -13.38
H161 CPL L . 5.82 -45.82 -11.56
H162 CPL L . 6.93 -46.74 -10.96
H171 CPL L . 5.45 -47.28 -9.42
H172 CPL L . 4.81 -48.20 -10.51
H181 CPL L . 3.17 -46.75 -9.60
H182 CPL L . 3.32 -46.48 -11.12
H191 CPL L . 3.61 -44.38 -10.57
H192 CPL L . 5.05 -44.80 -10.14
H201 CPL L . 4.60 -44.36 -8.07
H202 CPL L . 3.42 -45.38 -8.08
H211 CPL L . 1.96 -43.76 -8.08
H212 CPL L . 2.59 -43.13 -9.36
H221 CPL L . 3.87 -41.71 -8.19
H222 CPL L . 3.93 -42.65 -6.94
H231 CPL L . 1.93 -41.95 -6.15
H232 CPL L . 1.43 -41.51 -7.56
H241 CPL L . 2.30 -39.49 -7.39
H242 CPL L . 3.59 -40.01 -6.70
H251 CPL L . 2.67 -39.93 -4.63
H252 CPL L . 1.21 -39.98 -5.19
H261 CPL L . 1.67 -37.81 -4.43
H262 CPL L . 1.43 -37.77 -6.00
H263 CPL L . 2.90 -37.72 -5.43
K K M . 19.47 -12.64 -18.65
K K N . 21.50 -13.96 -20.61
K K O . 22.70 -14.75 -21.76
C1 CLR P . 46.68 -1.30 -10.70
C2 CLR P . 47.85 -0.92 -11.59
C3 CLR P . 47.53 0.18 -12.58
C4 CLR P . 46.96 1.34 -11.83
C5 CLR P . 45.69 0.89 -11.19
C6 CLR P . 44.55 1.49 -11.53
C7 CLR P . 43.24 1.19 -10.87
C8 CLR P . 43.44 0.38 -9.62
C9 CLR P . 44.38 -0.77 -9.93
C10 CLR P . 45.77 -0.19 -10.18
C11 CLR P . 44.31 -1.86 -8.86
C12 CLR P . 42.89 -2.30 -8.52
C13 CLR P . 42.10 -1.10 -8.02
C14 CLR P . 42.08 -0.14 -9.19
C15 CLR P . 41.11 0.89 -8.71
C16 CLR P . 39.97 0.00 -8.29
C17 CLR P . 40.60 -1.27 -7.69
C18 CLR P . 42.88 -0.41 -6.90
C19 CLR P . 46.29 0.55 -8.98
C20 CLR P . 40.25 -1.55 -6.22
C21 CLR P . 39.96 -3.00 -6.01
C22 CLR P . 39.12 -0.71 -5.66
C23 CLR P . 37.78 -0.88 -6.34
C24 CLR P . 36.76 -0.18 -5.46
C25 CLR P . 35.35 -0.62 -5.78
C26 CLR P . 34.78 -1.52 -4.72
C27 CLR P . 34.40 0.56 -5.91
O1 CLR P . 48.67 0.62 -13.30
H11 CLR P . 47.08 -1.84 -9.84
H12 CLR P . 46.07 -2.01 -11.25
H21 CLR P . 48.17 -1.80 -12.15
H22 CLR P . 48.68 -0.60 -10.97
H3 CLR P . 46.77 -0.19 -13.28
H41 CLR P . 46.77 2.17 -12.51
H42 CLR P . 47.66 1.69 -11.06
H6 CLR P . 44.59 2.27 -12.27
H71 CLR P . 42.60 0.64 -11.58
H72 CLR P . 42.73 2.13 -10.63
H8 CLR P . 43.86 1.01 -8.83
H9 CLR P . 44.03 -1.22 -10.87
H111 CLR P . 44.79 -1.50 -7.96
H112 CLR P . 44.87 -2.72 -9.22
H121 CLR P . 42.91 -3.08 -7.75
H122 CLR P . 42.40 -2.71 -9.41
H14 CLR P . 41.63 -0.65 -10.05
H151 CLR P . 40.81 1.57 -9.51
H152 CLR P . 41.51 1.46 -7.86
H161 CLR P . 39.41 -0.28 -9.18
H162 CLR P . 39.30 0.58 -7.68
H17 CLR P . 40.23 -2.13 -8.28
H181 CLR P . 43.82 -0.08 -7.26
H182 CLR P . 43.04 -1.10 -6.11
H183 CLR P . 42.34 0.42 -6.55
H191 CLR P . 47.31 0.77 -9.13
H192 CLR P . 46.15 -0.01 -8.11
H193 CLR P . 45.76 1.48 -8.91
H20 CLR P . 41.10 -1.34 -5.56
H211 CLR P . 39.72 -3.16 -4.99
H212 CLR P . 40.81 -3.57 -6.27
H213 CLR P . 39.14 -3.28 -6.62
H221 CLR P . 39.42 0.33 -5.69
H222 CLR P . 39.00 -0.97 -4.59
H231 CLR P . 37.53 -1.93 -6.45
H232 CLR P . 37.78 -0.41 -7.33
H241 CLR P . 36.84 0.89 -5.60
H242 CLR P . 36.97 -0.41 -4.42
H25 CLR P . 35.36 -1.17 -6.74
H261 CLR P . 33.80 -1.80 -4.98
H262 CLR P . 34.77 -1.00 -3.79
H263 CLR P . 35.39 -2.38 -4.64
H271 CLR P . 33.43 0.22 -6.13
H272 CLR P . 34.74 1.20 -6.69
H273 CLR P . 34.39 1.10 -4.99
H1 CLR P . 48.42 1.32 -13.92
C1 CLR Q . 46.36 4.30 -7.05
C2 CLR Q . 47.81 4.13 -7.48
C3 CLR Q . 48.72 4.80 -6.47
C4 CLR Q . 48.64 3.98 -5.20
C5 CLR Q . 47.21 3.96 -4.71
C6 CLR Q . 47.04 3.93 -3.45
C7 CLR Q . 45.77 4.41 -2.86
C8 CLR Q . 44.66 3.76 -3.66
C9 CLR Q . 44.78 4.23 -5.10
C10 CLR Q . 46.08 3.72 -5.66
C11 CLR Q . 43.58 3.77 -5.91
C12 CLR Q . 42.27 4.30 -5.30
C13 CLR Q . 42.14 3.76 -3.89
C14 CLR Q . 43.36 4.24 -3.08
C15 CLR Q . 43.02 3.63 -1.75
C16 CLR Q . 41.60 4.15 -1.55
C17 CLR Q . 41.06 4.26 -2.97
C18 CLR Q . 42.13 2.25 -3.98
C19 CLR Q . 45.91 2.23 -5.83
C20 CLR Q . 39.77 3.47 -2.96
C21 CLR Q . 39.10 3.45 -4.33
C22 CLR Q . 38.84 4.24 -2.07
C23 CLR Q . 38.65 3.39 -0.85
C24 CLR Q . 37.18 3.14 -0.71
C25 CLR Q . 36.47 4.47 -0.59
C26 CLR Q . 34.99 4.15 -0.57
C27 CLR Q . 36.84 5.22 0.68
O1 CLR Q . 50.06 4.81 -6.93
H11 CLR Q . 45.78 3.86 -7.68
H12 CLR Q . 46.14 5.25 -7.04
H21 CLR Q . 47.93 4.55 -8.35
H22 CLR Q . 48.02 3.19 -7.53
H3 CLR Q . 48.41 5.70 -6.30
H41 CLR Q . 49.20 4.38 -4.52
H42 CLR Q . 48.93 3.07 -5.38
H6 CLR Q . 47.80 3.90 -2.90
H71 CLR Q . 45.72 5.37 -2.92
H72 CLR Q . 45.72 4.12 -1.93
H8 CLR Q . 44.72 2.80 -3.62
H9 CLR Q . 44.80 5.20 -5.10
H111 CLR Q . 43.55 2.81 -5.92
H112 CLR Q . 43.67 4.11 -6.82
H121 CLR Q . 41.53 4.00 -5.85
H122 CLR Q . 42.29 5.26 -5.28
H14 CLR Q . 43.35 5.21 -3.03
H151 CLR Q . 43.61 3.99 -1.05
H152 CLR Q . 43.05 2.66 -1.76
H161 CLR Q . 41.60 5.01 -1.12
H162 CLR Q . 41.07 3.51 -1.04
H17 CLR Q . 40.87 5.19 -3.17
H181 CLR Q . 43.00 1.93 -4.25
H182 CLR Q . 41.46 1.96 -4.61
H183 CLR Q . 41.92 1.88 -3.10
H191 CLR Q . 46.78 1.81 -5.93
H192 CLR Q . 45.37 2.06 -6.62
H193 CLR Q . 45.47 1.87 -5.05
H20 CLR Q . 39.91 2.56 -2.64
H211 CLR Q . 39.45 4.19 -4.86
H212 CLR Q . 39.31 2.62 -4.78
H213 CLR Q . 38.15 3.54 -4.23
H221 CLR Q . 39.24 5.08 -1.83
H222 CLR Q . 38.00 4.38 -2.51
H231 CLR Q . 38.98 3.86 -0.06
H232 CLR Q . 39.12 2.55 -0.95
H241 CLR Q . 37.01 2.61 0.09
H242 CLR Q . 36.85 2.67 -1.50
H25 CLR Q . 36.66 5.03 -1.36
H261 CLR Q . 34.83 3.32 -1.06
H262 CLR Q . 34.69 4.04 0.35
H263 CLR Q . 34.50 4.86 -1.00
H271 CLR Q . 37.49 5.92 0.46
H272 CLR Q . 36.05 5.61 1.07
H273 CLR Q . 37.24 4.60 1.31
H1 CLR Q . 50.52 5.34 -6.46
C11 CPL R . 21.75 -7.74 -2.00
C12 CPL R . 21.60 -6.29 -1.48
C13 CPL R . 22.06 -6.24 0.00
C14 CPL R . 22.14 -4.76 0.49
C15 CPL R . 22.80 -4.72 1.92
C16 CPL R . 22.07 -3.65 2.81
C17 CPL R . 22.34 -3.96 4.33
C18 CPL R . 21.10 -3.49 5.17
C19 CPL R . 21.55 -2.77 6.49
C20 CPL R . 21.43 -3.74 7.70
C21 CPL R . 20.97 -2.97 8.98
C22 CPL R . 22.12 -2.95 10.04
C23 CPL R . 21.54 -2.56 11.43
C24 CPL R . 20.85 -1.18 11.36
C25 CPL R . 21.34 -0.26 12.49
C26 CPL R . 20.57 -0.56 13.79
H121 CPL R . 20.69 -6.00 -1.56
H122 CPL R . 22.15 -5.69 -2.02
H131 CPL R . 22.93 -6.66 0.09
H132 CPL R . 21.44 -6.73 0.55
H141 CPL R . 21.25 -4.36 0.52
H142 CPL R . 22.67 -4.22 -0.13
H151 CPL R . 23.74 -4.51 1.86
H152 CPL R . 22.73 -5.60 2.34
H161 CPL R . 21.12 -3.67 2.63
H162 CPL R . 22.39 -2.77 2.59
H171 CPL R . 23.14 -3.49 4.63
H172 CPL R . 22.50 -4.90 4.46
H181 CPL R . 20.56 -4.26 5.39
H182 CPL R . 20.55 -2.89 4.64
H191 CPL R . 21.00 -1.99 6.63
H192 CPL R . 22.46 -2.47 6.41
H201 CPL R . 22.28 -4.18 7.88
H202 CPL R . 20.78 -4.45 7.51
H211 CPL R . 20.18 -3.38 9.36
H212 CPL R . 20.73 -2.06 8.74
H221 CPL R . 22.80 -2.31 9.77
H222 CPL R . 22.54 -3.82 10.08
H231 CPL R . 22.26 -2.55 12.08
H232 CPL R . 20.91 -3.24 11.73
H241 CPL R . 19.89 -1.29 11.43
H242 CPL R . 21.02 -0.77 10.50
H251 CPL R . 21.22 0.67 12.24
H252 CPL R . 22.30 -0.38 12.64
H261 CPL R . 20.89 0.03 14.49
H262 CPL R . 20.72 -1.48 14.05
H263 CPL R . 19.62 -0.40 13.65
C17 CPL S . 41.32 -20.65 1.05
C18 CPL S . 40.77 -20.85 -0.36
C19 CPL S . 40.59 -19.52 -1.06
C20 CPL S . 39.38 -19.55 -1.98
C21 CPL S . 38.29 -18.59 -1.50
C22 CPL S . 37.05 -19.36 -1.06
C23 CPL S . 35.79 -18.52 -1.28
C24 CPL S . 34.56 -19.24 -0.77
C25 CPL S . 33.77 -18.35 0.18
C26 CPL S . 32.40 -18.01 -0.40
H181 CPL S . 39.91 -21.31 -0.30
H182 CPL S . 41.36 -21.42 -0.86
H191 CPL S . 41.39 -19.31 -1.58
H192 CPL S . 40.48 -18.81 -0.41
H201 CPL S . 39.02 -20.45 -2.03
H202 CPL S . 39.65 -19.31 -2.89
H211 CPL S . 38.07 -17.97 -2.20
H212 CPL S . 38.63 -18.06 -0.75
H221 CPL S . 37.12 -19.60 -0.12
H222 CPL S . 36.98 -20.18 -1.57
H231 CPL S . 35.69 -18.32 -2.22
H232 CPL S . 35.89 -17.66 -0.82
H241 CPL S . 34.81 -20.06 -0.32
H242 CPL S . 34.00 -19.49 -1.52
H251 CPL S . 34.26 -17.55 0.35
H252 CPL S . 33.65 -18.81 1.02
H261 CPL S . 31.92 -17.44 0.23
H262 CPL S . 31.90 -18.83 -0.55
H263 CPL S . 32.52 -17.55 -1.24
C13 CPL T . 43.98 -27.76 -5.82
C14 CPL T . 42.76 -27.00 -5.32
C15 CPL T . 41.75 -27.94 -4.69
C16 CPL T . 40.49 -27.21 -4.25
C17 CPL T . 40.73 -25.70 -4.16
C18 CPL T . 39.64 -25.02 -3.35
C19 CPL T . 38.28 -25.19 -4.01
C20 CPL T . 37.37 -24.01 -3.70
C21 CPL T . 35.92 -24.45 -3.58
C22 CPL T . 34.99 -23.46 -4.29
C23 CPL T . 34.33 -22.53 -3.28
C24 CPL T . 32.98 -23.08 -2.83
C25 CPL T . 31.86 -22.10 -3.12
C26 CPL T . 30.54 -22.60 -2.57
H141 CPL T . 42.35 -26.52 -6.05
H142 CPL T . 43.03 -26.33 -4.67
H151 CPL T . 42.15 -28.39 -3.93
H152 CPL T . 41.50 -28.63 -5.34
H161 CPL T . 40.21 -27.54 -3.38
H162 CPL T . 39.77 -27.38 -4.87
H171 CPL T . 40.77 -25.33 -5.04
H172 CPL T . 41.60 -25.54 -3.75
H181 CPL T . 39.84 -24.08 -3.26
H182 CPL T . 39.61 -25.40 -2.45
H191 CPL T . 37.87 -26.01 -3.70
H192 CPL T . 38.39 -25.28 -4.97
H201 CPL T . 37.46 -23.34 -4.40
H202 CPL T . 37.65 -23.58 -2.87
H211 CPL T . 35.67 -24.51 -2.65
H212 CPL T . 35.82 -25.33 -3.97
H221 CPL T . 34.31 -23.95 -4.78
H222 CPL T . 35.50 -22.95 -4.94
H231 CPL T . 34.20 -21.66 -3.69
H232 CPL T . 34.91 -22.40 -2.52
H241 CPL T . 33.02 -23.28 -1.88
H242 CPL T . 32.81 -23.93 -3.29
H251 CPL T . 31.79 -21.96 -4.07
H252 CPL T . 32.07 -21.24 -2.72
H261 CPL T . 29.85 -21.95 -2.76
H262 CPL T . 30.61 -22.71 -1.61
H263 CPL T . 30.32 -23.44 -2.99
C1 CPL U . 42.20 -14.13 0.42
C2 CPL U . 40.87 -14.26 1.11
C3 CPL U . 40.06 -15.16 0.16
C4 CPL U . 46.34 -15.31 0.86
C5 CPL U . 47.21 -14.05 0.87
C11 CPL U . 37.79 -14.59 0.36
C12 CPL U . 36.71 -14.27 1.43
C13 CPL U . 35.45 -15.00 0.95
C14 CPL U . 34.24 -14.49 1.78
C15 CPL U . 32.99 -14.42 0.84
C16 CPL U . 31.74 -14.21 1.72
C17 CPL U . 32.16 -13.16 2.80
C31 CPL U . 40.28 -14.49 3.45
C32 CPL U . 40.19 -15.38 4.73
C33 CPL U . 38.89 -15.18 5.58
C34 CPL U . 37.71 -14.62 4.73
C35 CPL U . 36.54 -14.09 5.66
C36 CPL U . 35.84 -12.84 4.99
C37 CPL U . 34.41 -12.65 5.59
C38 CPL U . 34.34 -11.32 6.40
O2 CPL U . 41.11 -14.83 2.36
O3 CPL U . 38.82 -15.48 0.67
O11 CPL U . 37.74 -14.13 -0.73
O31 CPL U . 39.74 -13.49 3.37
O1P CPL U . 43.84 -15.60 -1.89
O2P CPL U . 44.24 -17.26 -0.33
O3P CPL U . 42.67 -15.44 0.33
O4P CPL U . 45.25 -14.92 0.05
P CPL U . 44.00 -15.84 -0.48
HC11 CPL U . 42.80 -13.58 0.94
HC12 CPL U . 42.08 -13.76 -0.48
HC2 CPL U . 40.45 -13.39 1.20
HC31 CPL U . 40.56 -15.97 0.04
HC32 CPL U . 39.96 -14.71 -0.70
HC41 CPL U . 46.04 -15.53 1.76
HC42 CPL U . 46.81 -16.06 0.47
H121 CPL U . 36.55 -13.31 1.47
H122 CPL U . 36.99 -14.61 2.30
H131 CPL U . 35.56 -15.95 1.09
H132 CPL U . 35.30 -14.81 0.02
H141 CPL U . 34.45 -13.61 2.13
H142 CPL U . 34.06 -15.09 2.52
H151 CPL U . 32.91 -15.26 0.35
H152 CPL U . 33.08 -13.69 0.22
H161 CPL U . 31.47 -15.04 2.15
H162 CPL U . 31.01 -13.87 1.19
H321 CPL U . 40.95 -15.19 5.30
H322 CPL U . 40.23 -16.32 4.46
H331 CPL U . 39.08 -14.56 6.30
H332 CPL U . 38.62 -16.04 5.96
H341 CPL U . 37.36 -15.33 4.16
H342 CPL U . 38.03 -13.89 4.18
H351 CPL U . 36.91 -13.82 6.52
H352 CPL U . 35.89 -14.78 5.79
H361 CPL U . 35.77 -12.99 4.03
H362 CPL U . 36.37 -12.05 5.16
H371 CPL U . 34.21 -13.40 6.19
H372 CPL U . 33.77 -12.63 4.87
C1 CPL V . 35.18 -31.55 -5.40
C2 CPL V . 33.75 -31.24 -4.96
C3 CPL V . 32.86 -32.50 -4.99
C4 CPL V . 37.09 -31.61 -9.63
C5 CPL V . 35.90 -31.96 -10.56
C11 CPL V . 30.66 -32.15 -4.13
C12 CPL V . 29.35 -31.36 -4.12
C13 CPL V . 28.39 -31.95 -5.15
C14 CPL V . 26.98 -31.31 -4.98
C15 CPL V . 26.96 -30.01 -4.10
C16 CPL V . 25.48 -29.46 -4.08
C17 CPL V . 25.48 -27.95 -3.71
C18 CPL V . 24.05 -27.44 -3.35
C19 CPL V . 23.88 -26.04 -4.02
C20 CPL V . 22.67 -25.22 -3.50
C21 CPL V . 23.21 -23.89 -2.86
C22 CPL V . 22.25 -22.69 -3.08
C23 CPL V . 22.50 -21.55 -2.05
C24 CPL V . 22.49 -20.16 -2.72
C25 CPL V . 21.90 -19.11 -1.74
C26 CPL V . 21.50 -17.81 -2.46
C31 CPL V . 33.33 -29.28 -3.73
C32 CPL V . 33.81 -28.22 -2.69
C33 CPL V . 32.60 -27.29 -2.46
C34 CPL V . 31.38 -28.15 -2.04
C35 CPL V . 30.23 -27.18 -1.53
C36 CPL V . 28.89 -27.99 -1.44
C37 CPL V . 27.81 -27.17 -0.65
C38 CPL V . 27.63 -25.76 -1.30
O2 CPL V . 33.77 -30.65 -3.68
O3 CPL V . 31.52 -32.16 -5.27
O11 CPL V . 30.97 -32.74 -3.16
O31 CPL V . 32.59 -28.92 -4.55
O1P CPL V . 37.92 -29.81 -6.95
O2P CPL V . 36.15 -29.20 -8.24
O3P CPL V . 35.66 -30.36 -6.00
O4P CPL V . 36.72 -31.69 -8.25
P CPL V . 36.59 -30.28 -7.37
HC11 CPL V . 35.18 -32.27 -6.04
HC12 CPL V . 35.72 -31.77 -4.62
HC2 CPL V . 33.37 -30.60 -5.59
HC31 CPL V . 32.90 -32.93 -4.12
HC32 CPL V . 33.19 -33.10 -5.66
HC41 CPL V . 37.40 -30.71 -9.83
HC42 CPL V . 37.81 -32.24 -9.81
H121 CPL V . 29.53 -30.43 -4.34
H122 CPL V . 28.95 -31.40 -3.23
H131 CPL V . 28.34 -32.91 -5.02
H132 CPL V . 28.73 -31.77 -6.04
H141 CPL V . 26.39 -31.97 -4.58
H142 CPL V . 26.63 -31.09 -5.86
H151 CPL V . 27.54 -29.35 -4.47
H152 CPL V . 27.23 -30.23 -3.19
H161 CPL V . 24.96 -29.95 -3.43
H162 CPL V . 25.08 -29.57 -4.96
H171 CPL V . 25.83 -27.44 -4.46
H172 CPL V . 26.07 -27.82 -2.95
H181 CPL V . 23.97 -27.35 -2.39
H182 CPL V . 23.39 -28.06 -3.69
H191 CPL V . 23.79 -26.17 -4.98
H192 CPL V . 24.69 -25.52 -3.87
H201 CPL V . 22.19 -25.73 -2.83
H202 CPL V . 22.07 -25.01 -4.23
H211 CPL V . 23.33 -24.03 -1.91
H212 CPL V . 24.07 -23.68 -3.26
H221 CPL V . 21.33 -23.01 -2.99
H222 CPL V . 22.38 -22.34 -3.97
H231 CPL V . 21.80 -21.59 -1.37
H232 CPL V . 23.36 -21.69 -1.61
H241 CPL V . 23.39 -19.91 -2.94
H242 CPL V . 21.95 -20.20 -3.52
H251 CPL V . 22.55 -18.91 -1.07
H252 CPL V . 21.11 -19.49 -1.32
H261 CPL V . 20.87 -18.00 -3.18
H262 CPL V . 22.29 -17.40 -2.84
H263 CPL V . 21.08 -17.20 -1.82
H321 CPL V . 34.56 -27.72 -3.05
H322 CPL V . 34.07 -28.65 -1.86
H331 CPL V . 32.39 -26.81 -3.28
H332 CPL V . 32.81 -26.65 -1.76
H341 CPL V . 31.63 -28.76 -1.33
H342 CPL V . 31.05 -28.66 -2.80
H351 CPL V . 30.14 -26.44 -2.15
H352 CPL V . 30.47 -26.85 -0.65
H361 CPL V . 29.05 -28.82 -0.98
H362 CPL V . 28.56 -28.16 -2.33
H371 CPL V . 28.09 -27.07 0.27
H372 CPL V . 26.97 -27.65 -0.68
C11 CPL W . 49.19 -20.43 6.27
C12 CPL W . 48.55 -19.08 6.52
C13 CPL W . 47.42 -19.22 7.52
C14 CPL W . 46.73 -17.88 7.76
C15 CPL W . 45.40 -18.07 8.48
C16 CPL W . 44.66 -16.74 8.63
C17 CPL W . 44.74 -16.23 10.06
C18 CPL W . 43.43 -16.50 10.80
C19 CPL W . 42.26 -15.84 10.08
C20 CPL W . 41.81 -14.57 10.77
C21 CPL W . 40.35 -14.64 11.18
C22 CPL W . 39.55 -13.47 10.61
C23 CPL W . 38.37 -13.13 11.51
C24 CPL W . 37.26 -12.46 10.71
C25 CPL W . 36.62 -11.32 11.50
C26 CPL W . 35.22 -11.04 10.99
H121 CPL W . 48.22 -18.71 5.68
H122 CPL W . 49.22 -18.46 6.85
H131 CPL W . 47.76 -19.57 8.36
H132 CPL W . 46.77 -19.86 7.18
H141 CPL W . 46.58 -17.43 6.91
H142 CPL W . 47.31 -17.30 8.28
H151 CPL W . 45.57 -18.45 9.35
H152 CPL W . 44.85 -18.69 7.99
H161 CPL W . 43.74 -16.85 8.37
H162 CPL W . 45.05 -16.08 8.03
H171 CPL W . 44.94 -15.28 10.07
H172 CPL W . 45.47 -16.67 10.53
H181 CPL W . 43.49 -16.14 11.70
H182 CPL W . 43.28 -17.45 10.87
H191 CPL W . 41.51 -16.47 10.03
H192 CPL W . 42.51 -15.64 9.15
H201 CPL W . 41.95 -13.81 10.18
H202 CPL W . 42.37 -14.42 11.56
H211 CPL W . 40.28 -14.63 12.15
H212 CPL W . 39.97 -15.47 10.87
H221 CPL W . 39.24 -13.69 9.72
H222 CPL W . 40.13 -12.70 10.52
H231 CPL W . 38.65 -12.55 12.23
H232 CPL W . 38.03 -13.94 11.92
H241 CPL W . 36.58 -13.12 10.48
H242 CPL W . 37.61 -12.12 9.88
H251 CPL W . 37.17 -10.53 11.43
H252 CPL W . 36.58 -11.56 12.44
H261 CPL W . 34.83 -10.31 11.51
H262 CPL W . 34.67 -11.83 11.09
H263 CPL W . 35.26 -10.78 10.06
C1 CLR X . 20.95 6.23 -42.62
C2 CLR X . 21.09 5.88 -44.10
C3 CLR X . 19.94 5.06 -44.65
C4 CLR X . 18.66 5.76 -44.33
C5 CLR X . 18.54 5.82 -42.84
C6 CLR X . 17.50 5.22 -42.27
C7 CLR X . 17.22 5.31 -40.79
C8 CLR X . 18.06 6.38 -40.15
C9 CLR X . 19.50 6.23 -40.60
C10 CLR X . 19.57 6.58 -42.09
C11 CLR X . 20.46 6.99 -39.71
C12 CLR X . 20.26 6.71 -38.22
C13 CLR X . 18.85 7.13 -37.83
C14 CLR X . 17.95 6.22 -38.65
C15 CLR X . 16.62 6.51 -38.05
C16 CLR X . 16.95 6.33 -36.58
C17 CLR X . 18.37 6.88 -36.39
C18 CLR X . 18.58 8.55 -38.32
C19 CLR X . 19.13 8.01 -42.35
C20 CLR X . 18.49 8.06 -35.41
C21 CLR X . 19.69 7.89 -34.53
C22 CLR X . 17.27 8.34 -34.57
C23 CLR X . 16.83 7.20 -33.66
C24 CLR X . 15.79 7.78 -32.73
C25 CLR X . 15.57 6.91 -31.51
C26 CLR X . 16.15 7.53 -30.28
C27 CLR X . 14.09 6.68 -31.23
O1 CLR X . 20.02 4.88 -46.05
H11 CLR X . 21.62 7.06 -42.41
H12 CLR X . 21.33 5.37 -42.06
H21 CLR X . 22.01 5.33 -44.25
H22 CLR X . 21.17 6.80 -44.67
H3 CLR X . 19.94 4.09 -44.15
H41 CLR X . 17.82 5.20 -44.75
H42 CLR X . 18.67 6.77 -44.74
H6 CLR X . 16.80 4.69 -42.88
H71 CLR X . 17.44 4.35 -40.33
H72 CLR X . 16.16 5.52 -40.63
H8 CLR X . 17.68 7.38 -40.44
H9 CLR X . 19.74 5.16 -40.52
H111 CLR X . 20.36 8.05 -39.90
H112 CLR X . 21.49 6.70 -39.98
H121 CLR X . 20.99 7.30 -37.63
H122 CLR X . 20.42 5.66 -38.00
H14 CLR X . 18.22 5.18 -38.40
H151 CLR X . 15.87 5.79 -38.38
H152 CLR X . 16.29 7.52 -38.27
H161 CLR X . 16.95 5.26 -36.35
H162 CLR X . 16.14 6.77 -36.02
H17 CLR X . 18.98 6.05 -35.98
H181 CLR X . 18.68 8.61 -39.37
H182 CLR X . 19.28 9.21 -37.87
H183 CLR X . 17.60 8.84 -38.05
H191 CLR X . 19.37 8.27 -43.34
H192 CLR X . 19.60 8.66 -41.66
H193 CLR X . 18.08 8.05 -42.23
H20 CLR X . 18.68 9.00 -35.94
H211 CLR X . 19.74 8.71 -33.86
H212 CLR X . 20.56 7.85 -35.12
H213 CLR X . 19.58 6.99 -33.98
H221 CLR X . 16.44 8.58 -35.24
H222 CLR X . 17.46 9.22 -33.95
H231 CLR X . 17.67 6.83 -33.08
H232 CLR X . 16.39 6.37 -34.22
H241 CLR X . 14.84 7.88 -33.27
H242 CLR X . 16.09 8.78 -32.41
H25 CLR X . 16.05 5.93 -31.68
H261 CLR X . 15.98 6.90 -29.45
H262 CLR X . 15.69 8.47 -30.10
H263 CLR X . 17.19 7.66 -30.42
H271 CLR X . 13.98 6.07 -30.37
H272 CLR X . 13.65 6.20 -32.07
H273 CLR X . 13.61 7.60 -31.07
H1 CLR X . 19.28 4.35 -46.36
C1 CLR Y . 15.80 10.48 -43.09
C2 CLR Y . 16.56 10.56 -44.41
C3 CLR Y . 16.37 11.93 -45.02
C4 CLR Y . 17.10 12.92 -44.14
C5 CLR Y . 16.52 12.86 -42.76
C6 CLR Y . 16.49 13.96 -42.12
C7 CLR Y . 15.53 14.14 -41.01
C8 CLR Y . 15.61 12.91 -40.15
C9 CLR Y . 15.22 11.71 -40.99
C10 CLR Y . 16.23 11.56 -42.10
C11 CLR Y . 15.12 10.46 -40.12
C12 CLR Y . 14.09 10.66 -39.00
C13 CLR Y . 14.54 11.81 -38.13
C14 CLR Y . 14.64 13.07 -39.00
C15 CLR Y . 15.06 14.07 -37.97
C16 CLR Y . 14.00 13.85 -36.90
C17 CLR Y . 13.64 12.37 -37.06
C18 CLR Y . 15.89 11.46 -37.57
C19 CLR Y . 17.50 11.07 -41.45
C20 CLR Y . 13.80 11.79 -35.67
C21 CLR Y . 13.51 10.29 -35.65
C22 CLR Y . 12.73 12.42 -34.85
C23 CLR Y . 13.43 13.32 -33.88
C24 CLR Y . 13.03 12.89 -32.51
C25 CLR Y . 11.52 13.00 -32.38
C26 CLR Y . 11.19 12.43 -31.01
C27 CLR Y . 11.03 14.44 -32.48
O1 CLR Y . 16.93 11.98 -46.34
H11 CLR Y . 15.95 9.62 -42.69
H12 CLR Y . 14.85 10.59 -43.28
H21 CLR Y . 16.23 9.88 -45.02
H22 CLR Y . 17.50 10.40 -44.24
H3 CLR Y . 15.42 12.14 -45.06
H41 CLR Y . 16.99 13.80 -44.51
H42 CLR Y . 18.03 12.68 -44.11
H6 CLR Y . 16.85 14.73 -42.52
H71 CLR Y . 14.63 14.24 -41.36
H72 CLR Y . 15.78 14.92 -40.48
H8 CLR Y . 16.51 12.79 -39.80
H9 CLR Y . 14.36 11.88 -41.37
H111 CLR Y . 15.97 10.27 -39.72
H112 CLR Y . 14.84 9.72 -40.68
H121 CLR Y . 14.03 9.84 -38.47
H122 CLR Y . 13.22 10.86 -39.39
H14 CLR Y . 13.76 13.29 -39.35
H151 CLR Y . 15.00 14.98 -38.33
H152 CLR Y . 15.95 13.90 -37.63
H161 CLR Y . 13.22 14.41 -37.07
H162 CLR Y . 14.35 14.01 -36.02
H17 CLR Y . 12.71 12.29 -37.35
H181 CLR Y . 16.55 11.46 -38.28
H182 CLR Y . 15.86 10.58 -37.15
H183 CLR Y . 16.15 12.13 -36.90
H191 CLR Y . 18.24 11.21 -42.05
H192 CLR Y . 17.42 10.13 -41.23
H193 CLR Y . 17.65 11.57 -40.63
H20 CLR Y . 14.68 11.97 -35.31
H211 CLR Y . 12.98 10.06 -36.43
H212 CLR Y . 14.35 9.80 -35.68
H213 CLR Y . 13.02 10.07 -34.85
H221 CLR Y . 12.14 12.94 -35.42
H222 CLR Y . 12.23 11.74 -34.37
H231 CLR Y . 13.16 14.25 -34.02
H232 CLR Y . 14.39 13.24 -33.99
H241 CLR Y . 13.45 13.47 -31.84
H242 CLR Y . 13.30 11.97 -32.36
H25 CLR Y . 11.09 12.46 -33.05
H261 CLR Y . 11.85 11.79 -30.75
H262 CLR Y . 11.16 13.16 -30.36
H263 CLR Y . 10.32 12.01 -31.05
H271 CLR Y . 10.67 14.59 -33.37
H272 CLR Y . 10.34 14.58 -31.82
H273 CLR Y . 11.77 15.04 -32.33
H1 CLR Y . 16.65 12.67 -46.74
C11 CPL Z . 16.26 4.36 -15.92
C12 CPL Z . 14.89 5.06 -16.16
C13 CPL Z . 15.06 6.58 -15.98
C14 CPL Z . 13.76 7.33 -16.43
C15 CPL Z . 14.03 8.88 -16.43
C16 CPL Z . 12.77 9.63 -15.89
C17 CPL Z . 13.18 11.07 -15.40
C18 CPL Z . 12.25 11.49 -14.22
C19 CPL Z . 11.81 12.99 -14.35
C20 CPL Z . 12.66 13.89 -13.38
C21 CPL Z . 11.77 15.05 -12.81
C22 CPL Z . 12.26 16.42 -13.36
C23 CPL Z . 11.69 17.58 -12.48
C24 CPL Z . 10.15 17.52 -12.46
C25 CPL Z . 9.53 18.89 -12.79
C26 CPL Z . 9.49 19.76 -11.52
H121 CPL Z . 14.24 4.71 -15.54
H122 CPL Z . 14.56 4.85 -17.05
H131 CPL Z . 15.82 6.89 -16.50
H132 CPL Z . 15.25 6.77 -15.06
H141 CPL Z . 13.03 7.11 -15.83
H142 CPL Z . 13.50 7.04 -17.32
H151 CPL Z . 14.24 9.19 -17.33
H152 CPL Z . 14.80 9.08 -15.87
H161 CPL Z . 12.37 9.13 -15.16
H162 CPL Z . 12.10 9.69 -16.58
H171 CPL Z . 13.11 11.70 -16.13
H172 CPL Z . 14.10 11.08 -15.11
H181 CPL Z . 12.71 11.36 -13.37
H182 CPL Z . 11.46 10.92 -14.20
H191 CPL Z . 10.87 13.08 -14.14
H192 CPL Z . 11.92 13.29 -15.26
H201 CPL Z . 13.41 14.27 -13.86
H202 CPL Z . 13.01 13.36 -12.66
H211 CPL Z . 11.81 15.04 -11.84
H212 CPL Z . 10.85 14.90 -13.06
H221 CPL Z . 11.97 16.53 -14.28
H222 CPL Z . 13.23 16.45 -13.36
H231 CPL Z . 11.99 18.42 -12.83
H232 CPL Z . 12.04 17.50 -11.58
H241 CPL Z . 9.84 17.23 -11.60
H242 CPL Z . 9.83 16.86 -13.11
H251 CPL Z . 8.64 18.78 -13.15
H252 CPL Z . 10.06 19.34 -13.48
H261 CPL Z . 9.11 20.63 -11.74
H262 CPL Z . 10.39 19.88 -11.19
H263 CPL Z . 8.95 19.33 -10.85
C17 CPL AA . 36.33 11.67 -26.05
C18 CPL AA . 36.25 10.15 -26.06
C19 CPL AA . 34.96 9.68 -26.71
C20 CPL AA . 34.46 8.39 -26.04
C21 CPL AA . 33.14 8.64 -25.32
C22 CPL AA . 33.30 8.47 -23.82
C23 CPL AA . 32.01 7.98 -23.18
C24 CPL AA . 32.14 7.88 -21.67
C25 CPL AA . 31.01 8.64 -20.98
C26 CPL AA . 30.12 7.70 -20.20
H181 CPL AA . 36.30 9.82 -25.15
H182 CPL AA . 37.01 9.78 -26.54
H191 CPL AA . 35.11 9.51 -27.65
H192 CPL AA . 34.28 10.37 -26.64
H201 CPL AA . 35.12 8.08 -25.42
H202 CPL AA . 34.35 7.71 -26.71
H211 CPL AA . 32.47 8.03 -25.65
H212 CPL AA . 32.82 9.54 -25.51
H221 CPL AA . 33.56 9.30 -23.41
H222 CPL AA . 34.01 7.83 -23.63
H231 CPL AA . 31.77 7.11 -23.54
H232 CPL AA . 31.28 8.59 -23.40
H241 CPL AA . 33.00 8.25 -21.39
H242 CPL AA . 32.12 6.95 -21.39
H251 CPL AA . 30.49 9.12 -21.64
H252 CPL AA . 31.39 9.30 -20.38
H261 CPL AA . 29.41 8.21 -19.77
H262 CPL AA . 30.63 7.23 -19.53
H263 CPL AA . 29.72 7.05 -20.81
C13 CPL BA . 43.79 5.00 -28.21
C14 CPL BA . 42.58 5.17 -27.28
C15 CPL BA . 43.02 5.22 -25.83
C16 CPL BA . 41.83 5.33 -24.89
C17 CPL BA . 40.57 5.77 -25.64
C18 CPL BA . 39.50 6.25 -24.68
C19 CPL BA . 39.06 5.13 -23.74
C20 CPL BA . 37.61 5.32 -23.32
C21 CPL BA . 37.38 4.84 -21.89
C22 CPL BA . 36.09 4.04 -21.77
C23 CPL BA . 34.97 4.90 -21.19
C24 CPL BA . 34.91 4.76 -19.68
C25 CPL BA . 33.53 4.28 -19.24
C26 CPL BA . 33.43 4.22 -17.73
H141 CPL BA . 41.96 4.43 -27.42
H142 CPL BA . 42.12 5.98 -27.51
H151 CPL BA . 43.62 5.98 -25.69
H152 CPL BA . 43.53 4.42 -25.61
H161 CPL BA . 42.02 5.97 -24.18
H162 CPL BA . 41.67 4.47 -24.47
H171 CPL BA . 40.23 5.02 -26.17
H172 CPL BA . 40.80 6.47 -26.26
H181 CPL BA . 38.74 6.58 -25.18
H182 CPL BA . 39.84 7.00 -24.16
H191 CPL BA . 39.63 5.13 -22.95
H192 CPL BA . 39.17 4.27 -24.18
H201 CPL BA . 37.03 4.82 -23.92
H202 CPL BA . 37.36 6.25 -23.39
H211 CPL BA . 37.35 5.60 -21.29
H212 CPL BA . 38.13 4.28 -21.61
H221 CPL BA . 36.23 3.26 -21.21
H222 CPL BA . 35.83 3.71 -22.65
H231 CPL BA . 34.12 4.64 -21.58
H232 CPL BA . 35.13 5.83 -21.42
H241 CPL BA . 35.11 5.60 -19.26
H242 CPL BA . 35.59 4.12 -19.38
H251 CPL BA . 33.36 3.39 -19.60
H252 CPL BA . 32.85 4.87 -19.58
H261 CPL BA . 32.55 3.92 -17.47
H262 CPL BA . 33.59 5.11 -17.36
H263 CPL BA . 34.10 3.61 -17.37
C1 CPL CA . 30.80 12.57 -29.56
C2 CPL CA . 30.35 12.71 -28.13
C3 CPL CA . 30.81 11.41 -27.48
C4 CPL CA . 33.65 14.21 -32.37
C5 CPL CA . 32.88 14.75 -33.58
C11 CPL CA . 29.33 10.89 -25.72
C12 CPL CA . 28.60 11.56 -24.53
C13 CPL CA . 28.71 10.55 -23.37
C14 CPL CA . 27.75 10.97 -22.24
C15 CPL CA . 27.14 9.69 -21.59
C16 CPL CA . 26.42 10.10 -20.29
C17 CPL CA . 25.68 11.43 -20.61
C31 CPL CA . 30.35 14.62 -26.63
C32 CPL CA . 31.15 15.60 -25.70
C33 CPL CA . 30.42 15.97 -24.36
C34 CPL CA . 29.39 14.89 -23.93
C35 CPL CA . 28.43 15.42 -22.80
C36 CPL CA . 26.99 14.79 -22.95
C37 CPL CA . 26.21 14.88 -21.61
C38 CPL CA . 25.00 15.84 -21.73
O2 CPL CA . 31.01 13.85 -27.61
O3 CPL CA . 30.58 11.37 -26.12
O11 CPL CA . 28.88 9.96 -26.27
O31 CPL CA . 29.21 14.54 -26.60
O1P CPL CA . 32.79 10.75 -31.26
O2P CPL CA . 34.50 12.03 -30.33
O3P CPL CA . 32.19 12.42 -29.47
O4P CPL CA . 32.81 13.16 -31.94
P CPL CA . 33.11 12.06 -30.74
HC11 CPL CA . 30.58 13.36 -30.07
HC12 CPL CA . 30.40 11.78 -29.95
HC2 CPL CA . 29.40 12.81 -28.07
HC31 CPL CA . 31.76 11.32 -27.63
HC32 CPL CA . 30.35 10.66 -27.90
HC41 CPL CA . 33.73 14.90 -31.69
HC42 CPL CA . 34.52 13.88 -32.63
H121 CPL CA . 27.67 11.72 -24.75
H122 CPL CA . 29.04 12.40 -24.29
H131 CPL CA . 29.63 10.54 -23.04
H132 CPL CA . 28.46 9.67 -23.70
H141 CPL CA . 27.04 11.52 -22.62
H142 CPL CA . 28.23 11.49 -21.57
H151 CPL CA . 27.85 9.06 -21.39
H152 CPL CA . 26.50 9.28 -22.20
H161 CPL CA . 27.07 10.25 -19.58
H162 CPL CA . 25.79 9.42 -20.02
H321 CPL CA . 31.31 16.43 -26.18
H322 CPL CA . 32.00 15.20 -25.48
H331 CPL CA . 29.95 16.82 -24.48
H332 CPL CA . 31.08 16.07 -23.66
H341 CPL CA . 29.87 14.11 -23.59
H342 CPL CA . 28.87 14.61 -24.69
H351 CPL CA . 28.35 16.39 -22.87
H352 CPL CA . 28.78 15.18 -21.93
H361 CPL CA . 27.08 13.86 -23.21
H362 CPL CA . 26.51 15.27 -23.64
H371 CPL CA . 26.81 15.22 -20.91
H372 CPL CA . 25.91 13.99 -21.35
C1 CPL DA . 43.46 1.63 -19.24
C2 CPL DA . 42.57 1.58 -17.99
C3 CPL DA . 43.34 1.03 -16.78
C4 CPL DA . 44.27 -1.61 -22.47
C5 CPL DA . 44.06 -2.94 -21.70
C11 CPL DA . 42.09 1.11 -14.73
C12 CPL DA . 40.82 0.80 -13.95
C13 CPL DA . 40.93 -0.58 -13.32
C14 CPL DA . 39.76 -0.81 -12.32
C15 CPL DA . 38.58 0.22 -12.46
C16 CPL DA . 37.45 -0.18 -11.43
C17 CPL DA . 36.10 0.45 -11.88
C18 CPL DA . 35.03 0.37 -10.74
C19 CPL DA . 33.68 -0.06 -11.41
C20 CPL DA . 32.43 0.15 -10.51
C21 CPL DA . 31.46 1.17 -11.23
C22 CPL DA . 29.97 0.85 -10.96
C23 CPL DA . 29.05 2.09 -11.21
C24 CPL DA . 27.79 1.72 -12.00
C25 CPL DA . 26.60 2.59 -11.54
C26 CPL DA . 25.24 2.03 -12.00
C31 CPL DA . 40.65 2.93 -17.91
C32 CPL DA . 39.91 4.24 -18.32
C33 CPL DA . 38.55 4.20 -17.58
C34 CPL DA . 38.81 4.00 -16.06
C35 CPL DA . 37.46 4.25 -15.28
C36 CPL DA . 37.62 3.72 -13.82
C37 CPL DA . 36.43 4.22 -12.92
C38 CPL DA . 35.06 3.81 -13.58
O2 CPL DA . 42.07 2.88 -17.74
O3 CPL DA . 42.46 0.36 -15.89
O11 CPL DA . 42.77 1.99 -14.38
O31 CPL DA . 39.99 1.98 -17.76
O1P CPL DA . 43.04 1.48 -22.80
O2P CPL DA . 41.71 -0.21 -22.07
O3P CPL DA . 42.59 1.46 -20.33
O4P CPL DA . 44.21 -0.48 -21.57
P CPL DA . 42.89 0.53 -21.67
HC11 CPL DA . 44.11 0.91 -19.21
HC12 CPL DA . 43.90 2.49 -19.30
HC2 CPL DA . 41.83 1.00 -18.17
HC31 CPL DA . 43.77 1.77 -16.30
HC32 CPL DA . 44.01 0.41 -17.08
HC41 CPL DA . 43.59 -1.52 -23.14
HC42 CPL DA . 45.15 -1.63 -22.90
H121 CPL DA . 40.05 0.83 -14.55
H122 CPL DA . 40.70 1.48 -13.25
H131 CPL DA . 41.77 -0.66 -12.84
H132 CPL DA . 40.89 -1.25 -14.01
H141 CPL DA . 40.11 -0.76 -11.42
H142 CPL DA . 39.40 -1.69 -12.46
H151 CPL DA . 38.23 0.21 -13.36
H152 CPL DA . 38.91 1.12 -12.25
H161 CPL DA . 37.69 0.16 -10.55
H162 CPL DA . 37.37 -1.14 -11.41
H171 CPL DA . 35.76 -0.04 -12.65
H172 CPL DA . 36.24 1.37 -12.12
H181 CPL DA . 34.93 1.24 -10.33
H182 CPL DA . 35.29 -0.29 -10.08
H191 CPL DA . 33.74 -1.00 -11.65
H192 CPL DA . 33.56 0.45 -12.22
H201 CPL DA . 32.69 0.50 -9.64
H202 CPL DA . 31.97 -0.70 -10.38
H211 CPL DA . 31.66 2.06 -10.90
H212 CPL DA . 31.64 1.14 -12.18
H221 CPL DA . 29.87 0.55 -10.05
H222 CPL DA . 29.69 0.13 -11.56
H231 CPL DA . 28.80 2.46 -10.35
H232 CPL DA . 29.56 2.76 -11.71
H241 CPL DA . 27.94 1.87 -12.95
H242 CPL DA . 27.57 0.79 -11.86
H251 CPL DA . 26.71 3.49 -11.90
H252 CPL DA . 26.61 2.65 -10.57
H261 CPL DA . 25.15 1.12 -11.67
H262 CPL DA . 25.20 2.04 -12.96
H263 CPL DA . 24.52 2.58 -11.64
H321 CPL DA . 39.77 4.25 -19.28
H322 CPL DA . 40.42 5.02 -18.05
H331 CPL DA . 38.02 3.47 -17.92
H332 CPL DA . 38.08 5.04 -17.73
H341 CPL DA . 39.49 4.63 -15.76
H342 CPL DA . 39.12 3.10 -15.90
H351 CPL DA . 36.75 3.78 -15.72
H352 CPL DA . 37.27 5.20 -15.27
H361 CPL DA . 38.45 4.05 -13.45
H362 CPL DA . 37.62 2.75 -13.83
H371 CPL DA . 36.48 5.18 -12.84
H372 CPL DA . 36.50 3.81 -12.04
C11 CPL EA . 39.57 19.26 -30.65
C12 CPL EA . 38.09 19.51 -30.55
C13 CPL EA . 37.74 20.00 -29.14
C14 CPL EA . 36.24 20.22 -29.00
C15 CPL EA . 35.85 20.40 -27.54
C16 CPL EA . 34.34 20.51 -27.38
C17 CPL EA . 33.93 21.95 -27.07
C18 CPL EA . 33.62 22.12 -25.59
C19 CPL EA . 32.51 21.16 -25.15
C20 CPL EA . 31.18 21.88 -25.00
C21 CPL EA . 30.63 21.73 -23.58
C22 CPL EA . 29.23 21.14 -23.61
C23 CPL EA . 28.43 21.61 -22.40
C24 CPL EA . 27.34 20.61 -22.04
C25 CPL EA . 26.05 21.32 -21.63
C26 CPL EA . 25.18 20.42 -20.78
H121 CPL EA . 37.60 18.68 -30.74
H122 CPL EA . 37.82 20.16 -31.21
H131 CPL EA . 38.21 20.83 -28.97
H132 CPL EA . 38.04 19.36 -28.49
H141 CPL EA . 35.76 19.48 -29.38
H142 CPL EA . 35.97 21.01 -29.50
H151 CPL EA . 36.28 21.18 -27.17
H152 CPL EA . 36.18 19.64 -27.03
H161 CPL EA . 34.04 19.93 -26.66
H162 CPL EA . 33.90 20.21 -28.19
H171 CPL EA . 33.16 22.19 -27.60
H172 CPL EA . 34.65 22.54 -27.32
H181 CPL EA . 33.34 23.03 -25.42
H182 CPL EA . 34.42 21.96 -25.07
H191 CPL EA . 32.76 20.75 -24.31
H192 CPL EA . 32.44 20.44 -25.79
H201 CPL EA . 30.55 21.52 -25.64
H202 CPL EA . 31.30 22.82 -25.21
H211 CPL EA . 30.62 22.59 -23.15
H212 CPL EA . 31.23 21.16 -23.06
H221 CPL EA . 29.29 20.17 -23.60
H222 CPL EA . 28.77 21.40 -24.42
H231 CPL EA . 28.04 22.47 -22.58
H232 CPL EA . 29.03 21.73 -21.64
H241 CPL EA . 27.63 20.04 -21.31
H242 CPL EA . 27.17 20.03 -22.79
H251 CPL EA . 25.56 21.59 -22.42
H252 CPL EA . 26.26 22.13 -21.14
H261 CPL EA . 24.37 20.89 -20.54
H262 CPL EA . 25.66 20.17 -19.97
H263 CPL EA . 24.96 19.62 -21.28
C1 CLR FA . 2.67 -30.76 -36.63
C2 CLR FA . 3.03 -32.12 -37.19
C3 CLR FA . 3.26 -33.18 -36.14
C4 CLR FA . 2.10 -33.21 -35.21
C5 CLR FA . 2.01 -31.87 -34.54
C6 CLR FA . 2.11 -31.81 -33.22
C7 CLR FA . 1.94 -30.54 -32.44
C8 CLR FA . 1.34 -29.46 -33.31
C9 CLR FA . 2.09 -29.41 -34.62
C10 CLR FA . 1.78 -30.69 -35.40
C11 CLR FA . 1.82 -28.11 -35.37
C12 CLR FA . 2.01 -26.85 -34.52
C13 CLR FA . 1.04 -26.92 -33.35
C14 CLR FA . 1.46 -28.15 -32.57
C15 CLR FA . 0.64 -28.02 -31.32
C16 CLR FA . 0.96 -26.59 -30.96
C17 CLR FA . 1.08 -25.81 -32.29
C18 CLR FA . -0.38 -27.20 -33.87
C19 CLR FA . 0.30 -30.82 -35.69
C20 CLR FA . 0.08 -24.65 -32.45
C21 CLR FA . 0.76 -23.45 -33.03
C22 CLR FA . -0.68 -24.26 -31.21
C23 CLR FA . 0.17 -23.78 -30.05
C24 CLR FA . -0.78 -23.18 -29.03
C25 CLR FA . -0.07 -22.29 -28.03
C26 CLR FA . -0.37 -20.84 -28.28
C27 CLR FA . -0.49 -22.59 -26.61
O1 CLR FA . 3.45 -34.48 -36.68
H11 CLR FA . 2.21 -30.18 -37.43
H12 CLR FA . 3.62 -30.26 -36.39
H21 CLR FA . 3.92 -32.04 -37.80
H22 CLR FA . 2.22 -32.46 -37.84
H3 CLR FA . 4.16 -32.90 -35.55
H41 CLR FA . 2.23 -33.99 -34.46
H42 CLR FA . 1.18 -33.40 -35.76
H6 CLR FA . 2.29 -32.72 -32.68
H71 CLR FA . 2.91 -30.21 -32.07
H72 CLR FA . 1.30 -30.72 -31.59
H8 CLR FA . 0.27 -29.68 -33.49
H9 CLR FA . 3.15 -29.44 -34.38
H111 CLR FA . 0.81 -28.13 -35.77
H112 CLR FA . 2.52 -28.06 -36.22
H121 CLR FA . 1.80 -25.96 -35.11
H122 CLR FA . 3.03 -26.80 -34.15
H14 CLR FA . 2.52 -28.02 -32.29
H151 CLR FA . 0.96 -28.71 -30.55
H152 CLR FA . -0.42 -28.14 -31.53
H161 CLR FA . 1.93 -26.56 -30.45
H162 CLR FA . 0.22 -26.26 -30.23
H17 CLR FA . 2.09 -25.36 -32.32
H181 CLR FA . -0.40 -28.12 -34.38
H182 CLR FA . -0.66 -26.43 -34.52
H183 CLR FA . -1.05 -27.25 -33.05
H191 CLR FA . 0.15 -31.60 -36.38
H192 CLR FA . -0.08 -29.91 -36.06
H193 CLR FA . -0.19 -31.07 -34.78
H20 CLR FA . -0.70 -24.91 -33.19
H211 CLR FA . 0.05 -22.67 -33.14
H212 CLR FA . 1.16 -23.70 -33.98
H213 CLR FA . 1.54 -23.15 -32.38
H221 CLR FA . -1.27 -25.12 -30.88
H222 CLR FA . -1.39 -23.46 -31.47
H231 CLR FA . 0.88 -23.02 -30.38
H232 CLR FA . 0.72 -24.60 -29.58
H241 CLR FA . -1.29 -23.99 -28.50
H242 CLR FA . -1.55 -22.60 -29.55
H25 CLR FA . 1.01 -22.45 -28.13
H261 CLR FA . 0.14 -20.26 -27.57
H262 CLR FA . -1.41 -20.67 -28.19
H263 CLR FA . -0.04 -20.58 -29.26
H271 CLR FA . 0.02 -21.96 -25.94
H272 CLR FA . -0.26 -23.61 -26.38
H273 CLR FA . -1.54 -22.44 -26.50
H1 CLR FA . 3.61 -35.11 -35.97
C1 CLR GA . -3.38 -32.22 -34.17
C2 CLR GA . -3.14 -33.15 -35.35
C3 CLR GA . -4.47 -33.54 -35.96
C4 CLR GA . -5.04 -32.29 -36.60
C5 CLR GA . -5.22 -31.24 -35.55
C6 CLR GA . -6.22 -30.46 -35.70
C7 CLR GA . -6.77 -29.73 -34.54
C8 CLR GA . -5.60 -29.14 -33.79
C9 CLR GA . -4.70 -30.27 -33.33
C10 CLR GA . -4.15 -30.96 -34.55
C11 CLR GA . -3.61 -29.74 -32.42
C12 CLR GA . -4.21 -29.03 -31.20
C13 CLR GA . -5.04 -27.85 -31.69
C14 CLR GA . -6.15 -28.40 -32.59
C15 CLR GA . -6.86 -27.12 -32.92
C16 CLR GA . -7.10 -26.55 -31.53
C17 CLR GA . -5.92 -27.09 -30.72
C18 CLR GA . -4.14 -26.93 -32.46
C19 CLR GA . -3.16 -30.01 -35.16
C20 CLR GA . -5.30 -25.86 -30.09
C21 CLR GA . -4.07 -26.21 -29.26
C22 CLR GA . -6.32 -25.37 -29.11
C23 CLR GA . -6.82 -24.07 -29.67
C24 CLR GA . -6.59 -23.02 -28.62
C25 CLR GA . -7.32 -23.41 -27.37
C26 CLR GA . -6.93 -22.37 -26.32
C27 CLR GA . -8.83 -23.42 -27.55
O1 CLR GA . -4.30 -34.53 -36.96
H11 CLR GA . -2.53 -31.96 -33.79
H12 CLR GA . -3.88 -32.71 -33.49
H21 CLR GA . -2.68 -33.95 -35.04
H22 CLR GA . -2.60 -32.69 -36.01
H3 CLR GA . -5.07 -33.86 -35.27
H41 CLR GA . -5.90 -32.50 -37.00
H42 CLR GA . -4.43 -31.97 -37.29
H6 CLR GA . -6.76 -30.56 -36.45
H71 CLR GA . -7.25 -30.35 -33.96
H72 CLR GA . -7.37 -29.03 -34.84
H8 CLR GA . -5.12 -28.53 -34.37
H9 CLR GA . -5.24 -30.90 -32.83
H111 CLR GA . -3.06 -29.11 -32.90
H112 CLR GA . -3.07 -30.48 -32.12
H121 CLR GA . -3.49 -28.71 -30.64
H122 CLR GA . -4.77 -29.65 -30.70
H14 CLR GA . -6.73 -29.00 -32.08
H151 CLR GA . -7.71 -27.31 -33.37
H152 CLR GA . -6.32 -26.53 -33.46
H161 CLR GA . -7.94 -26.88 -31.16
H162 CLR GA . -7.09 -25.58 -31.55
H17 CLR GA . -6.25 -27.68 -30.04
H181 CLR GA . -3.86 -27.36 -33.28
H182 CLR GA . -3.36 -26.72 -31.93
H183 CLR GA . -4.62 -26.11 -32.66
H191 CLR GA . -2.98 -30.27 -36.07
H192 CLR GA . -2.34 -30.01 -34.64
H193 CLR GA . -3.53 -29.11 -35.16
H20 CLR GA . -5.09 -25.18 -30.76
H211 CLR GA . -4.10 -27.15 -29.03
H212 CLR GA . -3.27 -26.03 -29.78
H213 CLR GA . -4.07 -25.68 -28.45
H221 CLR GA . -7.05 -26.00 -29.05
H222 CLR GA . -5.91 -25.22 -28.25
H231 CLR GA . -7.77 -24.13 -29.86
H232 CLR GA . -6.34 -23.84 -30.47
H241 CLR GA . -6.92 -22.16 -28.94
H242 CLR GA . -5.64 -22.95 -28.44
H25 CLR GA . -7.02 -24.28 -27.06
H261 CLR GA . -6.06 -22.01 -26.53
H262 CLR GA . -7.59 -21.65 -26.33
H263 CLR GA . -6.92 -22.78 -25.44
H271 CLR GA . -9.13 -24.33 -27.66
H272 CLR GA . -9.25 -23.02 -26.77
H273 CLR GA . -9.06 -22.91 -28.34
H1 CLR GA . -5.05 -34.88 -37.16
C11 CPL HA . 2.76 -8.18 -21.50
C12 CPL HA . 1.54 -8.75 -20.73
C13 CPL HA . 0.24 -8.25 -21.39
C14 CPL HA . -1.00 -8.98 -20.76
C15 CPL HA . -2.29 -8.61 -21.60
C16 CPL HA . -3.50 -8.42 -20.62
C17 CPL HA . -4.61 -7.56 -21.33
C18 CPL HA . -5.37 -6.73 -20.25
C19 CPL HA . -6.92 -6.73 -20.52
C20 CPL HA . -7.36 -5.39 -21.20
C21 CPL HA . -8.77 -4.96 -20.68
C22 CPL HA . -9.81 -5.05 -21.83
C23 CPL HA . -11.08 -4.23 -21.46
C24 CPL HA . -11.69 -4.76 -20.14
C25 CPL HA . -13.20 -5.03 -20.29
C26 CPL HA . -14.00 -3.72 -20.11
H121 CPL HA . 1.58 -8.47 -19.80
H122 CPL HA . 1.57 -9.72 -20.73
H131 CPL HA . 0.28 -8.40 -22.33
H132 CPL HA . 0.15 -7.29 -21.25
H141 CPL HA . -1.11 -8.73 -19.84
H142 CPL HA . -0.86 -9.94 -20.79
H151 CPL HA . -2.48 -9.30 -22.24
H152 CPL HA . -2.13 -7.79 -22.10
H161 CPL HA . -3.20 -7.97 -19.81
H162 CPL HA . -3.85 -9.28 -20.36
H171 CPL HA . -5.23 -8.15 -21.80
H172 CPL HA . -4.22 -6.98 -21.99
H181 CPL HA . -5.05 -5.81 -20.26
H182 CPL HA . -5.19 -7.08 -19.37
H191 CPL HA . -7.39 -6.85 -19.69
H192 CPL HA . -7.15 -7.48 -21.08
H201 CPL HA . -7.38 -5.50 -22.16
H202 CPL HA . -6.72 -4.69 -21.00
H211 CPL HA . -8.74 -4.05 -20.34
H212 CPL HA . -9.04 -5.54 -19.95
H221 CPL HA . -10.05 -5.98 -22.00
H222 CPL HA . -9.43 -4.70 -22.65
H231 CPL HA . -11.73 -4.29 -22.18
H232 CPL HA . -10.86 -3.29 -21.37
H241 CPL HA . -11.55 -4.13 -19.43
H242 CPL HA . -11.24 -5.58 -19.88
H251 CPL HA . -13.49 -5.69 -19.65
H252 CPL HA . -13.39 -5.40 -21.17
H261 CPL HA . -14.94 -3.89 -20.20
H262 CPL HA . -13.71 -3.07 -20.77
H263 CPL HA . -13.82 -3.37 -19.22
C17 CPL IA . 4.57 -9.17 -45.06
C18 CPL IA . 5.91 -9.48 -44.40
C19 CPL IA . 5.78 -10.61 -43.40
C20 CPL IA . 6.73 -10.40 -42.23
C21 CPL IA . 5.96 -10.15 -40.93
C22 CPL IA . 6.21 -8.74 -40.41
C23 CPL IA . 6.10 -8.70 -38.89
C24 CPL IA . 6.27 -7.28 -38.37
C25 CPL IA . 5.11 -6.90 -37.46
C26 CPL IA . 5.60 -6.67 -36.04
H181 CPL IA . 6.25 -8.68 -43.96
H182 CPL IA . 6.56 -9.71 -45.09
H191 CPL IA . 5.97 -11.45 -43.83
H192 CPL IA . 4.86 -10.65 -43.07
H201 CPL IA . 7.31 -9.65 -42.41
H202 CPL IA . 7.29 -11.19 -42.12
H211 CPL IA . 6.22 -10.80 -40.26
H212 CPL IA . 5.01 -10.28 -41.08
H221 CPL IA . 5.56 -8.13 -40.79
H222 CPL IA . 7.09 -8.44 -40.68
H231 CPL IA . 6.78 -9.27 -38.50
H232 CPL IA . 5.24 -9.05 -38.61
H241 CPL IA . 6.31 -6.66 -39.12
H242 CPL IA . 7.11 -7.20 -37.89
H251 CPL IA . 4.45 -7.60 -37.47
H252 CPL IA . 4.68 -6.09 -37.78
H261 CPL IA . 4.84 -6.43 -35.47
H262 CPL IA . 6.24 -5.95 -36.03
H263 CPL IA . 6.00 -7.48 -35.70
C13 CPL JA . 13.75 -9.75 -49.54
C14 CPL JA . 13.10 -9.29 -48.23
C15 CPL JA . 13.26 -7.78 -48.05
C16 CPL JA . 12.67 -7.32 -46.73
C17 CPL JA . 11.73 -8.37 -46.14
C18 CPL JA . 10.84 -7.77 -45.06
C19 CPL JA . 11.68 -7.26 -43.89
C20 CPL JA . 10.90 -7.36 -42.59
C21 CPL JA . 11.26 -6.20 -41.65
C22 CPL JA . 11.43 -6.69 -40.22
C23 CPL JA . 10.18 -6.38 -39.40
C24 CPL JA . 10.31 -5.05 -38.69
C25 CPL JA . 10.16 -5.21 -37.18
C26 CPL JA . 10.19 -3.86 -36.49
H141 CPL JA . 13.50 -9.76 -47.49
H142 CPL JA . 12.16 -9.51 -48.25
H151 CPL JA . 12.83 -7.31 -48.78
H152 CPL JA . 14.21 -7.56 -48.08
H161 CPL JA . 12.18 -6.49 -46.86
H162 CPL JA . 13.38 -7.14 -46.10
H171 CPL JA . 12.24 -9.10 -45.78
H172 CPL JA . 11.18 -8.74 -46.85
H181 CPL JA . 10.22 -8.44 -44.75
H182 CPL JA . 10.32 -7.04 -45.43
H191 CPL JA . 11.93 -6.34 -44.05
H192 CPL JA . 12.49 -7.78 -43.83
H201 CPL JA . 11.09 -8.20 -42.15
H202 CPL JA . 9.94 -7.34 -42.76
H211 CPL JA . 10.56 -5.52 -41.69
H212 CPL JA . 12.08 -5.78 -41.96
H221 CPL JA . 12.20 -6.26 -39.81
H222 CPL JA . 11.60 -7.64 -40.22
H231 CPL JA . 10.05 -7.09 -38.74
H232 CPL JA . 9.41 -6.38 -39.97
H241 CPL JA . 9.64 -4.43 -39.02
H242 CPL JA . 11.17 -4.65 -38.88
H251 CPL JA . 10.88 -5.76 -36.84
H252 CPL JA . 9.33 -5.66 -36.98
H261 CPL JA . 10.09 -3.99 -35.53
H262 CPL JA . 9.46 -3.31 -36.81
H263 CPL JA . 11.03 -3.42 -36.66
C1 CPL KA . 1.34 -14.16 -42.17
C2 CPL KA . 1.04 -12.97 -41.30
C3 CPL KA . 2.43 -12.45 -40.91
C4 CPL KA . 1.03 -15.46 -46.28
C5 CPL KA . 0.20 -16.74 -46.33
C11 CPL KA . 2.29 -11.44 -38.79
C12 CPL KA . 1.39 -10.48 -37.97
C13 CPL KA . 2.37 -9.57 -37.22
C14 CPL KA . 1.59 -8.78 -36.13
C15 CPL KA . 2.51 -8.63 -34.87
C16 CPL KA . 1.84 -7.61 -33.92
C17 CPL KA . 0.32 -7.93 -33.94
C31 CPL KA . -0.66 -11.25 -41.44
C32 CPL KA . -1.20 -9.94 -42.12
C33 CPL KA . -1.82 -8.90 -41.12
C34 CPL KA . -1.27 -9.06 -39.68
C35 CPL KA . -2.15 -8.26 -38.64
C36 CPL KA . -2.19 -9.01 -37.26
C37 CPL KA . -2.59 -8.03 -36.12
C38 CPL KA . -3.97 -8.40 -35.52
O2 CPL KA . 0.30 -12.06 -42.07
O3 CPL KA . 2.38 -11.28 -40.17
O11 CPL KA . 2.94 -12.28 -38.27
O31 CPL KA . -1.07 -11.63 -40.44
O1P CPL KA . 3.81 -15.35 -43.79
O2P CPL KA . 3.40 -13.67 -45.35
O3P CPL KA . 2.08 -13.62 -43.23
O4P CPL KA . 1.63 -15.54 -45.01
P CPL KA . 2.76 -14.54 -44.36
HC11 CPL KA . 0.52 -14.56 -42.48
HC12 CPL KA . 1.88 -14.80 -41.68
HC2 CPL KA . 0.55 -13.23 -40.51
HC31 CPL KA . 2.91 -12.27 -41.72
HC32 CPL KA . 2.90 -13.13 -40.40
HC41 CPL KA . 0.46 -14.68 -46.35
HC42 CPL KA . 1.70 -15.45 -46.98
H121 CPL KA . 0.85 -10.98 -37.33
H122 CPL KA . 0.83 -9.96 -38.56
H131 CPL KA . 2.77 -8.94 -37.84
H132 CPL KA . 3.05 -10.11 -36.79
H141 CPL KA . 0.78 -9.28 -35.91
H142 CPL KA . 1.34 -7.90 -36.47
H151 CPL KA . 3.38 -8.31 -35.14
H152 CPL KA . 2.59 -9.49 -34.42
H161 CPL KA . 1.99 -6.70 -34.24
H162 CPL KA . 2.20 -7.71 -33.03
H321 CPL KA . -1.88 -10.18 -42.76
H322 CPL KA . -0.46 -9.51 -42.59
H331 CPL KA . -2.78 -9.02 -41.11
H332 CPL KA . -1.62 -8.01 -41.44
H341 CPL KA . -0.35 -8.72 -39.64
H342 CPL KA . -1.26 -9.99 -39.43
H351 CPL KA . -3.05 -8.17 -38.98
H352 CPL KA . -1.77 -7.38 -38.50
H361 CPL KA . -1.31 -9.39 -37.07
H362 CPL KA . -2.84 -9.73 -37.31
H371 CPL KA . -2.63 -7.12 -36.47
H372 CPL KA . -1.91 -8.07 -35.42
C1 CPL LA . 16.79 -2.22 -44.44
C2 CPL LA . 16.47 -1.39 -43.19
C3 CPL LA . 17.32 -0.11 -43.13
C4 CPL LA . 20.02 -5.48 -45.13
C5 CPL LA . 21.15 -5.10 -44.13
C11 CPL LA . 16.75 1.36 -41.32
C12 CPL LA . 16.48 1.58 -39.83
C13 CPL LA . 17.80 1.94 -39.14
C14 CPL LA . 17.52 2.41 -37.68
C15 CPL LA . 16.08 2.06 -37.16
C16 CPL LA . 15.98 2.53 -35.66
C17 CPL LA . 14.83 1.76 -34.94
C18 CPL LA . 14.46 2.42 -33.58
C19 CPL LA . 14.26 1.26 -32.55
C20 CPL LA . 13.56 1.69 -31.23
C21 CPL LA . 12.21 0.88 -31.11
C22 CPL LA . 11.87 0.54 -29.63
C23 CPL LA . 10.34 0.22 -29.45
C24 CPL LA . 10.12 -1.03 -28.56
C25 CPL LA . 8.84 -0.85 -27.73
C26 CPL LA . 8.76 -1.86 -26.55
C31 CPL LA . 14.44 -1.75 -42.07
C32 CPL LA . 12.93 -2.14 -42.13
C33 CPL LA . 12.40 -1.94 -40.69
C34 CPL LA . 12.71 -0.49 -40.23
C35 CPL LA . 11.93 -0.20 -38.90
C36 CPL LA . 12.49 1.10 -38.25
C37 CPL LA . 11.55 1.60 -37.09
C38 CPL LA . 11.32 0.45 -36.05
O2 CPL LA . 15.10 -1.10 -43.17
O3 CPL LA . 17.57 0.29 -41.79
O11 CPL LA . 16.24 2.08 -42.10
O31 CPL LA . 15.02 -2.01 -41.10
O1P CPL LA . 16.69 -5.67 -45.42
O2P CPL LA . 17.67 -5.77 -43.38
O3P CPL LA . 16.56 -3.55 -44.07
O4P CPL LA . 18.99 -4.49 -45.16
P CPL LA . 17.50 -4.85 -44.50
HC11 CPL LA . 17.72 -2.09 -44.69
HC12 CPL LA . 16.20 -1.96 -45.16
HC2 CPL LA . 16.68 -1.92 -42.41
HC31 CPL LA . 16.84 0.61 -43.59
HC32 CPL LA . 18.16 -0.26 -43.58
HC41 CPL LA . 19.64 -6.33 -44.86
HC42 CPL LA . 20.40 -5.58 -46.02
H121 CPL LA . 16.13 0.77 -39.45
H122 CPL LA . 15.85 2.30 -39.72
H131 CPL LA . 18.23 2.66 -39.63
H132 CPL LA . 18.38 1.17 -39.13
H141 CPL LA . 17.64 3.37 -37.64
H142 CPL LA . 18.17 2.00 -37.10
H151 CPL LA . 15.93 1.11 -37.21
H152 CPL LA . 15.41 2.52 -37.70
H161 CPL LA . 15.79 3.49 -35.64
H162 CPL LA . 16.82 2.36 -35.21
H171 CPL LA . 15.11 0.86 -34.79
H172 CPL LA . 14.05 1.76 -35.52
H181 CPL LA . 13.64 2.92 -33.67
H182 CPL LA . 15.17 3.00 -33.29
H191 CPL LA . 15.14 0.89 -32.33
H192 CPL LA . 13.73 0.57 -32.97
H201 CPL LA . 13.36 2.64 -31.25
H202 CPL LA . 14.13 1.50 -30.47
H211 CPL LA . 11.49 1.40 -31.48
H212 CPL LA . 12.30 0.05 -31.61
H221 CPL LA . 12.11 1.28 -29.07
H222 CPL LA . 12.38 -0.24 -29.36
H231 CPL LA . 9.92 0.98 -29.04
H232 CPL LA . 9.94 0.06 -30.32
H241 CPL LA . 10.04 -1.82 -29.12
H242 CPL LA . 10.88 -1.13 -27.96
H251 CPL LA . 8.07 -0.99 -28.30
H252 CPL LA . 8.81 0.05 -27.37
H261 CPL LA . 9.55 -1.76 -25.99
H262 CPL LA . 8.72 -2.75 -26.90
H263 CPL LA . 7.96 -1.67 -26.03
H321 CPL LA . 12.84 -3.07 -42.39
H322 CPL LA . 12.45 -1.57 -42.74
H331 CPL LA . 12.83 -2.58 -40.09
H332 CPL LA . 11.44 -2.10 -40.67
H341 CPL LA . 12.43 0.14 -40.93
H342 CPL LA . 13.66 -0.39 -40.08
H351 CPL LA . 12.04 -0.95 -38.29
H352 CPL LA . 10.98 -0.08 -39.09
H361 CPL LA . 12.56 1.79 -38.91
H362 CPL LA . 13.37 0.92 -37.88
H371 CPL LA . 10.70 1.87 -37.47
H372 CPL LA . 11.96 2.36 -36.65
C11 CPL MA . -0.98 -10.89 -52.51
C12 CPL MA . -1.83 -11.28 -51.32
C13 CPL MA . -2.41 -10.02 -50.67
C14 CPL MA . -3.25 -10.37 -49.45
C15 CPL MA . -3.55 -9.12 -48.62
C16 CPL MA . -4.29 -9.49 -47.34
C17 CPL MA . -5.76 -9.09 -47.44
C18 CPL MA . -6.03 -7.80 -46.66
C19 CPL MA . -5.63 -7.95 -45.20
C20 CPL MA . -6.84 -8.15 -44.30
C21 CPL MA . -6.92 -7.07 -43.23
C22 CPL MA . -6.98 -7.69 -41.84
C23 CPL MA . -7.73 -6.77 -40.88
C24 CPL MA . -7.30 -7.00 -39.44
C25 CPL MA . -8.47 -6.95 -38.48
C26 CPL MA . -8.02 -6.64 -37.08
H121 CPL MA . -1.30 -11.77 -50.67
H122 CPL MA . -2.55 -11.86 -51.61
H131 CPL MA . -2.95 -9.54 -51.32
H132 CPL MA . -1.69 -9.42 -50.42
H141 CPL MA . -2.77 -11.02 -48.91
H142 CPL MA . -4.09 -10.78 -49.73
H151 CPL MA . -4.07 -8.50 -49.15
H152 CPL MA . -2.72 -8.68 -48.40
H161 CPL MA . -3.88 -9.04 -46.58
H162 CPL MA . -4.22 -10.44 -47.18
H171 CPL MA . -6.32 -9.80 -47.09
H172 CPL MA . -6.01 -8.97 -48.37
H181 CPL MA . -6.96 -7.58 -46.72
H182 CPL MA . -5.53 -7.07 -47.06
H191 CPL MA . -5.14 -7.17 -44.91
H192 CPL MA . -5.01 -8.71 -45.10
H201 CPL MA . -6.80 -9.03 -43.88
H202 CPL MA . -7.65 -8.14 -44.85
H211 CPL MA . -7.70 -6.52 -43.39
H212 CPL MA . -6.15 -6.49 -43.30
H221 CPL MA . -6.09 -7.84 -41.51
H222 CPL MA . -7.42 -8.55 -41.88
H231 CPL MA . -8.69 -6.92 -40.96
H232 CPL MA . -7.58 -5.84 -41.13
H241 CPL MA . -6.65 -6.33 -39.19
H242 CPL MA . -6.85 -7.86 -39.37
H251 CPL MA . -8.94 -7.81 -38.49
H252 CPL MA . -9.12 -6.29 -38.78
H261 CPL MA . -8.79 -6.61 -36.49
H262 CPL MA . -7.58 -5.77 -37.07
H263 CPL MA . -7.40 -7.31 -36.77
#